data_5UXE
#
_entry.id   5UXE
#
_cell.length_a   127.937
_cell.length_b   119.101
_cell.length_c   96.971
_cell.angle_alpha   90.00
_cell.angle_beta   102.86
_cell.angle_gamma   90.00
#
_symmetry.space_group_name_H-M   'C 1 2 1'
#
loop_
_entity.id
_entity.type
_entity.pdbx_description
1 polymer "Inosine-5'-monophosphate dehydrogenase"
2 non-polymer 'INOSINIC ACID'
3 non-polymer "N-[4-chloro-3-(alpha-D-ribofuranosyloxy)phenyl]-N'-{2-[3-(prop-1-en-2-yl)phenyl]propan-2-yl}urea"
4 non-polymer 'POTASSIUM ION'
5 non-polymer (4S)-2-METHYL-2,4-PENTANEDIOL
6 non-polymer 'FORMIC ACID'
7 non-polymer 'SULFATE ION'
8 water water
#
_entity_poly.entity_id   1
_entity_poly.type   'polypeptide(L)'
_entity_poly.pdbx_seq_one_letter_code
;SNAMARILKTAYTFDDVLLVPNKSEVLPNEVSLKTQLTKKIQLNIPLMSASMDTVTESKMAIAMAREGGIGIIHKNMTIE
DQAREVDRVKRSGGLLCGASIGVTNDMMERVDAVVKAKVDVIVLDTAHGHSKGVIEGVKRIKAKYPELQVIAGNIATPEA
VRDLAEAGADCVKVGIGPGSICTTRIVAGVGVPQLTAVMDCAEEGKKLGIPVIADGGLKYSGDIVKALAAGACAAMMGSI
FAGCEEAPGAIEIYQGRSYKVYRGMGSLGAMAKGSSDRYFQNGTKKFVPEGVEGRIAYKGHLADTIYQLIGGIKSGMGYL
GAPTLENLYENANFVVQTSAGFRESHPHDINITKEAPNYSVNQ
;
_entity_poly.pdbx_strand_id   A,B,C,D
#
loop_
_chem_comp.id
_chem_comp.type
_chem_comp.name
_chem_comp.formula
8LA non-polymer N-[4-chloro-3-(alpha-D-ribofuranosyloxy)phenyl]-N'-{2-[3-(prop-1-en-2-yl)phenyl]propan-2-yl}urea 'C24 H29 Cl N2 O6'
FMT non-polymer 'FORMIC ACID' 'C H2 O2'
IMP non-polymer 'INOSINIC ACID' 'C10 H13 N4 O8 P'
K non-polymer 'POTASSIUM ION' 'K 1'
MPD non-polymer (4S)-2-METHYL-2,4-PENTANEDIOL 'C6 H14 O2'
SO4 non-polymer 'SULFATE ION' 'O4 S -2'
#
# COMPACT_ATOMS: atom_id res chain seq x y z
N ALA A 5 7.77 -10.82 23.75
CA ALA A 5 7.11 -10.10 22.66
C ALA A 5 7.04 -10.96 21.40
N ARG A 6 5.86 -11.01 20.77
CA ARG A 6 5.63 -11.83 19.60
C ARG A 6 4.50 -11.22 18.77
N ILE A 7 4.63 -11.34 17.45
CA ILE A 7 3.61 -10.94 16.50
C ILE A 7 2.65 -12.10 16.30
N LEU A 8 1.36 -11.89 16.59
CA LEU A 8 0.42 -13.00 16.55
C LEU A 8 -0.06 -13.28 15.13
N LYS A 9 -0.41 -12.24 14.37
CA LYS A 9 -1.02 -12.43 13.05
C LYS A 9 -1.22 -11.07 12.41
N THR A 10 -1.56 -11.08 11.12
CA THR A 10 -2.11 -9.89 10.48
C THR A 10 -3.56 -9.71 10.91
N ALA A 11 -3.92 -8.47 11.23
CA ALA A 11 -5.28 -8.14 11.64
C ALA A 11 -5.86 -7.14 10.65
N TYR A 12 -7.17 -7.28 10.40
CA TYR A 12 -7.81 -6.62 9.27
C TYR A 12 -8.87 -5.65 9.73
N THR A 13 -9.10 -4.63 8.92
CA THR A 13 -10.15 -3.66 9.10
C THR A 13 -11.17 -3.85 7.96
N PHE A 14 -12.21 -3.02 7.94
CA PHE A 14 -13.30 -3.25 7.01
C PHE A 14 -12.83 -3.11 5.56
N ASP A 15 -11.98 -2.11 5.28
CA ASP A 15 -11.45 -1.86 3.94
C ASP A 15 -10.55 -2.98 3.44
N ASP A 16 -10.08 -3.88 4.30
CA ASP A 16 -9.22 -4.97 3.88
C ASP A 16 -9.99 -6.16 3.28
N VAL A 17 -11.32 -6.25 3.48
CA VAL A 17 -12.06 -7.45 3.13
C VAL A 17 -13.28 -7.13 2.30
N LEU A 18 -13.79 -8.16 1.61
CA LEU A 18 -15.03 -8.10 0.88
C LEU A 18 -15.74 -9.41 1.14
N LEU A 19 -17.08 -9.38 1.13
CA LEU A 19 -17.87 -10.58 1.34
C LEU A 19 -18.16 -11.25 -0.01
N VAL A 20 -18.04 -12.56 -0.05
CA VAL A 20 -18.28 -13.33 -1.28
C VAL A 20 -19.79 -13.53 -1.45
N PRO A 21 -20.35 -13.19 -2.61
CA PRO A 21 -21.78 -13.47 -2.83
C PRO A 21 -22.10 -14.95 -2.64
N ASN A 22 -23.29 -15.23 -2.10
CA ASN A 22 -23.86 -16.57 -1.95
C ASN A 22 -25.04 -16.77 -2.90
N LYS A 23 -25.45 -18.02 -3.08
CA LYS A 23 -26.72 -18.27 -3.74
C LYS A 23 -27.86 -17.66 -2.91
N SER A 24 -28.78 -16.96 -3.59
CA SER A 24 -29.82 -16.22 -2.89
C SER A 24 -31.19 -16.50 -3.48
N GLU A 25 -32.19 -16.65 -2.60
CA GLU A 25 -33.58 -16.73 -3.00
C GLU A 25 -34.39 -15.56 -2.47
N VAL A 26 -33.75 -14.48 -2.03
CA VAL A 26 -34.42 -13.43 -1.27
C VAL A 26 -34.10 -12.08 -1.91
N LEU A 27 -35.14 -11.27 -2.10
CA LEU A 27 -34.95 -9.92 -2.55
C LEU A 27 -34.61 -9.00 -1.37
N PRO A 28 -33.81 -7.97 -1.60
CA PRO A 28 -33.48 -7.04 -0.51
C PRO A 28 -34.69 -6.53 0.27
N ASN A 29 -35.79 -6.14 -0.40
CA ASN A 29 -36.94 -5.58 0.30
C ASN A 29 -37.61 -6.58 1.23
N GLU A 30 -37.43 -7.88 1.00
CA GLU A 30 -38.00 -8.94 1.81
C GLU A 30 -37.12 -9.32 3.01
N VAL A 31 -36.04 -8.61 3.22
CA VAL A 31 -35.07 -8.99 4.25
C VAL A 31 -35.54 -8.47 5.61
N SER A 32 -35.20 -9.22 6.67
CA SER A 32 -35.53 -8.82 8.04
C SER A 32 -34.26 -8.39 8.77
N LEU A 33 -34.33 -7.24 9.43
CA LEU A 33 -33.17 -6.63 10.08
C LEU A 33 -33.23 -6.67 11.61
N LYS A 34 -34.15 -7.43 12.19
CA LYS A 34 -34.27 -7.48 13.65
C LYS A 34 -33.09 -8.23 14.26
N THR A 35 -32.73 -7.83 15.48
CA THR A 35 -31.55 -8.38 16.14
C THR A 35 -31.77 -8.32 17.65
N GLN A 36 -31.06 -9.16 18.38
CA GLN A 36 -31.05 -9.11 19.84
C GLN A 36 -29.82 -8.33 20.30
N LEU A 37 -30.06 -7.16 20.88
CA LEU A 37 -28.96 -6.42 21.50
C LEU A 37 -28.46 -7.14 22.73
N THR A 38 -29.38 -7.62 23.58
CA THR A 38 -29.11 -8.58 24.65
C THR A 38 -30.21 -9.64 24.62
N LYS A 39 -30.12 -10.60 25.54
CA LYS A 39 -31.13 -11.66 25.58
C LYS A 39 -32.53 -11.09 25.74
N LYS A 40 -32.66 -9.88 26.30
CA LYS A 40 -33.97 -9.33 26.65
C LYS A 40 -34.30 -8.03 25.92
N ILE A 41 -33.50 -7.63 24.93
CA ILE A 41 -33.72 -6.36 24.23
C ILE A 41 -33.59 -6.60 22.73
N GLN A 42 -34.68 -6.38 22.00
CA GLN A 42 -34.71 -6.55 20.55
C GLN A 42 -34.81 -5.18 19.88
N LEU A 43 -34.06 -5.01 18.80
CA LEU A 43 -34.08 -3.82 17.98
C LEU A 43 -34.62 -4.17 16.60
N ASN A 44 -35.40 -3.26 16.01
CA ASN A 44 -35.90 -3.53 14.67
C ASN A 44 -34.79 -3.40 13.62
N ILE A 45 -33.81 -2.54 13.87
CA ILE A 45 -32.64 -2.41 13.00
C ILE A 45 -31.39 -2.42 13.88
N PRO A 46 -30.25 -3.00 13.42
CA PRO A 46 -29.07 -3.18 14.28
C PRO A 46 -28.14 -1.97 14.33
N LEU A 47 -28.69 -0.79 14.63
CA LEU A 47 -27.92 0.44 14.65
C LEU A 47 -28.08 1.12 16.01
N MET A 48 -26.97 1.69 16.50
CA MET A 48 -26.93 2.46 17.73
C MET A 48 -26.09 3.70 17.51
N SER A 49 -26.50 4.82 18.10
CA SER A 49 -25.70 6.03 18.05
C SER A 49 -24.78 6.12 19.26
N ALA A 50 -23.55 6.58 19.02
CA ALA A 50 -22.51 6.57 20.04
C ALA A 50 -22.88 7.48 21.21
N SER A 51 -22.35 7.15 22.39
CA SER A 51 -22.63 7.95 23.59
C SER A 51 -21.56 9.05 23.68
N MET A 52 -21.74 10.08 22.86
CA MET A 52 -20.76 11.15 22.76
C MET A 52 -21.49 12.48 22.80
N ASP A 53 -20.84 13.50 23.40
CA ASP A 53 -21.48 14.80 23.57
C ASP A 53 -21.66 15.55 22.26
N THR A 54 -21.24 14.96 21.14
CA THR A 54 -21.55 15.50 19.82
C THR A 54 -22.46 14.58 19.01
N VAL A 55 -23.02 13.52 19.61
CA VAL A 55 -23.83 12.57 18.85
C VAL A 55 -25.21 12.35 19.48
N THR A 56 -25.30 11.84 20.72
CA THR A 56 -26.58 11.41 21.28
C THR A 56 -26.95 12.13 22.59
N GLU A 57 -27.93 13.01 22.51
CA GLU A 57 -28.75 13.36 23.65
C GLU A 57 -30.16 12.87 23.36
N SER A 58 -31.15 13.34 24.13
CA SER A 58 -32.50 12.80 23.98
C SER A 58 -33.03 12.99 22.57
N LYS A 59 -32.71 14.11 21.93
CA LYS A 59 -33.21 14.35 20.58
C LYS A 59 -32.72 13.26 19.63
N MET A 60 -31.46 12.87 19.75
CA MET A 60 -30.94 11.79 18.91
C MET A 60 -31.52 10.44 19.34
N ALA A 61 -31.58 10.21 20.65
CA ALA A 61 -31.99 8.89 21.15
C ALA A 61 -33.43 8.57 20.76
N ILE A 62 -34.29 9.59 20.81
CA ILE A 62 -35.68 9.41 20.41
C ILE A 62 -35.76 9.14 18.91
N ALA A 63 -34.96 9.84 18.11
CA ALA A 63 -34.98 9.61 16.67
C ALA A 63 -34.41 8.25 16.31
N MET A 64 -33.32 7.84 16.97
CA MET A 64 -32.80 6.48 16.75
C MET A 64 -33.85 5.44 17.09
N ALA A 65 -34.62 5.66 18.16
CA ALA A 65 -35.61 4.67 18.59
C ALA A 65 -36.76 4.58 17.59
N ARG A 66 -37.29 5.71 17.14
CA ARG A 66 -38.35 5.71 16.15
C ARG A 66 -37.93 5.02 14.85
N GLU A 67 -36.63 5.04 14.53
CA GLU A 67 -36.18 4.34 13.33
C GLU A 67 -36.01 2.85 13.55
N GLY A 68 -36.09 2.37 14.79
CA GLY A 68 -35.87 0.98 15.10
C GLY A 68 -34.57 0.68 15.82
N GLY A 69 -33.69 1.66 15.95
CA GLY A 69 -32.40 1.50 16.62
C GLY A 69 -32.45 1.99 18.05
N ILE A 70 -31.38 2.63 18.50
CA ILE A 70 -31.30 3.04 19.90
C ILE A 70 -30.12 4.00 20.08
N GLY A 71 -30.28 4.95 20.98
CA GLY A 71 -29.20 5.88 21.32
C GLY A 71 -28.78 5.68 22.77
N ILE A 72 -27.49 5.82 23.02
CA ILE A 72 -26.94 5.78 24.37
C ILE A 72 -26.68 7.22 24.81
N ILE A 73 -27.41 7.69 25.82
CA ILE A 73 -27.23 9.07 26.26
C ILE A 73 -25.86 9.22 26.90
N HIS A 74 -25.09 10.19 26.42
CA HIS A 74 -23.72 10.35 26.88
C HIS A 74 -23.68 10.85 28.34
N LYS A 75 -22.51 10.66 28.96
CA LYS A 75 -22.32 10.83 30.40
C LYS A 75 -21.74 12.21 30.75
N ASN A 76 -21.45 13.05 29.75
CA ASN A 76 -20.75 14.32 29.96
C ASN A 76 -21.73 15.42 30.40
N MET A 77 -22.44 15.14 31.48
CA MET A 77 -23.36 16.06 32.09
C MET A 77 -23.53 15.62 33.54
N THR A 78 -24.29 16.39 34.31
CA THR A 78 -24.55 15.99 35.68
C THR A 78 -25.42 14.72 35.70
N ILE A 79 -25.38 14.02 36.84
CA ILE A 79 -26.25 12.86 37.01
C ILE A 79 -27.71 13.26 36.84
N GLU A 80 -28.08 14.44 37.33
CA GLU A 80 -29.47 14.85 37.25
C GLU A 80 -29.89 15.09 35.80
N ASP A 81 -29.03 15.74 35.01
CA ASP A 81 -29.40 16.02 33.62
C ASP A 81 -29.44 14.75 32.78
N GLN A 82 -28.64 13.73 33.13
CA GLN A 82 -28.65 12.52 32.33
C GLN A 82 -29.92 11.72 32.57
N ALA A 83 -30.42 11.73 33.81
CA ALA A 83 -31.68 11.05 34.11
C ALA A 83 -32.85 11.78 33.44
N ARG A 84 -32.78 13.12 33.43
CA ARG A 84 -33.79 13.91 32.72
C ARG A 84 -33.84 13.54 31.24
N GLU A 85 -32.67 13.39 30.61
CA GLU A 85 -32.63 13.01 29.19
C GLU A 85 -33.14 11.59 28.98
N VAL A 86 -32.76 10.66 29.87
CA VAL A 86 -33.33 9.31 29.83
C VAL A 86 -34.83 9.35 30.04
N ASP A 87 -35.28 10.12 31.03
CA ASP A 87 -36.71 10.19 31.32
C ASP A 87 -37.48 10.76 30.14
N ARG A 88 -36.93 11.80 29.50
CA ARG A 88 -37.62 12.42 28.37
C ARG A 88 -37.77 11.45 27.20
N VAL A 89 -36.75 10.60 26.98
CA VAL A 89 -36.88 9.59 25.94
C VAL A 89 -37.92 8.55 26.32
N LYS A 90 -37.93 8.13 27.59
CA LYS A 90 -38.83 7.07 28.05
C LYS A 90 -40.26 7.53 28.25
N ARG A 91 -40.49 8.83 28.42
CA ARG A 91 -41.86 9.34 28.47
C ARG A 91 -42.40 9.69 27.10
N SER A 92 -41.55 9.81 26.08
CA SER A 92 -42.04 10.05 24.73
C SER A 92 -42.85 8.89 24.18
N GLY A 93 -43.00 7.80 24.93
CA GLY A 93 -43.73 6.63 24.46
C GLY A 93 -42.98 5.35 24.71
N GLY A 94 -43.28 4.31 23.93
CA GLY A 94 -42.58 3.05 24.07
C GLY A 94 -41.23 3.02 23.38
N LEU A 95 -40.38 4.02 23.62
CA LEU A 95 -39.08 4.09 22.96
C LEU A 95 -37.98 3.60 23.89
N LEU A 96 -37.06 2.80 23.33
CA LEU A 96 -35.91 2.32 24.09
C LEU A 96 -34.89 3.43 24.28
N CYS A 97 -34.10 3.32 25.36
CA CYS A 97 -33.09 4.32 25.67
C CYS A 97 -31.96 3.66 26.44
N GLY A 98 -30.72 4.00 26.05
CA GLY A 98 -29.54 3.64 26.80
C GLY A 98 -28.89 4.86 27.45
N ALA A 99 -27.95 4.59 28.36
CA ALA A 99 -27.25 5.63 29.09
C ALA A 99 -25.83 5.16 29.38
N SER A 100 -24.86 6.06 29.22
CA SER A 100 -23.46 5.76 29.43
C SER A 100 -23.08 5.96 30.89
N ILE A 101 -22.28 5.04 31.42
CA ILE A 101 -21.77 5.10 32.79
C ILE A 101 -20.26 4.93 32.71
N GLY A 102 -19.55 5.58 33.64
CA GLY A 102 -18.11 5.50 33.71
C GLY A 102 -17.63 4.80 34.97
N VAL A 103 -16.33 4.53 35.01
CA VAL A 103 -15.70 3.94 36.21
C VAL A 103 -15.32 5.11 37.10
N THR A 104 -16.29 5.60 37.85
CA THR A 104 -16.19 6.83 38.61
C THR A 104 -16.54 6.56 40.07
N ASN A 105 -16.26 7.56 40.93
CA ASN A 105 -16.62 7.48 42.35
C ASN A 105 -18.12 7.57 42.57
N ASP A 106 -18.85 8.21 41.64
CA ASP A 106 -20.29 8.33 41.72
C ASP A 106 -20.99 7.36 40.78
N MET A 107 -20.29 6.32 40.33
CA MET A 107 -20.83 5.38 39.36
C MET A 107 -22.20 4.88 39.79
N MET A 108 -22.33 4.45 41.04
CA MET A 108 -23.59 3.88 41.49
C MET A 108 -24.67 4.95 41.59
N GLU A 109 -24.29 6.16 42.01
CA GLU A 109 -25.22 7.29 41.98
C GLU A 109 -25.83 7.48 40.59
N ARG A 110 -24.99 7.49 39.56
CA ARG A 110 -25.48 7.76 38.21
C ARG A 110 -26.36 6.63 37.71
N VAL A 111 -25.95 5.38 37.98
CA VAL A 111 -26.79 4.23 37.66
C VAL A 111 -28.14 4.32 38.36
N ASP A 112 -28.14 4.70 39.65
CA ASP A 112 -29.39 4.80 40.37
C ASP A 112 -30.34 5.77 39.67
N ALA A 113 -29.83 6.93 39.26
CA ALA A 113 -30.67 7.94 38.64
C ALA A 113 -31.26 7.45 37.33
N VAL A 114 -30.41 6.96 36.42
CA VAL A 114 -30.94 6.53 35.13
C VAL A 114 -31.84 5.31 35.28
N VAL A 115 -31.55 4.45 36.27
CA VAL A 115 -32.46 3.34 36.54
C VAL A 115 -33.80 3.88 37.04
N LYS A 116 -33.76 4.88 37.90
CA LYS A 116 -35.01 5.51 38.34
C LYS A 116 -35.77 6.10 37.16
N ALA A 117 -35.07 6.65 36.18
CA ALA A 117 -35.72 7.19 35.01
C ALA A 117 -36.09 6.12 33.98
N LYS A 118 -35.94 4.84 34.36
CA LYS A 118 -36.37 3.68 33.57
C LYS A 118 -35.52 3.49 32.30
N VAL A 119 -34.20 3.62 32.43
CA VAL A 119 -33.32 3.32 31.32
C VAL A 119 -33.41 1.83 31.01
N ASP A 120 -33.32 1.49 29.72
CA ASP A 120 -33.45 0.10 29.27
C ASP A 120 -32.12 -0.65 29.27
N VAL A 121 -31.01 0.05 29.02
CA VAL A 121 -29.71 -0.58 29.08
C VAL A 121 -28.72 0.48 29.54
N ILE A 122 -27.74 0.07 30.34
CA ILE A 122 -26.61 0.93 30.64
C ILE A 122 -25.40 0.41 29.86
N VAL A 123 -24.50 1.34 29.56
CA VAL A 123 -23.26 1.04 28.87
C VAL A 123 -22.14 1.47 29.79
N LEU A 124 -21.53 0.52 30.48
CA LEU A 124 -20.33 0.79 31.26
C LEU A 124 -19.19 0.89 30.25
N ASP A 125 -18.94 2.11 29.79
CA ASP A 125 -18.05 2.37 28.67
C ASP A 125 -16.81 3.11 29.16
N THR A 126 -15.64 2.61 28.77
CA THR A 126 -14.38 3.24 29.13
C THR A 126 -13.35 2.92 28.04
N ALA A 127 -12.23 3.63 28.12
CA ALA A 127 -11.12 3.44 27.19
C ALA A 127 -10.65 1.99 27.15
N HIS A 128 -10.49 1.38 28.33
CA HIS A 128 -9.93 0.03 28.43
C HIS A 128 -10.88 -0.79 29.32
N GLY A 129 -11.82 -1.49 28.66
CA GLY A 129 -12.83 -2.25 29.38
C GLY A 129 -12.33 -3.53 30.01
N HIS A 130 -11.21 -4.07 29.52
CA HIS A 130 -10.65 -5.31 30.07
C HIS A 130 -9.75 -4.93 31.24
N SER A 131 -10.39 -4.43 32.30
CA SER A 131 -9.68 -3.89 33.45
C SER A 131 -10.44 -4.20 34.73
N LYS A 132 -9.70 -4.22 35.83
CA LYS A 132 -10.29 -4.56 37.12
C LYS A 132 -11.45 -3.64 37.47
N GLY A 133 -11.31 -2.34 37.19
CA GLY A 133 -12.35 -1.39 37.54
C GLY A 133 -13.66 -1.70 36.83
N VAL A 134 -13.59 -2.05 35.55
CA VAL A 134 -14.80 -2.34 34.80
C VAL A 134 -15.42 -3.65 35.26
N ILE A 135 -14.59 -4.66 35.51
CA ILE A 135 -15.07 -5.97 35.96
C ILE A 135 -15.75 -5.85 37.33
N GLU A 136 -15.12 -5.11 38.24
CA GLU A 136 -15.76 -4.85 39.53
C GLU A 136 -17.03 -4.02 39.36
N GLY A 137 -16.98 -3.01 38.48
CA GLY A 137 -18.15 -2.18 38.25
C GLY A 137 -19.34 -2.96 37.76
N VAL A 138 -19.13 -3.82 36.74
CA VAL A 138 -20.20 -4.69 36.28
C VAL A 138 -20.74 -5.54 37.43
N LYS A 139 -19.83 -6.11 38.24
CA LYS A 139 -20.25 -6.97 39.34
C LYS A 139 -21.11 -6.21 40.35
N ARG A 140 -20.73 -4.97 40.68
CA ARG A 140 -21.54 -4.21 41.63
C ARG A 140 -22.89 -3.85 41.05
N ILE A 141 -22.93 -3.46 39.77
CA ILE A 141 -24.21 -3.07 39.18
C ILE A 141 -25.16 -4.26 39.10
N LYS A 142 -24.63 -5.43 38.74
CA LYS A 142 -25.48 -6.61 38.65
C LYS A 142 -25.88 -7.14 40.03
N ALA A 143 -25.04 -6.95 41.04
CA ALA A 143 -25.41 -7.39 42.39
C ALA A 143 -26.53 -6.54 42.96
N LYS A 144 -26.62 -5.27 42.54
CA LYS A 144 -27.71 -4.41 42.99
C LYS A 144 -28.93 -4.48 42.08
N TYR A 145 -28.74 -4.53 40.76
CA TYR A 145 -29.84 -4.55 39.81
C TYR A 145 -29.70 -5.78 38.93
N PRO A 146 -30.01 -6.97 39.45
CA PRO A 146 -29.73 -8.21 38.70
C PRO A 146 -30.34 -8.27 37.31
N GLU A 147 -31.41 -7.52 37.04
CA GLU A 147 -32.07 -7.59 35.75
C GLU A 147 -31.79 -6.39 34.84
N LEU A 148 -30.94 -5.46 35.26
CA LEU A 148 -30.54 -4.36 34.40
C LEU A 148 -29.67 -4.88 33.25
N GLN A 149 -30.02 -4.51 32.04
CA GLN A 149 -29.20 -4.90 30.91
C GLN A 149 -27.93 -4.05 30.90
N VAL A 150 -26.78 -4.71 30.93
CA VAL A 150 -25.49 -4.04 31.02
C VAL A 150 -24.66 -4.40 29.80
N ILE A 151 -24.25 -3.37 29.05
CA ILE A 151 -23.25 -3.48 27.99
C ILE A 151 -21.93 -2.97 28.55
N ALA A 152 -20.87 -3.75 28.42
CA ALA A 152 -19.56 -3.38 28.96
C ALA A 152 -18.50 -3.28 27.84
N GLY A 153 -17.70 -2.23 27.89
CA GLY A 153 -16.63 -2.06 26.91
C GLY A 153 -15.72 -0.91 27.30
N ASN A 154 -14.79 -0.56 26.39
CA ASN A 154 -14.57 -1.22 25.10
C ASN A 154 -13.42 -2.22 25.16
N ILE A 155 -13.51 -3.27 24.35
CA ILE A 155 -12.55 -4.36 24.38
C ILE A 155 -12.16 -4.74 22.96
N ALA A 156 -11.18 -5.62 22.85
CA ALA A 156 -10.75 -6.07 21.53
C ALA A 156 -10.29 -7.53 21.48
N THR A 157 -10.39 -8.31 22.55
CA THR A 157 -9.89 -9.67 22.58
C THR A 157 -10.95 -10.65 23.07
N PRO A 158 -10.85 -11.92 22.68
CA PRO A 158 -11.76 -12.93 23.23
C PRO A 158 -11.61 -13.12 24.72
N GLU A 159 -10.41 -12.94 25.26
CA GLU A 159 -10.24 -13.06 26.71
C GLU A 159 -11.08 -12.01 27.43
N ALA A 160 -11.13 -10.81 26.87
CA ALA A 160 -11.94 -9.75 27.47
C ALA A 160 -13.43 -10.07 27.37
N VAL A 161 -13.85 -10.70 26.27
CA VAL A 161 -15.24 -11.15 26.13
C VAL A 161 -15.60 -12.09 27.28
N ARG A 162 -14.74 -13.08 27.51
CA ARG A 162 -14.97 -14.09 28.54
C ARG A 162 -14.96 -13.48 29.93
N ASP A 163 -13.99 -12.63 30.22
CA ASP A 163 -13.88 -12.00 31.54
C ASP A 163 -15.10 -11.11 31.83
N LEU A 164 -15.56 -10.36 30.82
CA LEU A 164 -16.70 -9.47 31.05
C LEU A 164 -18.01 -10.24 31.14
N ALA A 165 -18.16 -11.31 30.36
CA ALA A 165 -19.34 -12.16 30.51
C ALA A 165 -19.40 -12.79 31.90
N GLU A 166 -18.27 -13.36 32.35
CA GLU A 166 -18.27 -13.97 33.68
C GLU A 166 -18.56 -12.94 34.76
N ALA A 167 -18.27 -11.66 34.50
CA ALA A 167 -18.62 -10.62 35.45
C ALA A 167 -20.10 -10.28 35.46
N GLY A 168 -20.86 -10.72 34.45
CA GLY A 168 -22.29 -10.49 34.42
C GLY A 168 -22.78 -9.57 33.31
N ALA A 169 -21.91 -9.12 32.41
CA ALA A 169 -22.37 -8.29 31.31
C ALA A 169 -23.35 -9.06 30.43
N ASP A 170 -24.29 -8.33 29.82
CA ASP A 170 -25.23 -8.95 28.88
C ASP A 170 -24.83 -8.72 27.43
N CYS A 171 -23.82 -7.90 27.20
CA CYS A 171 -23.37 -7.56 25.87
C CYS A 171 -22.04 -6.86 26.05
N VAL A 172 -21.14 -7.04 25.10
CA VAL A 172 -19.86 -6.37 25.17
C VAL A 172 -19.66 -5.56 23.90
N LYS A 173 -18.93 -4.46 24.04
CA LYS A 173 -18.72 -3.52 22.96
C LYS A 173 -17.26 -3.56 22.52
N VAL A 174 -17.03 -3.79 21.23
CA VAL A 174 -15.71 -4.08 20.69
C VAL A 174 -15.23 -2.85 19.95
N GLY A 175 -13.98 -2.45 20.22
CA GLY A 175 -13.42 -1.35 19.46
C GLY A 175 -12.40 -0.56 20.26
N ILE A 176 -11.13 -0.85 20.02
CA ILE A 176 -10.00 -0.12 20.58
C ILE A 176 -9.30 0.56 19.41
N GLY A 177 -9.53 1.86 19.27
CA GLY A 177 -8.81 2.65 18.29
C GLY A 177 -9.33 2.81 16.87
N PRO A 178 -10.48 2.23 16.47
CA PRO A 178 -10.91 2.44 15.06
C PRO A 178 -11.69 3.73 14.82
N GLY A 179 -12.11 4.43 15.88
CA GLY A 179 -13.01 5.55 15.69
C GLY A 179 -12.40 6.65 14.84
N SER A 180 -13.26 7.34 14.09
CA SER A 180 -12.75 8.38 13.20
C SER A 180 -12.05 9.51 13.97
N ILE A 181 -12.47 9.79 15.20
CA ILE A 181 -11.85 10.83 16.01
C ILE A 181 -10.80 10.28 16.95
N CYS A 182 -10.42 9.01 16.83
CA CYS A 182 -9.61 8.35 17.83
C CYS A 182 -8.13 8.42 17.53
N THR A 183 -7.31 8.59 18.58
CA THR A 183 -5.85 8.57 18.45
C THR A 183 -5.21 7.58 19.42
N THR A 184 -6.02 6.75 20.09
CA THR A 184 -5.48 5.76 21.01
C THR A 184 -4.28 5.02 20.40
N ARG A 185 -4.41 4.57 19.14
CA ARG A 185 -3.36 3.73 18.56
C ARG A 185 -2.11 4.52 18.24
N ILE A 186 -2.26 5.83 18.02
CA ILE A 186 -1.12 6.67 17.71
C ILE A 186 -0.41 7.11 18.98
N VAL A 187 -1.18 7.50 20.00
CA VAL A 187 -0.55 8.03 21.20
C VAL A 187 -0.17 6.93 22.19
N ALA A 188 -0.86 5.79 22.19
CA ALA A 188 -0.53 4.71 23.12
C ALA A 188 0.00 3.47 22.44
N GLY A 189 -0.17 3.33 21.12
CA GLY A 189 0.39 2.23 20.35
C GLY A 189 -0.46 0.97 20.35
N VAL A 190 -1.68 1.03 20.88
CA VAL A 190 -2.49 -0.11 21.28
C VAL A 190 -3.78 -0.13 20.45
N GLY A 191 -4.19 -1.32 20.04
CA GLY A 191 -5.46 -1.46 19.37
C GLY A 191 -5.45 -2.68 18.47
N VAL A 192 -6.62 -2.98 17.92
CA VAL A 192 -6.79 -4.07 16.98
C VAL A 192 -7.66 -3.62 15.80
N PRO A 193 -7.19 -3.79 14.57
CA PRO A 193 -8.03 -3.48 13.41
C PRO A 193 -9.40 -4.14 13.55
N GLN A 194 -10.45 -3.40 13.18
CA GLN A 194 -11.76 -3.62 13.78
C GLN A 194 -12.47 -4.86 13.23
N LEU A 195 -12.26 -5.21 11.95
CA LEU A 195 -12.92 -6.40 11.42
C LEU A 195 -12.41 -7.65 12.11
N THR A 196 -11.09 -7.75 12.28
CA THR A 196 -10.52 -8.87 13.02
C THR A 196 -10.97 -8.87 14.49
N ALA A 197 -11.02 -7.68 15.12
CA ALA A 197 -11.48 -7.62 16.50
C ALA A 197 -12.90 -8.12 16.64
N VAL A 198 -13.79 -7.66 15.76
CA VAL A 198 -15.19 -8.10 15.85
C VAL A 198 -15.28 -9.61 15.61
N MET A 199 -14.60 -10.10 14.57
CA MET A 199 -14.69 -11.52 14.25
C MET A 199 -14.21 -12.38 15.41
N ASP A 200 -13.06 -12.02 16.00
CA ASP A 200 -12.49 -12.86 17.06
C ASP A 200 -13.31 -12.76 18.34
N CYS A 201 -13.80 -11.57 18.66
CA CYS A 201 -14.63 -11.44 19.86
C CYS A 201 -16.02 -12.04 19.66
N ALA A 202 -16.61 -11.86 18.48
CA ALA A 202 -17.93 -12.43 18.23
C ALA A 202 -17.90 -13.94 18.34
N GLU A 203 -16.81 -14.56 17.89
CA GLU A 203 -16.70 -16.02 17.98
C GLU A 203 -16.66 -16.47 19.43
N GLU A 204 -15.95 -15.74 20.29
CA GLU A 204 -15.95 -16.10 21.70
C GLU A 204 -17.32 -15.84 22.34
N GLY A 205 -17.95 -14.73 21.99
CA GLY A 205 -19.26 -14.43 22.57
C GLY A 205 -20.32 -15.44 22.19
N LYS A 206 -20.25 -15.96 20.96
CA LYS A 206 -21.22 -16.98 20.55
C LYS A 206 -21.04 -18.27 21.35
N LYS A 207 -19.79 -18.65 21.64
CA LYS A 207 -19.57 -19.81 22.50
C LYS A 207 -20.12 -19.59 23.90
N LEU A 208 -20.20 -18.34 24.35
CA LEU A 208 -20.72 -18.04 25.68
C LEU A 208 -22.17 -17.56 25.67
N GLY A 209 -22.75 -17.31 24.49
CA GLY A 209 -24.10 -16.81 24.42
C GLY A 209 -24.23 -15.34 24.73
N ILE A 210 -23.18 -14.56 24.58
CA ILE A 210 -23.20 -13.13 24.87
C ILE A 210 -22.91 -12.37 23.59
N PRO A 211 -23.75 -11.43 23.19
CA PRO A 211 -23.53 -10.73 21.91
C PRO A 211 -22.42 -9.69 22.03
N VAL A 212 -21.93 -9.26 20.86
CA VAL A 212 -20.94 -8.20 20.81
C VAL A 212 -21.45 -7.11 19.87
N ILE A 213 -20.99 -5.89 20.12
CA ILE A 213 -21.35 -4.70 19.35
C ILE A 213 -20.09 -4.21 18.65
N ALA A 214 -20.21 -3.87 17.37
CA ALA A 214 -19.10 -3.35 16.58
C ALA A 214 -19.14 -1.83 16.66
N ASP A 215 -18.20 -1.25 17.40
CA ASP A 215 -18.26 0.17 17.75
C ASP A 215 -17.06 0.93 17.16
N GLY A 216 -17.31 1.70 16.12
CA GLY A 216 -16.33 2.64 15.61
C GLY A 216 -15.68 2.17 14.33
N GLY A 217 -15.34 3.13 13.46
CA GLY A 217 -14.63 2.81 12.25
C GLY A 217 -15.51 2.61 11.03
N LEU A 218 -16.83 2.67 11.20
CA LEU A 218 -17.78 2.48 10.10
C LEU A 218 -17.96 3.78 9.32
N LYS A 219 -17.81 3.70 8.00
CA LYS A 219 -17.94 4.86 7.13
C LYS A 219 -19.07 4.72 6.12
N TYR A 220 -19.23 3.54 5.51
CA TYR A 220 -20.25 3.27 4.52
C TYR A 220 -21.19 2.16 4.99
N SER A 221 -22.37 2.13 4.39
CA SER A 221 -23.33 1.06 4.68
C SER A 221 -22.69 -0.32 4.52
N GLY A 222 -21.74 -0.47 3.58
CA GLY A 222 -21.12 -1.78 3.36
C GLY A 222 -20.22 -2.23 4.50
N ASP A 223 -19.66 -1.27 5.25
CA ASP A 223 -18.86 -1.62 6.43
C ASP A 223 -19.73 -2.24 7.51
N ILE A 224 -20.98 -1.77 7.63
CA ILE A 224 -21.89 -2.33 8.61
C ILE A 224 -22.25 -3.77 8.23
N VAL A 225 -22.45 -4.03 6.94
CA VAL A 225 -22.73 -5.41 6.52
C VAL A 225 -21.58 -6.32 6.92
N LYS A 226 -20.35 -5.84 6.74
CA LYS A 226 -19.20 -6.64 7.10
C LYS A 226 -19.18 -6.92 8.60
N ALA A 227 -19.55 -5.92 9.42
CA ALA A 227 -19.47 -6.10 10.85
C ALA A 227 -20.55 -7.04 11.36
N LEU A 228 -21.74 -6.99 10.76
CA LEU A 228 -22.78 -7.95 11.12
C LEU A 228 -22.40 -9.33 10.63
N ALA A 229 -21.89 -9.44 9.40
CA ALA A 229 -21.49 -10.74 8.88
C ALA A 229 -20.32 -11.30 9.66
N ALA A 230 -19.50 -10.43 10.27
CA ALA A 230 -18.40 -10.88 11.11
C ALA A 230 -18.87 -11.35 12.47
N GLY A 231 -20.13 -11.09 12.84
CA GLY A 231 -20.69 -11.66 14.04
C GLY A 231 -21.29 -10.67 15.01
N ALA A 232 -21.17 -9.37 14.77
CA ALA A 232 -21.71 -8.40 15.71
C ALA A 232 -23.23 -8.43 15.70
N CYS A 233 -23.84 -8.21 16.87
CA CYS A 233 -25.28 -8.11 16.92
C CYS A 233 -25.76 -6.75 16.44
N ALA A 234 -24.87 -5.76 16.39
CA ALA A 234 -25.24 -4.38 16.11
C ALA A 234 -23.98 -3.57 15.85
N ALA A 235 -24.18 -2.43 15.20
CA ALA A 235 -23.10 -1.53 14.86
C ALA A 235 -23.35 -0.20 15.54
N MET A 236 -22.31 0.39 16.11
CA MET A 236 -22.42 1.67 16.77
C MET A 236 -21.62 2.72 16.02
N MET A 237 -22.21 3.88 15.80
CA MET A 237 -21.63 4.89 14.92
C MET A 237 -21.68 6.26 15.58
N GLY A 238 -20.55 6.96 15.55
CA GLY A 238 -20.53 8.37 15.85
C GLY A 238 -20.49 9.26 14.63
N SER A 239 -19.47 9.06 13.78
CA SER A 239 -19.24 9.96 12.64
C SER A 239 -20.43 9.98 11.67
N ILE A 240 -21.04 8.81 11.41
CA ILE A 240 -22.14 8.73 10.46
C ILE A 240 -23.35 9.54 10.93
N PHE A 241 -23.50 9.72 12.24
CA PHE A 241 -24.67 10.40 12.77
C PHE A 241 -24.40 11.83 13.27
N ALA A 242 -23.15 12.20 13.53
CA ALA A 242 -22.91 13.49 14.17
C ALA A 242 -23.25 14.66 13.27
N GLY A 243 -23.28 14.46 11.96
CA GLY A 243 -23.72 15.51 11.06
C GLY A 243 -25.21 15.62 10.87
N CYS A 244 -25.98 14.76 11.54
CA CYS A 244 -27.42 14.79 11.38
C CYS A 244 -28.04 15.90 12.21
N GLU A 245 -29.25 16.30 11.81
CA GLU A 245 -29.94 17.41 12.46
C GLU A 245 -30.16 17.15 13.95
N GLU A 246 -30.33 15.87 14.35
CA GLU A 246 -30.68 15.50 15.71
C GLU A 246 -29.47 15.33 16.62
N ALA A 247 -28.26 15.37 16.07
CA ALA A 247 -27.06 15.42 16.89
C ALA A 247 -26.99 16.75 17.62
N PRO A 248 -26.29 16.81 18.76
CA PRO A 248 -26.12 18.10 19.45
C PRO A 248 -25.23 19.03 18.64
N GLY A 249 -25.44 20.32 18.83
CA GLY A 249 -24.62 21.33 18.19
C GLY A 249 -25.38 22.11 17.12
N ALA A 250 -24.88 23.32 16.88
CA ALA A 250 -25.49 24.15 15.84
C ALA A 250 -24.93 23.80 14.46
N ILE A 251 -25.69 24.17 13.44
CA ILE A 251 -25.22 24.07 12.07
C ILE A 251 -24.42 25.32 11.74
N GLU A 252 -23.12 25.15 11.49
CA GLU A 252 -22.23 26.26 11.18
C GLU A 252 -21.92 26.25 9.69
N ILE A 253 -21.85 27.45 9.10
CA ILE A 253 -21.69 27.66 7.67
C ILE A 253 -20.30 28.24 7.41
N TYR A 254 -19.64 27.77 6.36
CA TYR A 254 -18.34 28.32 5.98
C TYR A 254 -18.14 28.10 4.49
N GLN A 255 -18.11 29.22 3.74
CA GLN A 255 -17.96 29.19 2.28
C GLN A 255 -19.04 28.33 1.62
N GLY A 256 -20.29 28.56 2.00
CA GLY A 256 -21.41 27.87 1.38
C GLY A 256 -21.57 26.41 1.74
N ARG A 257 -20.79 25.89 2.68
CA ARG A 257 -20.90 24.51 3.15
C ARG A 257 -21.39 24.50 4.59
N SER A 258 -22.26 23.54 4.91
CA SER A 258 -22.81 23.43 6.25
C SER A 258 -22.10 22.30 7.01
N TYR A 259 -21.78 22.56 8.28
CA TYR A 259 -20.99 21.65 9.11
C TYR A 259 -21.64 21.49 10.49
N LYS A 260 -21.23 20.43 11.17
CA LYS A 260 -21.46 20.25 12.60
C LYS A 260 -20.15 19.85 13.26
N VAL A 261 -20.04 20.14 14.56
CA VAL A 261 -18.82 19.85 15.28
C VAL A 261 -18.85 18.38 15.71
N TYR A 262 -17.69 17.73 15.63
CA TYR A 262 -17.55 16.35 16.06
C TYR A 262 -16.20 16.19 16.74
N ARG A 263 -16.17 15.53 17.90
CA ARG A 263 -14.94 15.40 18.66
C ARG A 263 -14.93 14.10 19.45
N GLY A 264 -13.74 13.53 19.57
CA GLY A 264 -13.57 12.41 20.47
C GLY A 264 -13.87 12.83 21.90
N MET A 265 -14.32 11.87 22.71
CA MET A 265 -14.52 12.21 24.11
C MET A 265 -13.26 12.09 24.95
N GLY A 266 -12.18 11.59 24.36
CA GLY A 266 -10.88 11.77 24.97
C GLY A 266 -10.15 12.93 24.33
N SER A 267 -10.87 13.79 23.62
CA SER A 267 -10.27 15.03 23.12
C SER A 267 -10.18 16.06 24.25
N LEU A 268 -9.26 17.02 24.09
CA LEU A 268 -9.10 18.08 25.09
C LEU A 268 -10.41 18.81 25.34
N GLY A 269 -11.14 19.16 24.27
CA GLY A 269 -12.38 19.88 24.42
C GLY A 269 -13.41 19.13 25.24
N ALA A 270 -13.61 17.83 24.94
CA ALA A 270 -14.59 17.06 25.69
C ALA A 270 -14.19 16.89 27.14
N MET A 271 -12.89 16.68 27.39
CA MET A 271 -12.40 16.54 28.76
C MET A 271 -12.52 17.83 29.56
N ALA A 272 -12.72 18.97 28.91
CA ALA A 272 -12.89 20.24 29.62
C ALA A 272 -14.29 20.39 30.23
N PHE A 287 -4.87 11.90 31.54
CA PHE A 287 -4.81 13.33 31.25
C PHE A 287 -4.61 13.54 29.76
N VAL A 288 -3.54 12.95 29.24
CA VAL A 288 -3.06 13.20 27.87
C VAL A 288 -4.11 12.72 26.86
N PRO A 289 -4.51 13.54 25.89
CA PRO A 289 -5.69 13.20 25.08
C PRO A 289 -5.50 11.97 24.19
N GLU A 290 -6.64 11.37 23.82
CA GLU A 290 -6.68 10.23 22.91
C GLU A 290 -7.76 10.40 21.84
N GLY A 291 -8.11 11.65 21.54
CA GLY A 291 -9.04 11.97 20.47
C GLY A 291 -8.74 13.36 19.94
N VAL A 292 -9.37 13.68 18.80
CA VAL A 292 -9.21 15.01 18.19
C VAL A 292 -10.57 15.68 18.11
N GLU A 293 -10.59 16.94 17.66
N GLU A 293 -10.59 16.92 17.61
CA GLU A 293 -11.80 17.74 17.57
CA GLU A 293 -11.80 17.73 17.57
C GLU A 293 -11.86 18.34 16.18
C GLU A 293 -11.89 18.42 16.23
N GLY A 294 -13.06 18.39 15.62
CA GLY A 294 -13.20 18.91 14.29
C GLY A 294 -14.63 19.07 13.87
N ARG A 295 -14.82 19.04 12.55
CA ARG A 295 -16.11 19.34 11.94
C ARG A 295 -16.35 18.35 10.82
N ILE A 296 -17.62 17.98 10.63
CA ILE A 296 -18.03 17.08 9.57
C ILE A 296 -19.21 17.72 8.85
N ALA A 297 -19.47 17.22 7.64
CA ALA A 297 -20.53 17.78 6.81
C ALA A 297 -21.88 17.62 7.50
N TYR A 298 -22.71 18.66 7.36
CA TYR A 298 -24.11 18.56 7.75
C TYR A 298 -24.87 17.68 6.75
N LYS A 299 -25.60 16.69 7.28
N LYS A 299 -25.62 16.70 7.27
CA LYS A 299 -26.28 15.69 6.46
CA LYS A 299 -26.29 15.73 6.40
C LYS A 299 -27.78 15.91 6.36
C LYS A 299 -27.80 15.72 6.53
N GLY A 300 -28.38 16.64 7.28
CA GLY A 300 -29.83 16.75 7.36
C GLY A 300 -30.46 15.80 8.38
N HIS A 301 -31.72 15.48 8.13
CA HIS A 301 -32.48 14.66 9.07
C HIS A 301 -31.97 13.23 9.11
N LEU A 302 -31.95 12.65 10.31
CA LEU A 302 -31.42 11.31 10.53
C LEU A 302 -32.08 10.27 9.63
N ALA A 303 -33.39 10.41 9.41
CA ALA A 303 -34.13 9.41 8.63
C ALA A 303 -33.59 9.27 7.21
N ASP A 304 -33.09 10.36 6.63
CA ASP A 304 -32.47 10.26 5.31
C ASP A 304 -31.23 9.40 5.37
N THR A 305 -30.41 9.57 6.41
CA THR A 305 -29.21 8.75 6.53
C THR A 305 -29.57 7.30 6.80
N ILE A 306 -30.46 7.05 7.76
CA ILE A 306 -30.83 5.67 8.10
C ILE A 306 -31.41 4.95 6.88
N TYR A 307 -32.25 5.62 6.10
CA TYR A 307 -32.78 5.02 4.89
C TYR A 307 -31.67 4.45 4.01
N GLN A 308 -30.61 5.23 3.81
CA GLN A 308 -29.51 4.78 2.96
C GLN A 308 -28.76 3.62 3.59
N LEU A 309 -28.50 3.68 4.91
CA LEU A 309 -27.80 2.60 5.59
C LEU A 309 -28.57 1.29 5.46
N ILE A 310 -29.86 1.31 5.83
CA ILE A 310 -30.69 0.11 5.80
C ILE A 310 -30.81 -0.43 4.37
N GLY A 311 -30.92 0.48 3.40
CA GLY A 311 -30.97 0.04 2.01
C GLY A 311 -29.73 -0.73 1.61
N GLY A 312 -28.55 -0.23 2.00
CA GLY A 312 -27.32 -0.92 1.66
C GLY A 312 -27.16 -2.23 2.38
N ILE A 313 -27.56 -2.28 3.66
CA ILE A 313 -27.54 -3.52 4.42
C ILE A 313 -28.47 -4.57 3.77
N LYS A 314 -29.69 -4.16 3.43
CA LYS A 314 -30.62 -5.10 2.78
C LYS A 314 -30.05 -5.59 1.44
N SER A 315 -29.36 -4.70 0.72
CA SER A 315 -28.74 -5.11 -0.53
C SER A 315 -27.67 -6.16 -0.29
N GLY A 316 -26.83 -5.94 0.73
CA GLY A 316 -25.81 -6.93 1.03
C GLY A 316 -26.37 -8.27 1.49
N MET A 317 -27.44 -8.24 2.27
CA MET A 317 -28.01 -9.52 2.69
C MET A 317 -28.68 -10.23 1.51
N GLY A 318 -29.29 -9.46 0.60
CA GLY A 318 -29.71 -10.04 -0.66
C GLY A 318 -28.58 -10.75 -1.39
N TYR A 319 -27.43 -10.09 -1.49
CA TYR A 319 -26.27 -10.72 -2.14
C TYR A 319 -25.83 -11.97 -1.41
N LEU A 320 -26.02 -12.01 -0.08
CA LEU A 320 -25.56 -13.15 0.70
C LEU A 320 -26.66 -14.18 0.95
N GLY A 321 -27.86 -13.99 0.40
CA GLY A 321 -28.88 -15.01 0.55
C GLY A 321 -29.38 -15.12 1.97
N ALA A 322 -29.20 -14.07 2.78
CA ALA A 322 -29.67 -14.02 4.15
C ALA A 322 -31.00 -13.32 4.19
N PRO A 323 -32.12 -14.02 4.43
CA PRO A 323 -33.40 -13.32 4.68
C PRO A 323 -33.43 -12.62 6.02
N THR A 324 -32.63 -13.10 6.99
CA THR A 324 -32.52 -12.53 8.33
C THR A 324 -31.06 -12.54 8.75
N LEU A 325 -30.80 -12.02 9.95
CA LEU A 325 -29.44 -11.71 10.40
C LEU A 325 -28.70 -12.88 11.02
N GLU A 326 -29.38 -13.81 11.69
CA GLU A 326 -28.67 -14.93 12.29
C GLU A 326 -28.00 -15.78 11.21
N ASN A 327 -28.71 -16.00 10.11
CA ASN A 327 -28.18 -16.72 8.97
C ASN A 327 -26.96 -16.01 8.36
N LEU A 328 -26.85 -14.70 8.55
CA LEU A 328 -25.80 -13.94 7.86
C LEU A 328 -24.41 -14.40 8.29
N TYR A 329 -24.18 -14.48 9.59
CA TYR A 329 -22.87 -14.85 10.14
C TYR A 329 -22.48 -16.26 9.73
N GLU A 330 -23.44 -17.18 9.71
CA GLU A 330 -23.14 -18.58 9.42
C GLU A 330 -22.65 -18.76 7.98
N ASN A 331 -23.14 -17.96 7.04
CA ASN A 331 -22.84 -18.15 5.64
C ASN A 331 -21.91 -17.08 5.09
N ALA A 332 -21.26 -16.31 5.95
CA ALA A 332 -20.41 -15.21 5.51
C ALA A 332 -19.01 -15.75 5.22
N ASN A 333 -18.53 -15.51 3.99
CA ASN A 333 -17.16 -15.82 3.62
C ASN A 333 -16.50 -14.55 3.13
N PHE A 334 -15.39 -14.16 3.76
CA PHE A 334 -14.65 -12.96 3.39
C PHE A 334 -13.47 -13.35 2.50
N VAL A 335 -13.09 -12.44 1.60
CA VAL A 335 -11.76 -12.50 1.00
C VAL A 335 -11.05 -11.20 1.36
N VAL A 336 -9.75 -11.26 1.43
CA VAL A 336 -8.90 -10.08 1.63
C VAL A 336 -8.61 -9.44 0.27
N GLN A 337 -8.69 -8.11 0.20
CA GLN A 337 -8.23 -7.37 -0.98
C GLN A 337 -7.01 -6.52 -0.64
N THR A 338 -6.12 -6.36 -1.63
CA THR A 338 -4.99 -5.45 -1.58
C THR A 338 -5.44 -4.00 -1.74
N SER A 339 -4.49 -3.07 -1.60
N SER A 339 -4.48 -3.08 -1.59
CA SER A 339 -4.82 -1.67 -1.86
CA SER A 339 -4.76 -1.67 -1.88
C SER A 339 -5.23 -1.45 -3.31
C SER A 339 -5.24 -1.48 -3.30
N ALA A 340 -4.71 -2.27 -4.24
CA ALA A 340 -5.18 -2.20 -5.62
C ALA A 340 -6.61 -2.72 -5.75
N GLY A 341 -6.96 -3.77 -5.02
CA GLY A 341 -8.35 -4.19 -4.97
C GLY A 341 -9.25 -3.13 -4.38
N PHE A 342 -8.77 -2.44 -3.34
CA PHE A 342 -9.48 -1.31 -2.75
C PHE A 342 -9.77 -0.23 -3.79
N ARG A 343 -8.79 0.10 -4.63
CA ARG A 343 -9.04 1.09 -5.67
C ARG A 343 -10.07 0.60 -6.69
N GLU A 344 -10.08 -0.71 -6.97
CA GLU A 344 -11.09 -1.28 -7.86
C GLU A 344 -12.49 -1.24 -7.23
N SER A 345 -12.57 -1.37 -5.90
CA SER A 345 -13.88 -1.47 -5.26
C SER A 345 -14.61 -0.14 -5.31
N HIS A 346 -13.90 0.97 -5.08
CA HIS A 346 -14.48 2.29 -5.24
C HIS A 346 -14.66 2.59 -6.73
N PRO A 347 -15.55 3.51 -7.07
CA PRO A 347 -15.52 4.10 -8.40
C PRO A 347 -14.11 4.57 -8.74
N HIS A 348 -13.79 4.54 -10.03
CA HIS A 348 -12.46 4.87 -10.51
C HIS A 348 -12.54 5.25 -11.98
N ASP A 349 -11.66 6.16 -12.38
CA ASP A 349 -11.52 6.60 -13.77
C ASP A 349 -12.78 7.27 -14.30
N ILE A 350 -13.55 7.88 -13.40
CA ILE A 350 -14.76 8.61 -13.74
C ILE A 350 -14.70 9.95 -13.03
N ASN A 351 -15.05 11.02 -13.75
CA ASN A 351 -15.27 12.33 -13.12
C ASN A 351 -16.71 12.37 -12.64
N ILE A 352 -16.93 12.00 -11.37
CA ILE A 352 -18.27 12.02 -10.80
C ILE A 352 -18.78 13.46 -10.76
N THR A 353 -19.94 13.70 -11.38
CA THR A 353 -20.52 15.04 -11.38
C THR A 353 -21.88 15.14 -10.70
N LYS A 354 -22.53 14.02 -10.39
CA LYS A 354 -23.83 14.03 -9.72
C LYS A 354 -23.66 13.51 -8.30
N GLU A 355 -24.44 14.07 -7.37
CA GLU A 355 -24.39 13.58 -5.99
C GLU A 355 -24.98 12.18 -5.91
N ALA A 356 -24.34 11.32 -5.15
CA ALA A 356 -25.01 10.08 -4.80
C ALA A 356 -25.42 10.11 -3.34
N PRO A 357 -26.60 9.60 -2.97
CA PRO A 357 -27.05 9.72 -1.58
C PRO A 357 -26.34 8.79 -0.61
N ASN A 358 -25.64 7.76 -1.09
CA ASN A 358 -24.98 6.79 -0.22
C ASN A 358 -23.49 6.67 -0.51
N TYR A 359 -22.92 7.59 -1.28
CA TYR A 359 -21.50 7.51 -1.57
C TYR A 359 -20.88 8.91 -1.59
N SER A 360 -19.70 9.03 -0.99
CA SER A 360 -18.91 10.25 -1.05
C SER A 360 -17.44 9.91 -0.88
N VAL A 361 -16.59 10.83 -1.35
CA VAL A 361 -15.14 10.76 -1.14
C VAL A 361 -14.58 12.15 -0.84
N ALA B 3 -21.66 -23.61 11.78
CA ALA B 3 -20.93 -22.83 10.78
C ALA B 3 -20.59 -21.41 11.27
N MET B 4 -19.47 -20.87 10.82
CA MET B 4 -19.04 -19.56 11.29
C MET B 4 -18.50 -18.75 10.11
N ALA B 5 -18.48 -17.43 10.29
CA ALA B 5 -17.86 -16.57 9.29
C ALA B 5 -16.38 -16.90 9.21
N ARG B 6 -15.81 -16.82 8.01
CA ARG B 6 -14.39 -17.07 7.87
C ARG B 6 -13.79 -16.15 6.80
N ILE B 7 -12.47 -16.02 6.87
CA ILE B 7 -11.68 -15.37 5.84
C ILE B 7 -11.07 -16.46 4.99
N LEU B 8 -11.43 -16.49 3.71
CA LEU B 8 -11.00 -17.60 2.86
C LEU B 8 -9.54 -17.46 2.41
N LYS B 9 -9.23 -16.36 1.74
CA LYS B 9 -7.94 -16.18 1.07
C LYS B 9 -7.84 -14.71 0.63
N THR B 10 -6.67 -14.36 0.09
CA THR B 10 -6.47 -13.09 -0.58
C THR B 10 -6.90 -13.20 -2.04
N ALA B 11 -7.60 -12.19 -2.53
CA ALA B 11 -8.11 -12.16 -3.89
C ALA B 11 -7.54 -10.94 -4.59
N TYR B 12 -7.31 -11.07 -5.88
CA TYR B 12 -6.46 -10.14 -6.63
C TYR B 12 -7.25 -9.51 -7.75
N THR B 13 -6.97 -8.24 -8.01
CA THR B 13 -7.47 -7.58 -9.18
C THR B 13 -6.34 -7.51 -10.22
N PHE B 14 -6.67 -6.98 -11.40
CA PHE B 14 -5.71 -6.92 -12.51
C PHE B 14 -4.40 -6.21 -12.10
N ASP B 15 -4.51 -5.10 -11.38
CA ASP B 15 -3.31 -4.34 -11.01
C ASP B 15 -2.41 -5.08 -10.04
N ASP B 16 -2.89 -6.17 -9.42
CA ASP B 16 -2.09 -6.96 -8.50
C ASP B 16 -1.14 -7.93 -9.19
N VAL B 17 -1.38 -8.27 -10.45
CA VAL B 17 -0.63 -9.38 -11.05
C VAL B 17 0.02 -8.95 -12.34
N LEU B 18 1.07 -9.69 -12.70
CA LEU B 18 1.72 -9.57 -13.99
C LEU B 18 1.86 -10.95 -14.62
N LEU B 19 1.79 -11.00 -15.94
CA LEU B 19 2.02 -12.21 -16.70
C LEU B 19 3.50 -12.41 -16.96
N VAL B 20 4.00 -13.60 -16.66
CA VAL B 20 5.41 -13.92 -16.87
C VAL B 20 5.63 -14.23 -18.34
N PRO B 21 6.63 -13.63 -19.00
CA PRO B 21 6.89 -13.94 -20.42
C PRO B 21 7.28 -15.40 -20.59
N ASN B 22 6.83 -16.01 -21.70
CA ASN B 22 7.22 -17.35 -22.12
C ASN B 22 8.15 -17.29 -23.31
N LYS B 23 8.82 -18.42 -23.55
CA LYS B 23 9.43 -18.66 -24.85
C LYS B 23 8.41 -18.42 -25.95
N SER B 24 8.77 -17.58 -26.92
CA SER B 24 7.87 -17.26 -28.02
C SER B 24 8.51 -17.65 -29.34
N GLU B 25 7.70 -18.29 -30.20
CA GLU B 25 8.02 -18.46 -31.61
C GLU B 25 6.98 -17.77 -32.49
N VAL B 26 6.20 -16.85 -31.93
CA VAL B 26 5.14 -16.17 -32.67
C VAL B 26 5.36 -14.67 -32.56
N LEU B 27 5.14 -13.98 -33.65
CA LEU B 27 5.13 -12.54 -33.69
C LEU B 27 3.73 -12.02 -33.38
N PRO B 28 3.66 -10.83 -32.75
CA PRO B 28 2.34 -10.23 -32.46
C PRO B 28 1.41 -10.20 -33.68
N ASN B 29 1.92 -9.89 -34.87
CA ASN B 29 1.06 -9.85 -36.04
C ASN B 29 0.69 -11.24 -36.58
N GLU B 30 1.23 -12.31 -36.00
CA GLU B 30 0.85 -13.66 -36.42
C GLU B 30 -0.24 -14.28 -35.56
N VAL B 31 -0.69 -13.60 -34.49
CA VAL B 31 -1.57 -14.26 -33.53
C VAL B 31 -3.02 -14.17 -34.00
N SER B 32 -3.84 -15.10 -33.52
CA SER B 32 -5.27 -15.12 -33.82
C SER B 32 -6.06 -14.79 -32.55
N LEU B 33 -7.03 -13.89 -32.66
CA LEU B 33 -7.87 -13.46 -31.56
C LEU B 33 -9.28 -14.08 -31.60
N LYS B 34 -9.50 -15.07 -32.45
CA LYS B 34 -10.80 -15.72 -32.54
C LYS B 34 -11.14 -16.42 -31.23
N THR B 35 -12.40 -16.33 -30.83
CA THR B 35 -12.83 -16.88 -29.55
C THR B 35 -14.28 -17.35 -29.71
N GLN B 36 -14.62 -18.39 -28.95
CA GLN B 36 -15.98 -18.89 -28.86
C GLN B 36 -16.70 -18.17 -27.71
N LEU B 37 -17.60 -17.26 -28.06
CA LEU B 37 -18.41 -16.64 -27.01
C LEU B 37 -19.38 -17.65 -26.40
N THR B 38 -20.00 -18.49 -27.23
CA THR B 38 -20.67 -19.70 -26.83
C THR B 38 -20.23 -20.79 -27.81
N LYS B 39 -20.72 -22.02 -27.61
CA LYS B 39 -20.36 -23.09 -28.53
C LYS B 39 -20.78 -22.77 -29.97
N LYS B 40 -21.78 -21.90 -30.14
CA LYS B 40 -22.29 -21.58 -31.47
C LYS B 40 -21.99 -20.17 -31.95
N ILE B 41 -21.41 -19.30 -31.11
CA ILE B 41 -21.11 -17.93 -31.51
C ILE B 41 -19.60 -17.70 -31.42
N GLN B 42 -18.95 -17.47 -32.57
CA GLN B 42 -17.55 -17.13 -32.65
C GLN B 42 -17.38 -15.62 -32.83
N LEU B 43 -16.43 -15.04 -32.09
CA LEU B 43 -16.07 -13.64 -32.28
C LEU B 43 -14.66 -13.56 -32.88
N ASN B 44 -14.46 -12.60 -33.80
CA ASN B 44 -13.14 -12.42 -34.39
C ASN B 44 -12.16 -11.78 -33.41
N ILE B 45 -12.64 -10.90 -32.54
CA ILE B 45 -11.86 -10.34 -31.45
C ILE B 45 -12.68 -10.55 -30.18
N PRO B 46 -12.03 -10.81 -29.05
CA PRO B 46 -12.74 -11.14 -27.80
C PRO B 46 -13.23 -9.94 -26.99
N LEU B 47 -13.92 -9.02 -27.64
CA LEU B 47 -14.35 -7.78 -26.99
C LEU B 47 -15.85 -7.61 -27.10
N MET B 48 -16.46 -7.14 -26.00
CA MET B 48 -17.87 -6.81 -25.95
C MET B 48 -18.07 -5.44 -25.34
N SER B 49 -19.07 -4.70 -25.83
CA SER B 49 -19.46 -3.43 -25.23
C SER B 49 -20.63 -3.64 -24.27
N ALA B 50 -20.58 -2.93 -23.15
CA ALA B 50 -21.49 -3.21 -22.06
C ALA B 50 -22.92 -2.79 -22.40
N SER B 51 -23.88 -3.46 -21.76
CA SER B 51 -25.30 -3.18 -21.99
C SER B 51 -25.75 -2.08 -21.04
N MET B 52 -25.25 -0.87 -21.30
CA MET B 52 -25.61 0.29 -20.52
C MET B 52 -26.12 1.39 -21.41
N ASP B 53 -26.96 2.26 -20.85
CA ASP B 53 -27.60 3.28 -21.66
C ASP B 53 -26.66 4.44 -22.00
N THR B 54 -25.42 4.42 -21.49
CA THR B 54 -24.39 5.34 -21.97
C THR B 54 -23.31 4.62 -22.79
N VAL B 55 -23.54 3.37 -23.19
CA VAL B 55 -22.52 2.62 -23.91
C VAL B 55 -23.04 2.07 -25.23
N THR B 56 -24.06 1.19 -25.20
CA THR B 56 -24.41 0.39 -26.38
C THR B 56 -25.86 0.59 -26.81
N GLU B 57 -26.05 1.19 -27.99
CA GLU B 57 -27.28 1.08 -28.74
C GLU B 57 -26.88 0.63 -30.15
N SER B 58 -27.75 0.86 -31.14
CA SER B 58 -27.52 0.37 -32.51
C SER B 58 -26.16 0.80 -33.02
N LYS B 59 -25.90 2.11 -33.02
CA LYS B 59 -24.65 2.62 -33.58
C LYS B 59 -23.44 1.91 -33.00
N MET B 60 -23.39 1.76 -31.67
CA MET B 60 -22.26 1.09 -31.04
C MET B 60 -22.22 -0.40 -31.39
N ALA B 61 -23.38 -1.07 -31.34
CA ALA B 61 -23.40 -2.50 -31.61
C ALA B 61 -22.98 -2.77 -33.04
N ILE B 62 -23.46 -1.95 -33.99
CA ILE B 62 -23.03 -2.05 -35.37
C ILE B 62 -21.52 -1.90 -35.47
N ALA B 63 -20.99 -0.85 -34.85
CA ALA B 63 -19.56 -0.61 -34.94
C ALA B 63 -18.75 -1.74 -34.30
N MET B 64 -19.21 -2.27 -33.16
CA MET B 64 -18.50 -3.37 -32.49
C MET B 64 -18.46 -4.63 -33.35
N ALA B 65 -19.58 -4.95 -34.01
CA ALA B 65 -19.62 -6.16 -34.83
C ALA B 65 -18.71 -6.01 -36.05
N ARG B 66 -18.72 -4.83 -36.68
CA ARG B 66 -17.83 -4.57 -37.80
C ARG B 66 -16.37 -4.82 -37.44
N GLU B 67 -15.98 -4.50 -36.20
CA GLU B 67 -14.61 -4.72 -35.78
C GLU B 67 -14.32 -6.16 -35.37
N GLY B 68 -15.33 -7.02 -35.32
CA GLY B 68 -15.14 -8.40 -34.94
C GLY B 68 -15.67 -8.77 -33.57
N GLY B 69 -16.15 -7.81 -32.80
CA GLY B 69 -16.71 -8.06 -31.49
C GLY B 69 -18.22 -8.15 -31.52
N ILE B 70 -18.85 -7.71 -30.44
CA ILE B 70 -20.30 -7.72 -30.34
C ILE B 70 -20.70 -6.70 -29.29
N GLY B 71 -21.86 -6.09 -29.49
CA GLY B 71 -22.44 -5.18 -28.52
C GLY B 71 -23.73 -5.78 -27.99
N ILE B 72 -24.06 -5.46 -26.75
CA ILE B 72 -25.27 -5.92 -26.10
C ILE B 72 -26.18 -4.71 -25.94
N ILE B 73 -27.29 -4.67 -26.67
CA ILE B 73 -28.23 -3.56 -26.56
C ILE B 73 -28.82 -3.54 -25.16
N HIS B 74 -28.84 -2.36 -24.55
CA HIS B 74 -29.33 -2.21 -23.18
C HIS B 74 -30.85 -2.21 -23.15
N LYS B 75 -31.41 -2.38 -21.94
CA LYS B 75 -32.84 -2.59 -21.76
C LYS B 75 -33.53 -1.44 -21.04
N ASN B 76 -32.84 -0.32 -20.84
CA ASN B 76 -33.47 0.90 -20.35
C ASN B 76 -34.22 1.59 -21.50
N MET B 77 -35.25 0.88 -21.97
CA MET B 77 -35.85 1.05 -23.29
C MET B 77 -37.18 0.30 -23.28
N THR B 78 -38.19 0.81 -23.99
CA THR B 78 -39.39 0.02 -24.19
C THR B 78 -39.01 -1.30 -24.85
N ILE B 79 -39.82 -2.33 -24.61
CA ILE B 79 -39.64 -3.61 -25.31
C ILE B 79 -39.56 -3.37 -26.81
N GLU B 80 -40.42 -2.49 -27.33
N GLU B 80 -40.44 -2.51 -27.35
CA GLU B 80 -40.50 -2.25 -28.77
CA GLU B 80 -40.49 -2.28 -28.79
C GLU B 80 -39.23 -1.60 -29.31
C GLU B 80 -39.21 -1.62 -29.29
N ASP B 81 -38.76 -0.55 -28.63
CA ASP B 81 -37.55 0.14 -29.05
C ASP B 81 -36.36 -0.81 -29.09
N GLN B 82 -36.24 -1.68 -28.08
CA GLN B 82 -35.11 -2.59 -28.05
C GLN B 82 -35.17 -3.57 -29.22
N ALA B 83 -36.38 -4.01 -29.57
CA ALA B 83 -36.54 -4.84 -30.75
C ALA B 83 -36.08 -4.11 -32.00
N ARG B 84 -36.45 -2.84 -32.14
CA ARG B 84 -36.03 -2.06 -33.31
C ARG B 84 -34.52 -1.85 -33.30
N GLU B 85 -33.92 -1.69 -32.12
CA GLU B 85 -32.48 -1.54 -32.05
C GLU B 85 -31.78 -2.81 -32.52
N VAL B 86 -32.22 -3.97 -32.02
CA VAL B 86 -31.68 -5.23 -32.52
C VAL B 86 -31.88 -5.34 -34.02
N ASP B 87 -33.10 -5.04 -34.48
CA ASP B 87 -33.45 -5.13 -35.89
C ASP B 87 -32.49 -4.36 -36.78
N ARG B 88 -32.13 -3.13 -36.38
CA ARG B 88 -31.21 -2.34 -37.19
C ARG B 88 -29.84 -3.00 -37.28
N VAL B 89 -29.39 -3.68 -36.22
CA VAL B 89 -28.09 -4.34 -36.29
C VAL B 89 -28.13 -5.53 -37.24
N LYS B 90 -29.23 -6.30 -37.19
CA LYS B 90 -29.33 -7.50 -38.03
C LYS B 90 -29.44 -7.14 -39.51
N ARG B 91 -30.20 -6.11 -39.84
CA ARG B 91 -30.35 -5.71 -41.23
C ARG B 91 -29.18 -4.89 -41.73
N SER B 92 -28.21 -4.57 -40.88
CA SER B 92 -27.04 -3.81 -41.30
C SER B 92 -25.91 -4.72 -41.79
N GLY B 93 -26.25 -5.78 -42.50
CA GLY B 93 -25.25 -6.67 -43.05
C GLY B 93 -25.12 -8.01 -42.36
N GLY B 94 -26.09 -8.41 -41.54
CA GLY B 94 -26.01 -9.68 -40.85
C GLY B 94 -25.05 -9.69 -39.68
N LEU B 95 -24.81 -8.52 -39.08
CA LEU B 95 -23.90 -8.42 -37.94
C LEU B 95 -24.46 -9.16 -36.73
N LEU B 96 -23.56 -9.69 -35.92
CA LEU B 96 -23.96 -10.24 -34.63
C LEU B 96 -24.56 -9.14 -33.76
N CYS B 97 -25.47 -9.53 -32.87
CA CYS B 97 -26.13 -8.59 -31.97
C CYS B 97 -26.60 -9.32 -30.73
N GLY B 98 -26.49 -8.66 -29.57
CA GLY B 98 -27.02 -9.20 -28.34
C GLY B 98 -28.01 -8.26 -27.70
N ALA B 99 -28.82 -8.75 -26.77
CA ALA B 99 -29.81 -7.93 -26.10
C ALA B 99 -29.83 -8.26 -24.62
N SER B 100 -29.92 -7.22 -23.79
CA SER B 100 -29.98 -7.38 -22.34
C SER B 100 -31.42 -7.60 -21.88
N ILE B 101 -31.58 -8.50 -20.91
CA ILE B 101 -32.88 -8.86 -20.32
C ILE B 101 -32.72 -8.88 -18.81
N GLY B 102 -33.69 -8.30 -18.11
CA GLY B 102 -33.71 -8.35 -16.66
C GLY B 102 -34.72 -9.39 -16.15
N VAL B 103 -34.70 -9.59 -14.83
CA VAL B 103 -35.66 -10.49 -14.17
C VAL B 103 -36.87 -9.63 -13.82
N THR B 104 -37.81 -9.53 -14.75
CA THR B 104 -38.97 -8.66 -14.63
C THR B 104 -40.23 -9.49 -14.88
N ASN B 105 -41.38 -8.90 -14.55
CA ASN B 105 -42.63 -9.61 -14.83
C ASN B 105 -42.92 -9.70 -16.32
N ASP B 106 -42.32 -8.83 -17.13
CA ASP B 106 -42.46 -8.87 -18.58
C ASP B 106 -41.22 -9.44 -19.28
N MET B 107 -40.38 -10.18 -18.53
CA MET B 107 -39.15 -10.73 -19.09
C MET B 107 -39.41 -11.53 -20.37
N MET B 108 -40.38 -12.44 -20.35
CA MET B 108 -40.62 -13.29 -21.52
C MET B 108 -41.14 -12.49 -22.70
N GLU B 109 -41.90 -11.43 -22.46
CA GLU B 109 -42.38 -10.56 -23.53
C GLU B 109 -41.24 -9.78 -24.17
N ARG B 110 -40.25 -9.37 -23.38
CA ARG B 110 -39.08 -8.71 -23.97
C ARG B 110 -38.26 -9.69 -24.79
N VAL B 111 -38.06 -10.91 -24.29
CA VAL B 111 -37.28 -11.91 -25.02
C VAL B 111 -37.94 -12.26 -26.34
N ASP B 112 -39.27 -12.45 -26.32
CA ASP B 112 -40.02 -12.73 -27.55
C ASP B 112 -39.74 -11.71 -28.63
N ALA B 113 -39.74 -10.42 -28.26
CA ALA B 113 -39.57 -9.36 -29.25
C ALA B 113 -38.16 -9.36 -29.83
N VAL B 114 -37.13 -9.55 -29.01
CA VAL B 114 -35.78 -9.54 -29.58
C VAL B 114 -35.50 -10.83 -30.36
N VAL B 115 -36.10 -11.95 -29.96
CA VAL B 115 -36.02 -13.17 -30.77
C VAL B 115 -36.61 -12.93 -32.15
N LYS B 116 -37.80 -12.29 -32.21
CA LYS B 116 -38.38 -11.95 -33.50
C LYS B 116 -37.48 -11.01 -34.30
N ALA B 117 -36.74 -10.13 -33.61
CA ALA B 117 -35.79 -9.26 -34.30
C ALA B 117 -34.53 -9.99 -34.71
N LYS B 118 -34.42 -11.28 -34.37
CA LYS B 118 -33.32 -12.16 -34.77
C LYS B 118 -32.04 -11.88 -33.99
N VAL B 119 -32.18 -11.48 -32.72
CA VAL B 119 -31.03 -11.32 -31.85
C VAL B 119 -30.28 -12.65 -31.72
N ASP B 120 -28.95 -12.56 -31.71
CA ASP B 120 -28.13 -13.77 -31.66
C ASP B 120 -27.89 -14.30 -30.25
N VAL B 121 -27.89 -13.42 -29.26
CA VAL B 121 -27.68 -13.84 -27.88
C VAL B 121 -28.43 -12.87 -26.99
N ILE B 122 -28.99 -13.37 -25.89
CA ILE B 122 -29.55 -12.50 -24.88
C ILE B 122 -28.69 -12.66 -23.64
N VAL B 123 -28.60 -11.58 -22.89
CA VAL B 123 -27.78 -11.51 -21.69
C VAL B 123 -28.77 -11.23 -20.57
N LEU B 124 -29.08 -12.25 -19.77
CA LEU B 124 -29.91 -12.08 -18.58
C LEU B 124 -28.99 -11.58 -17.49
N ASP B 125 -28.75 -10.28 -17.50
CA ASP B 125 -27.82 -9.66 -16.56
C ASP B 125 -28.61 -8.94 -15.48
N THR B 126 -28.11 -9.06 -14.25
CA THR B 126 -28.74 -8.48 -13.07
C THR B 126 -27.64 -8.29 -12.03
N ALA B 127 -27.98 -7.58 -10.95
CA ALA B 127 -26.95 -7.27 -9.95
C ALA B 127 -26.39 -8.54 -9.35
N HIS B 128 -27.24 -9.52 -9.08
CA HIS B 128 -26.82 -10.74 -8.40
C HIS B 128 -27.30 -11.91 -9.27
N GLY B 129 -26.41 -12.42 -10.12
CA GLY B 129 -26.75 -13.51 -11.03
C GLY B 129 -26.98 -14.84 -10.34
N HIS B 130 -26.40 -15.05 -9.17
CA HIS B 130 -26.50 -16.36 -8.51
C HIS B 130 -27.75 -16.41 -7.63
N SER B 131 -28.90 -16.29 -8.27
CA SER B 131 -30.14 -16.15 -7.55
C SER B 131 -31.22 -17.02 -8.20
N LYS B 132 -32.25 -17.32 -7.41
CA LYS B 132 -33.34 -18.15 -7.93
C LYS B 132 -34.04 -17.48 -9.11
N GLY B 133 -34.28 -16.17 -9.01
CA GLY B 133 -34.89 -15.47 -10.12
C GLY B 133 -34.14 -15.67 -11.42
N VAL B 134 -32.81 -15.55 -11.39
CA VAL B 134 -32.02 -15.71 -12.60
C VAL B 134 -32.05 -17.16 -13.07
N ILE B 135 -31.88 -18.09 -12.13
CA ILE B 135 -31.86 -19.52 -12.46
C ILE B 135 -33.20 -19.94 -13.06
N GLU B 136 -34.31 -19.46 -12.50
CA GLU B 136 -35.61 -19.82 -13.08
C GLU B 136 -35.83 -19.14 -14.43
N GLY B 137 -35.31 -17.92 -14.60
CA GLY B 137 -35.46 -17.23 -15.87
C GLY B 137 -34.71 -17.90 -17.01
N VAL B 138 -33.49 -18.37 -16.74
CA VAL B 138 -32.73 -19.14 -17.73
C VAL B 138 -33.51 -20.40 -18.11
N LYS B 139 -34.03 -21.11 -17.12
CA LYS B 139 -34.77 -22.33 -17.39
C LYS B 139 -35.99 -22.04 -18.25
N ARG B 140 -36.72 -20.95 -17.95
CA ARG B 140 -37.89 -20.60 -18.75
C ARG B 140 -37.50 -20.32 -20.19
N ILE B 141 -36.42 -19.58 -20.41
CA ILE B 141 -36.03 -19.20 -21.76
C ILE B 141 -35.61 -20.42 -22.56
N LYS B 142 -34.72 -21.24 -21.98
CA LYS B 142 -34.27 -22.46 -22.65
C LYS B 142 -35.40 -23.46 -22.89
N ALA B 143 -36.52 -23.34 -22.17
CA ALA B 143 -37.68 -24.20 -22.45
C ALA B 143 -38.43 -23.69 -23.67
N LYS B 144 -38.67 -22.38 -23.73
CA LYS B 144 -39.41 -21.84 -24.87
C LYS B 144 -38.54 -21.76 -26.11
N TYR B 145 -37.24 -21.52 -25.95
CA TYR B 145 -36.30 -21.29 -27.05
C TYR B 145 -35.04 -22.13 -26.84
N PRO B 146 -35.12 -23.44 -27.09
CA PRO B 146 -33.98 -24.31 -26.73
C PRO B 146 -32.69 -23.92 -27.41
N GLU B 147 -32.75 -23.28 -28.58
CA GLU B 147 -31.54 -22.95 -29.33
C GLU B 147 -31.05 -21.53 -29.11
N LEU B 148 -31.83 -20.68 -28.44
CA LEU B 148 -31.41 -19.32 -28.20
C LEU B 148 -30.21 -19.30 -27.24
N GLN B 149 -29.15 -18.62 -27.64
CA GLN B 149 -27.97 -18.52 -26.79
C GLN B 149 -28.25 -17.55 -25.65
N VAL B 150 -27.89 -17.97 -24.44
CA VAL B 150 -28.21 -17.23 -23.23
C VAL B 150 -26.93 -17.08 -22.40
N ILE B 151 -26.55 -15.84 -22.13
CA ILE B 151 -25.50 -15.47 -21.19
C ILE B 151 -26.18 -15.07 -19.88
N ALA B 152 -25.75 -15.63 -18.76
CA ALA B 152 -26.31 -15.27 -17.47
C ALA B 152 -25.25 -14.65 -16.57
N GLY B 153 -25.64 -13.62 -15.81
CA GLY B 153 -24.73 -12.93 -14.92
C GLY B 153 -25.49 -11.90 -14.11
N ASN B 154 -24.75 -11.18 -13.24
CA ASN B 154 -23.31 -11.33 -13.06
C ASN B 154 -23.04 -12.18 -11.81
N ILE B 155 -21.94 -12.93 -11.82
CA ILE B 155 -21.58 -13.87 -10.76
C ILE B 155 -20.11 -13.66 -10.41
N ALA B 156 -19.65 -14.37 -9.38
CA ALA B 156 -18.24 -14.28 -8.99
C ALA B 156 -17.73 -15.55 -8.31
N THR B 157 -18.43 -16.67 -8.36
CA THR B 157 -17.97 -17.88 -7.69
C THR B 157 -18.14 -19.08 -8.61
N PRO B 158 -17.31 -20.11 -8.42
CA PRO B 158 -17.46 -21.34 -9.22
C PRO B 158 -18.79 -22.01 -9.01
N GLU B 159 -19.30 -22.00 -7.78
CA GLU B 159 -20.63 -22.54 -7.50
C GLU B 159 -21.70 -21.86 -8.33
N ALA B 160 -21.53 -20.55 -8.59
CA ALA B 160 -22.51 -19.86 -9.42
C ALA B 160 -22.39 -20.28 -10.88
N VAL B 161 -21.16 -20.54 -11.35
CA VAL B 161 -20.99 -21.08 -12.70
C VAL B 161 -21.76 -22.40 -12.83
N ARG B 162 -21.61 -23.30 -11.85
CA ARG B 162 -22.27 -24.60 -11.93
C ARG B 162 -23.78 -24.46 -11.93
N ASP B 163 -24.32 -23.63 -11.02
CA ASP B 163 -25.78 -23.51 -10.95
C ASP B 163 -26.36 -22.90 -12.22
N LEU B 164 -25.69 -21.90 -12.79
CA LEU B 164 -26.21 -21.32 -14.03
C LEU B 164 -25.97 -22.24 -15.22
N ALA B 165 -24.89 -23.02 -15.21
CA ALA B 165 -24.68 -24.02 -16.25
C ALA B 165 -25.76 -25.10 -16.20
N GLU B 166 -26.13 -25.54 -14.99
CA GLU B 166 -27.18 -26.53 -14.82
C GLU B 166 -28.55 -25.97 -15.21
N ALA B 167 -28.78 -24.68 -15.00
CA ALA B 167 -30.00 -24.06 -15.48
C ALA B 167 -30.07 -23.98 -17.00
N GLY B 168 -28.97 -24.20 -17.70
CA GLY B 168 -28.96 -24.18 -19.16
C GLY B 168 -28.27 -23.01 -19.81
N ALA B 169 -27.53 -22.20 -19.07
CA ALA B 169 -26.82 -21.07 -19.67
C ALA B 169 -25.75 -21.56 -20.63
N ASP B 170 -25.51 -20.78 -21.67
CA ASP B 170 -24.48 -21.10 -22.64
C ASP B 170 -23.17 -20.37 -22.37
N CYS B 171 -23.16 -19.47 -21.38
CA CYS B 171 -22.02 -18.62 -21.04
C CYS B 171 -22.38 -17.84 -19.79
N VAL B 172 -21.42 -17.60 -18.88
CA VAL B 172 -21.71 -16.84 -17.68
C VAL B 172 -20.81 -15.62 -17.64
N LYS B 173 -21.33 -14.55 -17.05
CA LYS B 173 -20.67 -13.26 -17.01
C LYS B 173 -20.19 -12.98 -15.58
N VAL B 174 -18.91 -12.65 -15.45
CA VAL B 174 -18.26 -12.56 -14.14
C VAL B 174 -17.99 -11.08 -13.85
N GLY B 175 -18.34 -10.67 -12.64
CA GLY B 175 -18.05 -9.32 -12.21
C GLY B 175 -19.07 -8.79 -11.23
N ILE B 176 -18.74 -8.85 -9.95
CA ILE B 176 -19.52 -8.20 -8.90
C ILE B 176 -18.63 -7.09 -8.33
N GLY B 177 -18.87 -5.85 -8.75
CA GLY B 177 -18.18 -4.73 -8.16
C GLY B 177 -16.91 -4.15 -8.81
N PRO B 178 -16.39 -4.68 -9.92
CA PRO B 178 -15.14 -4.08 -10.45
C PRO B 178 -15.37 -2.86 -11.33
N GLY B 179 -16.60 -2.53 -11.67
CA GLY B 179 -16.85 -1.51 -12.66
C GLY B 179 -16.40 -0.13 -12.23
N SER B 180 -15.98 0.68 -13.22
CA SER B 180 -15.51 2.03 -12.94
C SER B 180 -16.56 2.86 -12.21
N ILE B 181 -17.84 2.65 -12.55
CA ILE B 181 -18.94 3.46 -12.05
C ILE B 181 -19.71 2.78 -10.91
N CYS B 182 -19.16 1.70 -10.36
CA CYS B 182 -19.88 0.79 -9.47
C CYS B 182 -19.58 1.11 -8.01
N THR B 183 -20.62 1.07 -7.17
CA THR B 183 -20.42 1.24 -5.73
C THR B 183 -20.89 0.04 -4.92
N THR B 184 -21.23 -1.07 -5.60
CA THR B 184 -21.74 -2.28 -4.94
C THR B 184 -20.92 -2.67 -3.72
N ARG B 185 -19.60 -2.79 -3.90
CA ARG B 185 -18.73 -3.24 -2.82
C ARG B 185 -18.71 -2.25 -1.67
N ILE B 186 -19.01 -0.98 -1.93
CA ILE B 186 -18.94 0.04 -0.90
C ILE B 186 -20.26 0.16 -0.14
N VAL B 187 -21.39 0.01 -0.83
CA VAL B 187 -22.69 0.18 -0.18
C VAL B 187 -23.23 -1.13 0.40
N ALA B 188 -22.81 -2.26 -0.14
CA ALA B 188 -23.29 -3.57 0.31
C ALA B 188 -22.18 -4.42 0.90
N GLY B 189 -20.91 -4.07 0.67
CA GLY B 189 -19.81 -4.79 1.26
C GLY B 189 -19.45 -6.07 0.56
N VAL B 190 -19.96 -6.27 -0.66
CA VAL B 190 -19.94 -7.58 -1.30
C VAL B 190 -19.16 -7.50 -2.61
N GLY B 191 -18.40 -8.53 -2.92
CA GLY B 191 -17.76 -8.63 -4.21
C GLY B 191 -16.50 -9.47 -4.13
N VAL B 192 -15.93 -9.74 -5.30
CA VAL B 192 -14.63 -10.41 -5.40
C VAL B 192 -13.70 -9.65 -6.34
N PRO B 193 -12.48 -9.29 -5.93
CA PRO B 193 -11.51 -8.71 -6.87
C PRO B 193 -11.46 -9.49 -8.17
N GLN B 194 -11.43 -8.77 -9.29
CA GLN B 194 -11.94 -9.31 -10.55
C GLN B 194 -11.01 -10.36 -11.16
N LEU B 195 -9.69 -10.23 -11.00
CA LEU B 195 -8.78 -11.21 -11.58
C LEU B 195 -9.01 -12.59 -10.96
N THR B 196 -9.12 -12.62 -9.63
CA THR B 196 -9.37 -13.88 -8.94
C THR B 196 -10.76 -14.43 -9.26
N ALA B 197 -11.76 -13.55 -9.42
CA ALA B 197 -13.10 -14.02 -9.74
C ALA B 197 -13.11 -14.69 -11.10
N VAL B 198 -12.44 -14.07 -12.08
CA VAL B 198 -12.39 -14.62 -13.44
C VAL B 198 -11.62 -15.93 -13.46
N MET B 199 -10.51 -16.00 -12.74
CA MET B 199 -9.70 -17.22 -12.73
C MET B 199 -10.44 -18.38 -12.08
N ASP B 200 -11.04 -18.16 -10.91
CA ASP B 200 -11.75 -19.27 -10.25
C ASP B 200 -13.01 -19.67 -11.01
N CYS B 201 -13.71 -18.70 -11.61
CA CYS B 201 -14.90 -19.06 -12.38
C CYS B 201 -14.53 -19.71 -13.71
N ALA B 202 -13.50 -19.18 -14.39
CA ALA B 202 -13.08 -19.80 -15.64
C ALA B 202 -12.64 -21.24 -15.42
N GLU B 203 -11.97 -21.51 -14.30
CA GLU B 203 -11.54 -22.88 -14.01
C GLU B 203 -12.74 -23.82 -13.92
N GLU B 204 -13.78 -23.40 -13.19
CA GLU B 204 -15.00 -24.19 -13.10
C GLU B 204 -15.70 -24.29 -14.45
N GLY B 205 -15.74 -23.21 -15.22
CA GLY B 205 -16.37 -23.26 -16.52
C GLY B 205 -15.67 -24.21 -17.47
N LYS B 206 -14.34 -24.28 -17.38
CA LYS B 206 -13.58 -25.17 -18.25
C LYS B 206 -13.89 -26.63 -17.92
N LYS B 207 -14.12 -26.95 -16.66
CA LYS B 207 -14.50 -28.31 -16.28
C LYS B 207 -15.84 -28.68 -16.89
N LEU B 208 -16.76 -27.74 -16.93
CA LEU B 208 -18.13 -27.96 -17.40
C LEU B 208 -18.32 -27.64 -18.88
N GLY B 209 -17.33 -27.04 -19.54
CA GLY B 209 -17.51 -26.67 -20.93
C GLY B 209 -18.37 -25.44 -21.16
N ILE B 210 -18.46 -24.52 -20.21
CA ILE B 210 -19.19 -23.28 -20.38
C ILE B 210 -18.19 -22.14 -20.27
N PRO B 211 -18.17 -21.20 -21.22
CA PRO B 211 -17.23 -20.08 -21.12
C PRO B 211 -17.69 -19.02 -20.14
N VAL B 212 -16.75 -18.16 -19.74
CA VAL B 212 -17.02 -17.06 -18.84
C VAL B 212 -16.52 -15.75 -19.45
N ILE B 213 -17.28 -14.67 -19.23
CA ILE B 213 -16.94 -13.32 -19.69
C ILE B 213 -16.39 -12.53 -18.51
N ALA B 214 -15.30 -11.79 -18.73
CA ALA B 214 -14.73 -10.90 -17.71
C ALA B 214 -15.33 -9.52 -17.90
N ASP B 215 -16.25 -9.13 -17.00
CA ASP B 215 -17.09 -7.95 -17.16
C ASP B 215 -16.72 -6.91 -16.09
N GLY B 216 -16.12 -5.81 -16.52
CA GLY B 216 -15.93 -4.67 -15.63
C GLY B 216 -14.50 -4.55 -15.11
N GLY B 217 -14.10 -3.31 -14.84
CA GLY B 217 -12.83 -3.06 -14.21
C GLY B 217 -11.63 -3.02 -15.13
N LEU B 218 -11.83 -3.11 -16.43
CA LEU B 218 -10.73 -3.06 -17.38
C LEU B 218 -10.43 -1.61 -17.74
N LYS B 219 -9.16 -1.22 -17.61
CA LYS B 219 -8.76 0.14 -17.91
C LYS B 219 -7.73 0.24 -19.01
N TYR B 220 -6.79 -0.69 -19.09
CA TYR B 220 -5.72 -0.66 -20.08
C TYR B 220 -5.78 -1.93 -20.92
N SER B 221 -5.15 -1.90 -22.11
CA SER B 221 -5.18 -3.10 -22.95
C SER B 221 -4.54 -4.30 -22.26
N GLY B 222 -3.53 -4.05 -21.41
CA GLY B 222 -2.88 -5.14 -20.69
C GLY B 222 -3.79 -5.84 -19.69
N ASP B 223 -4.81 -5.13 -19.19
CA ASP B 223 -5.80 -5.78 -18.32
C ASP B 223 -6.58 -6.83 -19.10
N ILE B 224 -6.87 -6.57 -20.38
CA ILE B 224 -7.60 -7.56 -21.16
C ILE B 224 -6.77 -8.82 -21.33
N VAL B 225 -5.46 -8.66 -21.58
CA VAL B 225 -4.58 -9.81 -21.70
C VAL B 225 -4.64 -10.66 -20.44
N LYS B 226 -4.63 -10.03 -19.27
CA LYS B 226 -4.67 -10.78 -18.02
C LYS B 226 -5.98 -11.54 -17.87
N ALA B 227 -7.11 -10.89 -18.23
CA ALA B 227 -8.41 -11.56 -18.13
C ALA B 227 -8.49 -12.74 -19.10
N LEU B 228 -8.02 -12.57 -20.35
CA LEU B 228 -8.02 -13.69 -21.27
C LEU B 228 -7.09 -14.80 -20.79
N ALA B 229 -5.94 -14.42 -20.25
CA ALA B 229 -5.00 -15.42 -19.76
C ALA B 229 -5.54 -16.16 -18.54
N ALA B 230 -6.38 -15.51 -17.73
CA ALA B 230 -7.01 -16.19 -16.60
C ALA B 230 -8.15 -17.10 -17.01
N GLY B 231 -8.50 -17.17 -18.29
CA GLY B 231 -9.48 -18.13 -18.79
C GLY B 231 -10.75 -17.52 -19.34
N ALA B 232 -10.95 -16.20 -19.30
CA ALA B 232 -12.15 -15.65 -19.89
C ALA B 232 -12.14 -15.83 -21.42
N CYS B 233 -13.32 -16.07 -22.00
CA CYS B 233 -13.43 -16.17 -23.45
C CYS B 233 -13.52 -14.80 -24.11
N ALA B 234 -13.95 -13.78 -23.37
CA ALA B 234 -14.17 -12.45 -23.89
C ALA B 234 -14.15 -11.48 -22.73
N ALA B 235 -13.95 -10.21 -23.05
CA ALA B 235 -13.93 -9.15 -22.07
C ALA B 235 -15.01 -8.13 -22.41
N MET B 236 -15.69 -7.64 -21.39
CA MET B 236 -16.75 -6.67 -21.55
C MET B 236 -16.33 -5.36 -20.92
N MET B 237 -16.51 -4.26 -21.64
CA MET B 237 -16.04 -2.96 -21.21
C MET B 237 -17.14 -1.92 -21.37
N GLY B 238 -17.28 -1.08 -20.35
CA GLY B 238 -18.13 0.09 -20.47
C GLY B 238 -17.29 1.34 -20.62
N SER B 239 -16.48 1.62 -19.62
CA SER B 239 -15.70 2.86 -19.56
C SER B 239 -14.84 3.05 -20.81
N ILE B 240 -14.11 2.02 -21.22
CA ILE B 240 -13.22 2.12 -22.37
C ILE B 240 -13.99 2.54 -23.63
N PHE B 241 -15.27 2.18 -23.74
CA PHE B 241 -16.04 2.47 -24.95
C PHE B 241 -16.98 3.67 -24.79
N ALA B 242 -17.25 4.12 -23.57
CA ALA B 242 -18.27 5.17 -23.37
C ALA B 242 -17.88 6.50 -23.99
N GLY B 243 -16.59 6.76 -24.16
CA GLY B 243 -16.20 8.02 -24.78
C GLY B 243 -16.13 8.00 -26.27
N CYS B 244 -16.41 6.85 -26.88
CA CYS B 244 -16.28 6.77 -28.32
C CYS B 244 -17.46 7.44 -29.00
N GLU B 245 -17.24 7.87 -30.24
CA GLU B 245 -18.24 8.60 -30.98
C GLU B 245 -19.52 7.79 -31.16
N GLU B 246 -19.40 6.46 -31.19
CA GLU B 246 -20.54 5.58 -31.44
C GLU B 246 -21.35 5.29 -30.18
N ALA B 247 -20.86 5.68 -29.01
CA ALA B 247 -21.68 5.52 -27.82
C ALA B 247 -22.75 6.60 -27.80
N PRO B 248 -23.88 6.34 -27.14
CA PRO B 248 -24.93 7.36 -27.07
C PRO B 248 -24.48 8.56 -26.26
N GLY B 249 -25.15 9.69 -26.49
CA GLY B 249 -24.87 10.92 -25.76
C GLY B 249 -24.07 11.92 -26.56
N ALA B 250 -24.37 13.21 -26.40
CA ALA B 250 -23.69 14.23 -27.18
C ALA B 250 -22.33 14.56 -26.57
N ILE B 251 -21.51 15.28 -27.34
CA ILE B 251 -20.15 15.60 -26.93
C ILE B 251 -20.19 16.93 -26.17
N GLU B 252 -19.87 16.89 -24.88
CA GLU B 252 -19.89 18.06 -24.02
C GLU B 252 -18.49 18.62 -23.89
N ILE B 253 -18.38 19.95 -23.94
CA ILE B 253 -17.10 20.65 -23.91
C ILE B 253 -17.07 21.56 -22.68
N TYR B 254 -16.06 21.37 -21.83
CA TYR B 254 -15.91 22.17 -20.62
C TYR B 254 -14.43 22.51 -20.45
N GLN B 255 -14.08 23.78 -20.67
CA GLN B 255 -12.72 24.29 -20.46
C GLN B 255 -11.69 23.56 -21.33
N GLY B 256 -11.96 23.54 -22.64
CA GLY B 256 -11.04 23.00 -23.61
C GLY B 256 -11.00 21.48 -23.73
N ARG B 257 -11.63 20.74 -22.82
CA ARG B 257 -11.69 19.29 -22.93
C ARG B 257 -13.09 18.86 -23.35
N SER B 258 -13.16 17.70 -24.00
CA SER B 258 -14.39 17.16 -24.52
C SER B 258 -14.76 15.92 -23.74
N TYR B 259 -16.03 15.83 -23.34
CA TYR B 259 -16.49 14.78 -22.44
C TYR B 259 -17.73 14.10 -23.01
N LYS B 260 -17.92 12.85 -22.62
CA LYS B 260 -19.21 12.19 -22.78
C LYS B 260 -19.69 11.69 -21.42
N VAL B 261 -21.01 11.60 -21.26
CA VAL B 261 -21.61 11.11 -20.03
C VAL B 261 -21.44 9.61 -19.92
N TYR B 262 -21.15 9.15 -18.71
CA TYR B 262 -21.05 7.73 -18.40
C TYR B 262 -21.60 7.52 -17.00
N ARG B 263 -22.48 6.52 -16.83
CA ARG B 263 -23.12 6.32 -15.54
C ARG B 263 -23.48 4.85 -15.34
N GLY B 264 -23.48 4.44 -14.07
CA GLY B 264 -23.92 3.09 -13.76
C GLY B 264 -25.39 2.90 -14.04
N MET B 265 -25.75 1.69 -14.46
CA MET B 265 -27.16 1.36 -14.61
C MET B 265 -27.85 1.32 -13.25
N GLY B 266 -27.11 1.20 -12.16
CA GLY B 266 -27.67 1.24 -10.82
C GLY B 266 -27.56 2.61 -10.18
N SER B 267 -27.28 3.63 -10.98
CA SER B 267 -27.24 4.99 -10.49
C SER B 267 -28.63 5.61 -10.50
N LEU B 268 -28.80 6.66 -9.71
CA LEU B 268 -30.11 7.33 -9.60
C LEU B 268 -30.61 7.81 -10.95
N GLY B 269 -29.75 8.46 -11.72
CA GLY B 269 -30.17 8.93 -13.03
C GLY B 269 -30.64 7.80 -13.94
N ALA B 270 -29.88 6.71 -14.00
CA ALA B 270 -30.24 5.63 -14.91
C ALA B 270 -31.54 4.94 -14.48
N MET B 271 -31.84 4.96 -13.19
CA MET B 271 -33.04 4.31 -12.72
C MET B 271 -34.27 5.20 -12.80
N ALA B 272 -34.12 6.52 -12.84
CA ALA B 272 -35.29 7.37 -13.03
C ALA B 272 -35.83 7.28 -14.46
N LYS B 273 -34.95 7.11 -15.44
CA LYS B 273 -35.36 7.05 -16.84
C LYS B 273 -36.36 5.92 -17.10
N PHE B 287 -35.24 1.24 -3.34
CA PHE B 287 -33.86 0.97 -3.77
C PHE B 287 -32.87 2.00 -3.22
N VAL B 288 -31.61 1.60 -3.08
CA VAL B 288 -30.54 2.59 -2.92
C VAL B 288 -29.59 2.38 -4.10
N PRO B 289 -28.92 3.42 -4.60
CA PRO B 289 -28.08 3.23 -5.80
C PRO B 289 -26.85 2.36 -5.52
N GLU B 290 -26.35 1.76 -6.60
CA GLU B 290 -25.09 1.01 -6.58
C GLU B 290 -24.19 1.44 -7.73
N GLY B 291 -24.40 2.65 -8.26
CA GLY B 291 -23.55 3.23 -9.26
C GLY B 291 -23.49 4.73 -9.09
N VAL B 292 -22.59 5.35 -9.85
CA VAL B 292 -22.43 6.80 -9.87
C VAL B 292 -22.61 7.29 -11.31
N GLU B 293 -22.78 8.60 -11.44
CA GLU B 293 -22.92 9.26 -12.72
C GLU B 293 -21.82 10.32 -12.87
N GLY B 294 -21.24 10.39 -14.06
CA GLY B 294 -20.23 11.39 -14.34
C GLY B 294 -19.91 11.57 -15.81
N ARG B 295 -18.68 12.02 -16.08
CA ARG B 295 -18.19 12.23 -17.43
C ARG B 295 -16.84 11.55 -17.57
N ILE B 296 -16.51 11.17 -18.80
CA ILE B 296 -15.21 10.63 -19.17
C ILE B 296 -14.78 11.30 -20.47
N ALA B 297 -13.50 11.18 -20.79
CA ALA B 297 -12.97 11.90 -21.95
C ALA B 297 -13.55 11.37 -23.26
N TYR B 298 -13.84 12.28 -24.19
CA TYR B 298 -14.19 11.88 -25.55
C TYR B 298 -12.95 11.30 -26.23
N LYS B 299 -13.12 10.15 -26.89
N LYS B 299 -13.11 10.16 -26.89
CA LYS B 299 -12.00 9.41 -27.46
CA LYS B 299 -11.99 9.43 -27.45
C LYS B 299 -12.00 9.31 -28.97
C LYS B 299 -12.00 9.33 -28.97
N GLY B 300 -12.93 9.97 -29.66
CA GLY B 300 -13.02 9.81 -31.10
C GLY B 300 -13.70 8.50 -31.46
N HIS B 301 -13.35 7.97 -32.63
CA HIS B 301 -14.07 6.82 -33.18
C HIS B 301 -13.66 5.51 -32.52
N LEU B 302 -14.62 4.58 -32.47
CA LEU B 302 -14.37 3.28 -31.87
C LEU B 302 -13.17 2.58 -32.51
N ALA B 303 -13.06 2.65 -33.84
CA ALA B 303 -11.99 1.95 -34.56
C ALA B 303 -10.61 2.25 -33.98
N ASP B 304 -10.39 3.49 -33.56
CA ASP B 304 -9.07 3.90 -33.08
C ASP B 304 -8.76 3.29 -31.71
N THR B 305 -9.77 3.21 -30.83
CA THR B 305 -9.56 2.57 -29.54
C THR B 305 -9.31 1.07 -29.71
N ILE B 306 -10.15 0.41 -30.52
CA ILE B 306 -10.02 -1.03 -30.72
C ILE B 306 -8.65 -1.37 -31.31
N TYR B 307 -8.20 -0.59 -32.29
CA TYR B 307 -6.86 -0.78 -32.82
C TYR B 307 -5.83 -0.85 -31.70
N GLN B 308 -5.85 0.12 -30.78
CA GLN B 308 -4.90 0.12 -29.68
C GLN B 308 -5.10 -1.10 -28.78
N LEU B 309 -6.36 -1.46 -28.52
CA LEU B 309 -6.63 -2.62 -27.66
C LEU B 309 -6.09 -3.90 -28.28
N ILE B 310 -6.43 -4.14 -29.53
CA ILE B 310 -5.99 -5.33 -30.25
C ILE B 310 -4.47 -5.38 -30.34
N GLY B 311 -3.84 -4.24 -30.63
CA GLY B 311 -2.38 -4.20 -30.65
C GLY B 311 -1.77 -4.58 -29.31
N GLY B 312 -2.32 -4.04 -28.22
CA GLY B 312 -1.87 -4.46 -26.90
C GLY B 312 -2.06 -5.95 -26.69
N ILE B 313 -3.23 -6.47 -27.08
CA ILE B 313 -3.49 -7.89 -26.86
C ILE B 313 -2.53 -8.74 -27.67
N LYS B 314 -2.29 -8.36 -28.92
CA LYS B 314 -1.38 -9.13 -29.76
C LYS B 314 0.05 -9.08 -29.21
N SER B 315 0.46 -7.92 -28.70
CA SER B 315 1.79 -7.82 -28.11
C SER B 315 1.90 -8.76 -26.91
N GLY B 316 0.88 -8.76 -26.06
CA GLY B 316 0.90 -9.64 -24.91
C GLY B 316 0.98 -11.10 -25.29
N MET B 317 0.22 -11.52 -26.30
N MET B 317 0.21 -11.51 -26.30
CA MET B 317 0.30 -12.93 -26.69
CA MET B 317 0.26 -12.90 -26.76
C MET B 317 1.59 -13.24 -27.43
C MET B 317 1.61 -13.22 -27.35
N GLY B 318 2.23 -12.25 -28.04
CA GLY B 318 3.59 -12.44 -28.51
C GLY B 318 4.57 -12.72 -27.39
N TYR B 319 4.48 -11.95 -26.29
CA TYR B 319 5.33 -12.14 -25.13
C TYR B 319 5.09 -13.49 -24.46
N LEU B 320 3.88 -14.02 -24.57
CA LEU B 320 3.58 -15.29 -23.93
C LEU B 320 3.67 -16.47 -24.89
N GLY B 321 4.10 -16.24 -26.13
CA GLY B 321 4.29 -17.36 -27.04
C GLY B 321 3.00 -18.00 -27.52
N ALA B 322 1.89 -17.28 -27.42
CA ALA B 322 0.57 -17.84 -27.68
C ALA B 322 0.08 -17.47 -29.07
N PRO B 323 0.03 -18.41 -30.03
CA PRO B 323 -0.62 -18.08 -31.31
C PRO B 323 -2.14 -18.03 -31.26
N THR B 324 -2.76 -18.50 -30.17
CA THR B 324 -4.21 -18.56 -30.06
C THR B 324 -4.60 -18.28 -28.62
N LEU B 325 -5.88 -17.99 -28.41
CA LEU B 325 -6.33 -17.64 -27.06
C LEU B 325 -6.35 -18.85 -26.13
N GLU B 326 -6.60 -20.05 -26.67
N GLU B 326 -6.62 -20.04 -26.68
CA GLU B 326 -6.55 -21.24 -25.81
CA GLU B 326 -6.55 -21.26 -25.88
C GLU B 326 -5.11 -21.57 -25.42
C GLU B 326 -5.12 -21.53 -25.42
N ASN B 327 -4.17 -21.43 -26.35
CA ASN B 327 -2.78 -21.60 -25.99
C ASN B 327 -2.33 -20.59 -24.94
N LEU B 328 -2.89 -19.37 -24.97
CA LEU B 328 -2.53 -18.36 -23.98
C LEU B 328 -2.96 -18.76 -22.57
N TYR B 329 -4.19 -19.27 -22.44
CA TYR B 329 -4.68 -19.70 -21.12
C TYR B 329 -3.91 -20.91 -20.61
N GLU B 330 -3.60 -21.87 -21.50
CA GLU B 330 -2.93 -23.10 -21.10
C GLU B 330 -1.53 -22.86 -20.51
N ASN B 331 -0.85 -21.79 -20.94
CA ASN B 331 0.57 -21.60 -20.61
C ASN B 331 0.82 -20.34 -19.80
N ALA B 332 -0.22 -19.66 -19.36
CA ALA B 332 -0.06 -18.39 -18.67
C ALA B 332 0.33 -18.62 -17.22
N ASN B 333 1.34 -17.90 -16.77
CA ASN B 333 1.74 -17.88 -15.37
C ASN B 333 1.78 -16.44 -14.90
N PHE B 334 1.24 -16.22 -13.71
CA PHE B 334 1.10 -14.90 -13.11
C PHE B 334 2.07 -14.78 -11.95
N VAL B 335 2.58 -13.57 -11.73
CA VAL B 335 3.15 -13.24 -10.43
C VAL B 335 2.34 -12.09 -9.83
N VAL B 336 2.31 -12.05 -8.50
CA VAL B 336 1.74 -10.94 -7.71
C VAL B 336 2.80 -9.85 -7.54
N GLN B 337 2.41 -8.60 -7.72
CA GLN B 337 3.30 -7.48 -7.47
C GLN B 337 2.71 -6.64 -6.35
N THR B 338 3.59 -5.98 -5.60
CA THR B 338 3.17 -5.07 -4.54
C THR B 338 2.85 -3.70 -5.14
N SER B 339 2.44 -2.76 -4.27
N SER B 339 2.46 -2.76 -4.26
CA SER B 339 2.25 -1.39 -4.71
CA SER B 339 2.25 -1.39 -4.71
C SER B 339 3.54 -0.78 -5.22
C SER B 339 3.54 -0.75 -5.19
N ALA B 340 4.68 -1.16 -4.62
CA ALA B 340 5.96 -0.69 -5.16
C ALA B 340 6.19 -1.27 -6.55
N GLY B 341 5.85 -2.54 -6.75
CA GLY B 341 5.95 -3.11 -8.08
C GLY B 341 5.03 -2.44 -9.07
N PHE B 342 3.82 -2.06 -8.61
CA PHE B 342 2.87 -1.35 -9.46
C PHE B 342 3.44 -0.01 -9.89
N ARG B 343 4.10 0.69 -8.96
CA ARG B 343 4.76 1.96 -9.26
C ARG B 343 5.84 1.78 -10.32
N GLU B 344 6.60 0.69 -10.24
CA GLU B 344 7.60 0.40 -11.27
C GLU B 344 6.97 0.05 -12.62
N SER B 345 5.81 -0.62 -12.59
CA SER B 345 5.20 -1.08 -13.84
C SER B 345 4.72 0.08 -14.69
N HIS B 346 4.16 1.11 -14.07
CA HIS B 346 3.81 2.34 -14.78
C HIS B 346 5.07 3.14 -15.09
N PRO B 347 5.02 4.01 -16.09
CA PRO B 347 6.11 4.98 -16.26
C PRO B 347 6.30 5.74 -14.96
N HIS B 348 7.56 6.00 -14.63
CA HIS B 348 7.88 6.65 -13.36
C HIS B 348 9.10 7.54 -13.54
N ASP B 349 9.18 8.57 -12.69
CA ASP B 349 10.32 9.49 -12.65
C ASP B 349 10.55 10.15 -14.01
N ILE B 350 9.47 10.53 -14.67
CA ILE B 350 9.52 11.14 -16.00
C ILE B 350 8.41 12.15 -16.08
N ASN B 351 8.68 13.30 -16.71
CA ASN B 351 7.66 14.28 -17.02
C ASN B 351 7.16 13.99 -18.43
N ILE B 352 6.06 13.24 -18.55
CA ILE B 352 5.51 12.90 -19.86
C ILE B 352 4.97 14.17 -20.51
N THR B 353 5.53 14.52 -21.67
CA THR B 353 5.12 15.74 -22.37
C THR B 353 4.48 15.48 -23.73
N LYS B 354 4.23 14.23 -24.09
CA LYS B 354 3.56 13.89 -25.33
C LYS B 354 2.57 12.77 -25.04
N GLU B 355 1.41 12.87 -25.66
N GLU B 355 1.39 12.86 -25.63
CA GLU B 355 0.38 11.85 -25.48
CA GLU B 355 0.34 11.88 -25.35
C GLU B 355 0.83 10.53 -26.09
C GLU B 355 0.62 10.58 -26.10
N ALA B 356 0.54 9.45 -25.39
CA ALA B 356 0.62 8.14 -26.01
C ALA B 356 -0.79 7.65 -26.32
N PRO B 357 -1.03 7.01 -27.48
CA PRO B 357 -2.41 6.64 -27.82
C PRO B 357 -2.97 5.48 -27.01
N ASN B 358 -2.14 4.77 -26.23
CA ASN B 358 -2.60 3.64 -25.43
C ASN B 358 -2.21 3.76 -23.96
N TYR B 359 -1.78 4.94 -23.50
CA TYR B 359 -1.44 5.15 -22.10
C TYR B 359 -1.88 6.54 -21.69
N SER B 360 -2.59 6.63 -20.57
CA SER B 360 -2.98 7.92 -20.01
C SER B 360 -2.78 7.89 -18.51
N VAL B 361 -2.59 9.08 -17.94
CA VAL B 361 -2.22 9.22 -16.53
C VAL B 361 -3.43 9.49 -15.64
N ALA C 5 22.56 -15.49 -2.05
CA ALA C 5 21.76 -14.29 -1.85
C ALA C 5 20.28 -14.61 -1.85
N ARG C 6 19.63 -14.52 -0.68
CA ARG C 6 18.23 -14.90 -0.55
C ARG C 6 17.46 -13.88 0.29
N ILE C 7 16.13 -14.05 0.28
CA ILE C 7 15.20 -13.20 1.04
C ILE C 7 14.88 -13.91 2.35
N LEU C 8 15.04 -13.19 3.47
CA LEU C 8 14.88 -13.83 4.78
C LEU C 8 13.42 -13.89 5.20
N LYS C 9 12.79 -12.72 5.34
CA LYS C 9 11.42 -12.62 5.80
C LYS C 9 10.96 -11.20 5.49
N THR C 10 9.70 -10.93 5.79
CA THR C 10 9.23 -9.55 5.88
C THR C 10 9.68 -8.96 7.20
N ALA C 11 10.15 -7.72 7.17
CA ALA C 11 10.51 -6.99 8.38
C ALA C 11 9.59 -5.79 8.55
N TYR C 12 9.27 -5.47 9.80
CA TYR C 12 8.25 -4.50 10.12
C TYR C 12 8.86 -3.29 10.81
N THR C 13 8.26 -2.13 10.56
CA THR C 13 8.50 -0.94 11.33
C THR C 13 7.30 -0.66 12.22
N PHE C 14 7.35 0.46 12.94
CA PHE C 14 6.37 0.72 14.00
C PHE C 14 4.96 0.83 13.44
N ASP C 15 4.79 1.57 12.34
CA ASP C 15 3.47 1.76 11.74
C ASP C 15 2.87 0.46 11.21
N ASP C 16 3.67 -0.60 11.05
CA ASP C 16 3.18 -1.91 10.63
C ASP C 16 2.47 -2.70 11.72
N VAL C 17 2.60 -2.32 13.00
CA VAL C 17 2.16 -3.17 14.08
C VAL C 17 1.38 -2.35 15.10
N LEU C 18 0.53 -3.06 15.85
CA LEU C 18 -0.18 -2.51 16.98
C LEU C 18 -0.06 -3.49 18.13
N LEU C 19 -0.15 -2.96 19.36
CA LEU C 19 -0.13 -3.78 20.56
C LEU C 19 -1.54 -4.18 20.97
N VAL C 20 -1.71 -5.43 21.33
CA VAL C 20 -3.00 -5.93 21.78
C VAL C 20 -3.18 -5.57 23.25
N PRO C 21 -4.33 -5.00 23.65
CA PRO C 21 -4.59 -4.78 25.08
C PRO C 21 -4.54 -6.08 25.89
N ASN C 22 -4.08 -5.96 27.13
CA ASN C 22 -4.16 -7.06 28.09
C ASN C 22 -5.17 -6.71 29.18
N LYS C 23 -5.55 -7.73 29.96
CA LYS C 23 -6.21 -7.46 31.22
C LYS C 23 -5.31 -6.58 32.08
N SER C 24 -5.89 -5.55 32.69
CA SER C 24 -5.13 -4.56 33.42
C SER C 24 -5.71 -4.39 34.83
N GLU C 25 -4.82 -4.35 35.82
CA GLU C 25 -5.18 -3.99 37.18
C GLU C 25 -4.45 -2.72 37.63
N VAL C 26 -3.87 -1.98 36.70
CA VAL C 26 -3.06 -0.81 37.01
C VAL C 26 -3.57 0.36 36.18
N LEU C 27 -3.65 1.57 36.82
CA LEU C 27 -4.01 2.80 36.14
C LEU C 27 -2.74 3.46 35.58
N PRO C 28 -2.87 4.22 34.48
CA PRO C 28 -1.67 4.85 33.91
C PRO C 28 -0.88 5.70 34.89
N ASN C 29 -1.55 6.35 35.85
CA ASN C 29 -0.81 7.16 36.83
C ASN C 29 -0.08 6.32 37.87
N GLU C 30 -0.22 4.99 37.85
CA GLU C 30 0.46 4.14 38.81
C GLU C 30 1.69 3.44 38.25
N VAL C 31 1.89 3.41 36.93
CA VAL C 31 3.02 2.67 36.38
C VAL C 31 4.33 3.42 36.67
N SER C 32 5.42 2.67 36.59
CA SER C 32 6.76 3.20 36.81
C SER C 32 7.54 3.13 35.52
N LEU C 33 8.17 4.24 35.15
CA LEU C 33 8.93 4.35 33.90
C LEU C 33 10.43 4.16 34.09
N LYS C 34 10.87 3.66 35.25
CA LYS C 34 12.30 3.42 35.45
C LYS C 34 12.83 2.34 34.52
N THR C 35 14.04 2.55 34.02
CA THR C 35 14.73 1.57 33.18
C THR C 35 16.21 1.57 33.51
N GLN C 36 16.86 0.42 33.27
CA GLN C 36 18.31 0.32 33.37
C GLN C 36 18.91 0.58 32.00
N LEU C 37 19.55 1.75 31.83
CA LEU C 37 20.22 2.05 30.58
C LEU C 37 21.42 1.14 30.39
N THR C 38 22.19 0.95 31.44
CA THR C 38 23.18 -0.11 31.56
C THR C 38 23.01 -0.74 32.94
N LYS C 39 23.87 -1.70 33.28
CA LYS C 39 23.79 -2.28 34.61
C LYS C 39 23.99 -1.23 35.69
N LYS C 40 24.75 -0.18 35.39
CA LYS C 40 25.14 0.82 36.38
C LYS C 40 24.33 2.10 36.32
N ILE C 41 23.60 2.34 35.24
CA ILE C 41 22.95 3.62 35.01
C ILE C 41 21.44 3.40 34.97
N GLN C 42 20.73 4.01 35.92
CA GLN C 42 19.28 3.99 35.91
C GLN C 42 18.77 5.33 35.40
N LEU C 43 17.76 5.29 34.52
CA LEU C 43 17.04 6.47 34.12
C LEU C 43 15.64 6.45 34.74
N ASN C 44 15.11 7.63 35.06
CA ASN C 44 13.75 7.67 35.60
C ASN C 44 12.70 7.59 34.51
N ILE C 45 13.02 8.04 33.30
CA ILE C 45 12.18 7.81 32.12
C ILE C 45 13.07 7.30 30.99
N PRO C 46 12.55 6.46 30.09
CA PRO C 46 13.41 5.75 29.14
C PRO C 46 13.62 6.50 27.83
N LEU C 47 14.00 7.78 27.92
CA LEU C 47 14.11 8.65 26.75
C LEU C 47 15.49 9.29 26.68
N MET C 48 16.04 9.35 25.47
CA MET C 48 17.37 9.89 25.20
C MET C 48 17.28 10.87 24.06
N SER C 49 18.04 11.97 24.13
CA SER C 49 18.11 12.87 23.00
C SER C 49 19.32 12.50 22.14
N ALA C 50 19.16 12.65 20.83
CA ALA C 50 20.14 12.16 19.88
C ALA C 50 21.43 12.98 19.92
N SER C 51 22.54 12.32 19.60
N SER C 51 22.55 12.32 19.66
CA SER C 51 23.87 12.92 19.62
CA SER C 51 23.85 12.97 19.66
C SER C 51 24.11 13.65 18.29
C SER C 51 24.08 13.64 18.30
N MET C 52 23.38 14.74 18.10
CA MET C 52 23.39 15.45 16.83
C MET C 52 23.50 16.95 17.05
N ASP C 53 24.17 17.61 16.10
CA ASP C 53 24.55 19.00 16.33
C ASP C 53 23.36 19.95 16.19
N THR C 54 22.18 19.43 15.84
CA THR C 54 20.95 20.19 15.90
C THR C 54 20.01 19.67 16.99
N VAL C 55 20.50 18.80 17.89
CA VAL C 55 19.65 18.26 18.94
C VAL C 55 20.24 18.46 20.33
N THR C 56 21.44 17.94 20.61
CA THR C 56 21.93 17.88 21.98
C THR C 56 23.28 18.58 22.18
N GLU C 57 23.26 19.74 22.82
CA GLU C 57 24.45 20.25 23.50
C GLU C 57 24.09 20.34 24.98
N SER C 58 24.84 21.10 25.78
CA SER C 58 24.64 21.00 27.23
C SER C 58 23.24 21.43 27.64
N LYS C 59 22.70 22.47 27.02
CA LYS C 59 21.36 22.97 27.35
C LYS C 59 20.33 21.85 27.25
N MET C 60 20.33 21.13 26.12
CA MET C 60 19.44 19.99 25.94
C MET C 60 19.74 18.88 26.94
N ALA C 61 21.02 18.55 27.12
CA ALA C 61 21.37 17.46 28.05
C ALA C 61 20.97 17.79 29.47
N ILE C 62 21.07 19.06 29.87
CA ILE C 62 20.68 19.43 31.23
C ILE C 62 19.17 19.28 31.41
N ALA C 63 18.39 19.74 30.43
CA ALA C 63 16.94 19.60 30.52
C ALA C 63 16.52 18.13 30.45
N MET C 64 17.08 17.36 29.52
CA MET C 64 16.74 15.93 29.47
C MET C 64 17.00 15.25 30.80
N ALA C 65 18.09 15.61 31.47
CA ALA C 65 18.43 14.88 32.69
C ALA C 65 17.53 15.31 33.84
N ARG C 66 17.17 16.60 33.88
CA ARG C 66 16.23 17.07 34.89
C ARG C 66 14.85 16.45 34.71
N GLU C 67 14.50 16.08 33.47
CA GLU C 67 13.23 15.42 33.20
C GLU C 67 13.25 13.95 33.54
N GLY C 68 14.43 13.37 33.84
CA GLY C 68 14.57 11.97 34.14
C GLY C 68 15.24 11.15 33.03
N GLY C 69 15.58 11.77 31.92
CA GLY C 69 16.22 11.08 30.83
C GLY C 69 17.70 11.38 30.79
N ILE C 70 18.27 11.36 29.58
CA ILE C 70 19.68 11.68 29.39
C ILE C 70 19.86 12.20 27.98
N GLY C 71 20.85 13.07 27.80
CA GLY C 71 21.23 13.53 26.48
C GLY C 71 22.66 13.09 26.20
N ILE C 72 22.94 12.87 24.92
CA ILE C 72 24.29 12.50 24.48
C ILE C 72 24.87 13.70 23.71
N ILE C 73 25.90 14.34 24.28
CA ILE C 73 26.55 15.49 23.64
C ILE C 73 27.22 15.04 22.35
N HIS C 74 26.92 15.74 21.26
CA HIS C 74 27.45 15.33 19.96
C HIS C 74 28.94 15.65 19.89
N LYS C 75 29.60 15.07 18.88
CA LYS C 75 31.04 15.20 18.75
C LYS C 75 31.44 16.02 17.52
N ASN C 76 30.52 16.82 16.97
CA ASN C 76 30.86 17.75 15.89
C ASN C 76 31.41 19.02 16.52
N MET C 77 32.40 18.86 17.38
CA MET C 77 33.04 19.94 18.13
C MET C 77 34.48 19.51 18.34
N THR C 78 35.32 20.47 18.74
CA THR C 78 36.64 20.10 19.19
C THR C 78 36.54 19.24 20.45
N ILE C 79 37.61 18.50 20.72
CA ILE C 79 37.69 17.68 21.92
C ILE C 79 37.52 18.56 23.16
N GLU C 80 38.17 19.73 23.18
N GLU C 80 38.16 19.72 23.18
CA GLU C 80 38.05 20.62 24.34
CA GLU C 80 38.07 20.63 24.32
C GLU C 80 36.62 21.10 24.54
C GLU C 80 36.62 21.09 24.54
N ASP C 81 35.93 21.46 23.46
CA ASP C 81 34.55 21.96 23.60
C ASP C 81 33.59 20.87 24.06
N GLN C 82 33.78 19.63 23.59
CA GLN C 82 32.90 18.55 24.05
C GLN C 82 33.14 18.26 25.53
N ALA C 83 34.39 18.32 25.98
CA ALA C 83 34.65 18.21 27.41
C ALA C 83 34.00 19.35 28.19
N ARG C 84 34.05 20.56 27.64
CA ARG C 84 33.41 21.70 28.30
C ARG C 84 31.89 21.53 28.35
N GLU C 85 31.29 20.92 27.33
CA GLU C 85 29.84 20.74 27.33
C GLU C 85 29.41 19.69 28.34
N VAL C 86 30.11 18.55 28.38
CA VAL C 86 29.85 17.54 29.39
C VAL C 86 30.06 18.12 30.79
N ASP C 87 31.10 18.93 30.96
CA ASP C 87 31.40 19.50 32.26
C ASP C 87 30.29 20.45 32.73
N ARG C 88 29.77 21.26 31.81
CA ARG C 88 28.60 22.09 32.09
C ARG C 88 27.44 21.26 32.65
N VAL C 89 27.19 20.08 32.07
CA VAL C 89 26.09 19.24 32.52
C VAL C 89 26.37 18.69 33.92
N LYS C 90 27.56 18.12 34.11
CA LYS C 90 27.89 17.54 35.42
C LYS C 90 27.93 18.59 36.52
N ARG C 91 28.27 19.83 36.20
CA ARG C 91 28.30 20.87 37.20
C ARG C 91 26.93 21.44 37.51
N SER C 92 25.90 21.07 36.76
CA SER C 92 24.58 21.66 36.92
C SER C 92 23.68 20.85 37.86
N GLY C 93 24.27 20.00 38.70
CA GLY C 93 23.54 19.21 39.66
C GLY C 93 24.08 17.78 39.68
N GLY C 94 23.27 16.82 40.07
CA GLY C 94 23.75 15.45 39.97
C GLY C 94 23.50 14.82 38.62
N LEU C 95 23.53 15.63 37.56
CA LEU C 95 22.87 15.26 36.31
C LEU C 95 23.68 14.24 35.52
N LEU C 96 23.00 13.20 35.05
CA LEU C 96 23.62 12.25 34.14
C LEU C 96 23.92 12.92 32.81
N CYS C 97 24.99 12.46 32.16
CA CYS C 97 25.38 13.00 30.87
C CYS C 97 26.08 11.92 30.06
N GLY C 98 25.95 11.99 28.73
CA GLY C 98 26.67 11.11 27.84
C GLY C 98 27.38 11.91 26.75
N ALA C 99 28.31 11.23 26.06
CA ALA C 99 29.14 11.89 25.05
C ALA C 99 29.43 10.92 23.90
N SER C 100 29.29 11.43 22.68
CA SER C 100 29.47 10.61 21.49
C SER C 100 30.95 10.56 21.12
N ILE C 101 31.42 9.36 20.81
CA ILE C 101 32.79 9.13 20.36
C ILE C 101 32.69 8.41 19.02
N GLY C 102 33.61 8.71 18.11
CA GLY C 102 33.66 8.06 16.82
C GLY C 102 34.92 7.23 16.62
N VAL C 103 34.91 6.44 15.54
CA VAL C 103 36.06 5.62 15.17
C VAL C 103 37.04 6.52 14.41
N THR C 104 37.94 7.18 15.14
CA THR C 104 38.81 8.21 14.58
C THR C 104 40.25 7.99 15.06
N ASN C 105 41.18 8.63 14.36
CA ASN C 105 42.59 8.63 14.81
C ASN C 105 42.73 9.11 16.24
N ASP C 106 41.94 10.11 16.63
CA ASP C 106 42.07 10.73 17.96
C ASP C 106 41.05 10.21 18.96
N MET C 107 40.57 8.98 18.75
CA MET C 107 39.43 8.47 19.53
C MET C 107 39.73 8.45 21.02
N MET C 108 40.86 7.87 21.44
CA MET C 108 41.09 7.71 22.87
C MET C 108 41.35 9.04 23.57
N GLU C 109 41.96 10.01 22.89
CA GLU C 109 42.13 11.31 23.57
C GLU C 109 40.79 12.04 23.72
N ARG C 110 39.84 11.83 22.79
CA ARG C 110 38.52 12.39 23.03
C ARG C 110 37.85 11.71 24.22
N VAL C 111 38.06 10.40 24.36
CA VAL C 111 37.51 9.69 25.50
C VAL C 111 38.18 10.17 26.79
N ASP C 112 39.50 10.32 26.78
CA ASP C 112 40.21 10.82 27.96
C ASP C 112 39.64 12.15 28.42
N ALA C 113 39.37 13.06 27.47
CA ALA C 113 38.83 14.36 27.81
C ALA C 113 37.44 14.25 28.46
N VAL C 114 36.55 13.44 27.89
CA VAL C 114 35.20 13.41 28.45
C VAL C 114 35.19 12.63 29.76
N VAL C 115 36.08 11.67 29.93
CA VAL C 115 36.17 10.96 31.21
C VAL C 115 36.61 11.91 32.31
N LYS C 116 37.64 12.71 32.03
CA LYS C 116 38.10 13.75 32.96
C LYS C 116 36.97 14.73 33.32
N ALA C 117 36.05 15.01 32.38
CA ALA C 117 34.91 15.87 32.71
C ALA C 117 33.77 15.11 33.39
N LYS C 118 33.98 13.82 33.72
N LYS C 118 33.98 13.82 33.70
CA LYS C 118 33.07 13.01 34.54
CA LYS C 118 33.08 13.00 34.52
C LYS C 118 31.82 12.59 33.75
C LYS C 118 31.82 12.58 33.75
N VAL C 119 32.00 12.18 32.50
CA VAL C 119 30.89 11.68 31.71
C VAL C 119 30.41 10.35 32.31
N ASP C 120 29.10 10.12 32.25
CA ASP C 120 28.56 8.88 32.80
C ASP C 120 28.55 7.74 31.80
N VAL C 121 28.42 8.04 30.52
CA VAL C 121 28.43 7.01 29.50
C VAL C 121 28.95 7.63 28.21
N ILE C 122 29.77 6.87 27.50
CA ILE C 122 30.18 7.26 26.17
C ILE C 122 29.41 6.39 25.18
N VAL C 123 29.09 6.98 24.04
CA VAL C 123 28.38 6.31 22.96
C VAL C 123 29.35 6.26 21.79
N LEU C 124 30.01 5.13 21.61
CA LEU C 124 30.84 4.91 20.42
C LEU C 124 29.91 4.60 19.26
N ASP C 125 29.55 5.63 18.50
CA ASP C 125 28.49 5.55 17.49
C ASP C 125 29.04 5.88 16.10
N THR C 126 28.64 5.07 15.14
CA THR C 126 29.11 5.22 13.77
C THR C 126 28.07 4.62 12.85
N ALA C 127 28.23 4.86 11.56
CA ALA C 127 27.26 4.38 10.59
C ALA C 127 27.04 2.88 10.72
N HIS C 128 28.11 2.11 10.92
CA HIS C 128 28.04 0.65 10.90
C HIS C 128 28.75 0.09 12.12
N GLY C 129 28.01 -0.17 13.20
CA GLY C 129 28.62 -0.58 14.45
C GLY C 129 29.17 -1.99 14.44
N HIS C 130 28.62 -2.86 13.60
CA HIS C 130 29.06 -4.25 13.49
C HIS C 130 30.29 -4.34 12.60
N SER C 131 31.34 -3.64 13.02
CA SER C 131 32.56 -3.52 12.25
C SER C 131 33.76 -3.73 13.15
N LYS C 132 34.86 -4.15 12.52
CA LYS C 132 36.10 -4.43 13.26
C LYS C 132 36.61 -3.20 13.99
N GLY C 133 36.42 -2.01 13.42
CA GLY C 133 36.92 -0.81 14.08
C GLY C 133 36.15 -0.49 15.34
N VAL C 134 34.82 -0.67 15.30
CA VAL C 134 34.04 -0.44 16.51
C VAL C 134 34.38 -1.48 17.56
N ILE C 135 34.52 -2.74 17.14
CA ILE C 135 34.87 -3.82 18.07
C ILE C 135 36.21 -3.54 18.73
N GLU C 136 37.23 -3.19 17.93
CA GLU C 136 38.53 -2.87 18.52
C GLU C 136 38.46 -1.62 19.38
N GLY C 137 37.63 -0.65 19.00
CA GLY C 137 37.47 0.55 19.81
C GLY C 137 36.93 0.24 21.21
N VAL C 138 35.86 -0.56 21.27
CA VAL C 138 35.28 -0.91 22.56
C VAL C 138 36.31 -1.64 23.42
N LYS C 139 37.02 -2.61 22.85
CA LYS C 139 38.04 -3.33 23.61
C LYS C 139 39.11 -2.37 24.14
N ARG C 140 39.56 -1.42 23.31
CA ARG C 140 40.61 -0.50 23.75
C ARG C 140 40.10 0.40 24.88
N ILE C 141 38.86 0.86 24.79
CA ILE C 141 38.31 1.71 25.83
C ILE C 141 38.15 0.91 27.13
N LYS C 142 37.55 -0.28 27.04
CA LYS C 142 37.30 -1.08 28.23
C LYS C 142 38.61 -1.54 28.89
N ALA C 143 39.67 -1.72 28.11
CA ALA C 143 40.95 -2.13 28.67
C ALA C 143 41.61 -1.00 29.47
N LYS C 144 41.34 0.25 29.10
CA LYS C 144 41.87 1.40 29.82
C LYS C 144 40.94 1.85 30.95
N TYR C 145 39.64 1.89 30.70
CA TYR C 145 38.63 2.37 31.65
C TYR C 145 37.63 1.25 31.90
N PRO C 146 37.99 0.24 32.69
CA PRO C 146 37.12 -0.95 32.83
C PRO C 146 35.72 -0.65 33.34
N GLU C 147 35.54 0.40 34.16
CA GLU C 147 34.25 0.75 34.75
C GLU C 147 33.48 1.81 33.97
N LEU C 148 34.10 2.40 32.96
CA LEU C 148 33.40 3.36 32.10
C LEU C 148 32.29 2.67 31.31
N GLN C 149 31.09 3.24 31.32
CA GLN C 149 29.95 2.66 30.63
C GLN C 149 30.03 3.00 29.14
N VAL C 150 29.92 1.98 28.30
CA VAL C 150 30.09 2.13 26.86
C VAL C 150 28.81 1.65 26.17
N ILE C 151 28.19 2.54 25.39
CA ILE C 151 27.14 2.19 24.45
C ILE C 151 27.79 2.10 23.06
N ALA C 152 27.50 1.02 22.32
CA ALA C 152 28.07 0.84 20.98
C ALA C 152 26.98 0.69 19.93
N GLY C 153 27.20 1.30 18.76
CA GLY C 153 26.22 1.26 17.68
C GLY C 153 26.78 1.95 16.44
N ASN C 154 25.94 2.04 15.41
CA ASN C 154 24.58 1.46 15.36
C ASN C 154 24.51 0.12 14.63
N ILE C 155 23.53 -0.70 15.00
CA ILE C 155 23.45 -2.09 14.54
C ILE C 155 22.00 -2.48 14.29
N ALA C 156 21.81 -3.66 13.72
CA ALA C 156 20.45 -4.11 13.43
C ALA C 156 20.31 -5.63 13.41
N THR C 157 21.34 -6.39 13.81
CA THR C 157 21.22 -7.83 13.82
C THR C 157 21.59 -8.41 15.18
N PRO C 158 20.99 -9.56 15.53
CA PRO C 158 21.39 -10.26 16.76
C PRO C 158 22.86 -10.60 16.78
N GLU C 159 23.46 -10.89 15.62
CA GLU C 159 24.88 -11.21 15.57
C GLU C 159 25.71 -10.02 16.02
N ALA C 160 25.28 -8.80 15.65
CA ALA C 160 26.03 -7.63 16.09
C ALA C 160 25.92 -7.40 17.58
N VAL C 161 24.75 -7.73 18.17
CA VAL C 161 24.59 -7.62 19.61
C VAL C 161 25.61 -8.49 20.31
N ARG C 162 25.69 -9.75 19.87
CA ARG C 162 26.59 -10.73 20.45
C ARG C 162 28.05 -10.32 20.28
N ASP C 163 28.42 -9.82 19.10
CA ASP C 163 29.82 -9.43 18.90
C ASP C 163 30.18 -8.18 19.69
N LEU C 164 29.27 -7.21 19.79
CA LEU C 164 29.59 -6.01 20.55
C LEU C 164 29.57 -6.27 22.04
N ALA C 165 28.68 -7.18 22.50
CA ALA C 165 28.70 -7.56 23.91
C ALA C 165 29.96 -8.33 24.25
N GLU C 166 30.41 -9.19 23.34
CA GLU C 166 31.67 -9.87 23.59
C GLU C 166 32.83 -8.88 23.60
N ALA C 167 32.78 -7.84 22.79
CA ALA C 167 33.83 -6.83 22.84
C ALA C 167 33.85 -6.07 24.16
N GLY C 168 32.80 -6.17 24.97
CA GLY C 168 32.70 -5.44 26.21
C GLY C 168 31.72 -4.27 26.24
N ALA C 169 30.80 -4.17 25.28
CA ALA C 169 29.78 -3.13 25.35
C ALA C 169 28.87 -3.37 26.53
N ASP C 170 28.40 -2.27 27.14
CA ASP C 170 27.44 -2.39 28.22
C ASP C 170 26.02 -2.25 27.74
N CYS C 171 25.83 -1.87 26.48
CA CYS C 171 24.52 -1.58 25.90
C CYS C 171 24.75 -1.36 24.41
N VAL C 172 23.81 -1.78 23.58
CA VAL C 172 24.00 -1.57 22.15
C VAL C 172 22.84 -0.75 21.61
N LYS C 173 23.12 0.03 20.58
CA LYS C 173 22.16 0.97 19.99
C LYS C 173 21.72 0.45 18.61
N VAL C 174 20.42 0.26 18.44
CA VAL C 174 19.84 -0.40 17.26
C VAL C 174 19.24 0.67 16.36
N GLY C 175 19.65 0.69 15.10
CA GLY C 175 19.01 1.53 14.12
C GLY C 175 19.89 1.83 12.92
N ILE C 176 19.60 1.18 11.80
CA ILE C 176 20.28 1.43 10.52
C ILE C 176 19.20 1.85 9.53
N GLY C 177 19.15 3.14 9.19
CA GLY C 177 18.18 3.60 8.23
C GLY C 177 16.86 4.24 8.67
N PRO C 178 16.43 4.14 9.94
CA PRO C 178 15.07 4.60 10.26
C PRO C 178 14.94 6.09 10.51
N GLY C 179 16.03 6.81 10.76
CA GLY C 179 15.92 8.20 11.19
C GLY C 179 15.24 9.08 10.16
N SER C 180 14.50 10.06 10.68
CA SER C 180 13.72 10.94 9.81
C SER C 180 14.58 11.67 8.76
N ILE C 181 15.86 11.92 9.05
CA ILE C 181 16.72 12.67 8.14
C ILE C 181 17.68 11.75 7.39
N CYS C 182 17.54 10.44 7.55
CA CYS C 182 18.51 9.48 7.07
C CYS C 182 18.18 9.01 5.65
N THR C 183 19.22 8.85 4.81
CA THR C 183 19.07 8.31 3.46
C THR C 183 19.91 7.05 3.26
N THR C 184 20.54 6.54 4.33
CA THR C 184 21.31 5.30 4.25
C THR C 184 20.60 4.22 3.42
N ARG C 185 19.32 3.96 3.67
CA ARG C 185 18.65 2.87 2.95
C ARG C 185 18.46 3.20 1.47
N ILE C 186 18.37 4.48 1.12
CA ILE C 186 18.14 4.84 -0.27
C ILE C 186 19.45 4.87 -1.05
N VAL C 187 20.56 5.22 -0.39
CA VAL C 187 21.82 5.52 -1.06
C VAL C 187 22.74 4.30 -1.05
N ALA C 188 22.66 3.52 0.01
CA ALA C 188 23.46 2.31 0.10
C ALA C 188 22.64 1.03 0.00
N GLY C 189 21.30 1.11 0.10
CA GLY C 189 20.43 -0.05 -0.06
C GLY C 189 20.29 -0.94 1.16
N VAL C 190 20.66 -0.44 2.34
CA VAL C 190 20.96 -1.26 3.50
C VAL C 190 20.14 -0.78 4.68
N GLY C 191 19.59 -1.71 5.43
CA GLY C 191 18.91 -1.36 6.65
C GLY C 191 17.93 -2.44 7.03
N VAL C 192 17.35 -2.29 8.22
CA VAL C 192 16.35 -3.21 8.71
C VAL C 192 15.21 -2.39 9.29
N PRO C 193 13.97 -2.56 8.80
CA PRO C 193 12.82 -1.92 9.45
C PRO C 193 12.89 -2.02 10.96
N GLN C 194 12.65 -0.89 11.64
CA GLN C 194 13.16 -0.69 12.99
C GLN C 194 12.41 -1.52 14.05
N LEU C 195 11.11 -1.76 13.88
CA LEU C 195 10.45 -2.59 14.90
C LEU C 195 11.04 -4.00 14.92
N THR C 196 11.23 -4.60 13.73
CA THR C 196 11.84 -5.93 13.66
C THR C 196 13.30 -5.91 14.10
N ALA C 197 14.03 -4.85 13.75
CA ALA C 197 15.41 -4.71 14.22
C ALA C 197 15.48 -4.70 15.75
N VAL C 198 14.62 -3.91 16.41
CA VAL C 198 14.64 -3.81 17.86
C VAL C 198 14.21 -5.11 18.51
N MET C 199 13.12 -5.71 18.00
CA MET C 199 12.64 -6.99 18.52
C MET C 199 13.70 -8.08 18.41
N ASP C 200 14.31 -8.24 17.24
CA ASP C 200 15.29 -9.32 17.07
C ASP C 200 16.56 -9.06 17.87
N CYS C 201 17.02 -7.81 17.93
CA CYS C 201 18.20 -7.50 18.72
C CYS C 201 17.92 -7.60 20.23
N ALA C 202 16.82 -7.00 20.70
CA ALA C 202 16.54 -7.03 22.14
C ALA C 202 16.41 -8.46 22.65
N GLU C 203 15.82 -9.36 21.86
CA GLU C 203 15.71 -10.75 22.27
C GLU C 203 17.08 -11.38 22.45
N GLU C 204 18.02 -11.07 21.56
CA GLU C 204 19.39 -11.54 21.77
C GLU C 204 20.00 -10.90 23.02
N GLY C 205 19.80 -9.61 23.20
CA GLY C 205 20.33 -8.94 24.38
C GLY C 205 19.76 -9.47 25.67
N LYS C 206 18.46 -9.78 25.67
CA LYS C 206 17.85 -10.41 26.85
C LYS C 206 18.59 -11.69 27.22
N LYS C 207 18.87 -12.55 26.23
CA LYS C 207 19.55 -13.81 26.53
C LYS C 207 20.97 -13.58 27.03
N LEU C 208 21.65 -12.55 26.51
CA LEU C 208 23.03 -12.26 26.91
C LEU C 208 23.13 -11.38 28.15
N GLY C 209 22.04 -10.73 28.56
CA GLY C 209 22.09 -9.79 29.66
C GLY C 209 22.56 -8.39 29.30
N ILE C 210 22.30 -7.95 28.07
CA ILE C 210 22.73 -6.63 27.64
C ILE C 210 21.53 -5.85 27.10
N PRO C 211 21.29 -4.62 27.53
CA PRO C 211 20.17 -3.84 27.01
C PRO C 211 20.46 -3.31 25.61
N VAL C 212 19.39 -2.90 24.93
CA VAL C 212 19.49 -2.30 23.60
C VAL C 212 18.66 -1.03 23.58
N ILE C 213 19.11 -0.06 22.80
CA ILE C 213 18.44 1.23 22.63
C ILE C 213 17.76 1.25 21.26
N ALA C 214 16.52 1.72 21.24
CA ALA C 214 15.76 1.91 20.01
C ALA C 214 16.02 3.32 19.51
N ASP C 215 16.85 3.46 18.47
CA ASP C 215 17.31 4.78 18.07
C ASP C 215 16.84 5.09 16.66
N GLY C 216 15.85 5.97 16.54
CA GLY C 216 15.56 6.45 15.20
C GLY C 216 14.19 6.00 14.69
N GLY C 217 13.55 6.87 13.92
CA GLY C 217 12.27 6.59 13.33
C GLY C 217 11.06 6.81 14.20
N LEU C 218 11.22 7.34 15.40
CA LEU C 218 10.08 7.50 16.30
C LEU C 218 9.40 8.84 16.06
N LYS C 219 8.07 8.81 15.90
CA LYS C 219 7.31 10.00 15.56
C LYS C 219 6.24 10.34 16.59
N TYR C 220 5.53 9.36 17.14
CA TYR C 220 4.49 9.62 18.13
C TYR C 220 4.82 8.86 19.40
N SER C 221 4.17 9.25 20.51
CA SER C 221 4.41 8.56 21.76
C SER C 221 4.09 7.06 21.64
N GLY C 222 3.08 6.71 20.84
CA GLY C 222 2.76 5.31 20.65
C GLY C 222 3.92 4.51 20.10
N ASP C 223 4.72 5.13 19.23
CA ASP C 223 5.87 4.44 18.66
C ASP C 223 6.85 4.01 19.74
N ILE C 224 7.08 4.88 20.73
CA ILE C 224 7.95 4.54 21.84
C ILE C 224 7.40 3.35 22.61
N VAL C 225 6.10 3.35 22.87
CA VAL C 225 5.50 2.21 23.58
C VAL C 225 5.83 0.92 22.86
N LYS C 226 5.71 0.93 21.51
CA LYS C 226 5.99 -0.27 20.73
C LYS C 226 7.46 -0.66 20.80
N ALA C 227 8.37 0.34 20.71
CA ALA C 227 9.80 0.07 20.90
C ALA C 227 10.08 -0.55 22.26
N LEU C 228 9.48 0.00 23.32
CA LEU C 228 9.73 -0.55 24.66
C LEU C 228 9.09 -1.92 24.83
N ALA C 229 7.87 -2.11 24.32
CA ALA C 229 7.24 -3.43 24.35
C ALA C 229 8.08 -4.46 23.61
N ALA C 230 8.79 -4.05 22.54
CA ALA C 230 9.59 -5.00 21.79
C ALA C 230 10.91 -5.34 22.48
N GLY C 231 11.21 -4.72 23.62
CA GLY C 231 12.34 -5.10 24.44
C GLY C 231 13.42 -4.04 24.61
N ALA C 232 13.33 -2.88 23.96
CA ALA C 232 14.34 -1.84 24.13
C ALA C 232 14.32 -1.31 25.56
N CYS C 233 15.51 -1.01 26.10
CA CYS C 233 15.56 -0.41 27.43
C CYS C 233 15.21 1.07 27.39
N ALA C 234 15.43 1.72 26.24
CA ALA C 234 15.20 3.14 26.11
C ALA C 234 15.04 3.48 24.65
N ALA C 235 14.48 4.67 24.39
CA ALA C 235 14.23 5.16 23.04
C ALA C 235 14.99 6.46 22.82
N MET C 236 15.70 6.56 21.70
CA MET C 236 16.47 7.76 21.39
C MET C 236 15.85 8.47 20.19
N MET C 237 15.71 9.79 20.27
N MET C 237 15.74 9.79 20.29
CA MET C 237 15.06 10.49 19.18
CA MET C 237 15.04 10.57 19.29
C MET C 237 15.73 11.83 18.93
C MET C 237 15.84 11.81 18.93
N GLY C 238 15.77 12.19 17.64
CA GLY C 238 16.29 13.46 17.20
C GLY C 238 15.15 14.39 16.84
N SER C 239 14.39 14.00 15.82
CA SER C 239 13.31 14.82 15.29
C SER C 239 12.35 15.32 16.38
N ILE C 240 11.95 14.44 17.30
CA ILE C 240 10.96 14.84 18.29
C ILE C 240 11.49 15.93 19.21
N PHE C 241 12.82 16.06 19.35
CA PHE C 241 13.41 17.04 20.24
C PHE C 241 14.04 18.24 19.54
N ALA C 242 14.39 18.12 18.25
CA ALA C 242 15.17 19.16 17.58
C ALA C 242 14.42 20.47 17.47
N GLY C 243 13.10 20.44 17.56
CA GLY C 243 12.29 21.63 17.47
C GLY C 243 12.06 22.31 18.80
N CYS C 244 12.71 21.82 19.86
CA CYS C 244 12.48 22.31 21.20
C CYS C 244 13.42 23.49 21.49
N GLU C 245 12.97 24.35 22.41
CA GLU C 245 13.73 25.56 22.72
C GLU C 245 15.16 25.25 23.18
N GLU C 246 15.37 24.11 23.81
CA GLU C 246 16.69 23.77 24.35
C GLU C 246 17.61 23.12 23.35
N ALA C 247 17.13 22.77 22.16
CA ALA C 247 18.00 22.27 21.09
C ALA C 247 18.81 23.42 20.48
N PRO C 248 19.97 23.13 19.90
CA PRO C 248 20.76 24.18 19.24
C PRO C 248 20.00 24.78 18.07
N GLY C 249 20.42 25.97 17.68
CA GLY C 249 19.82 26.61 16.53
C GLY C 249 18.84 27.70 16.89
N ALA C 250 18.84 28.78 16.13
CA ALA C 250 17.90 29.87 16.39
C ALA C 250 16.50 29.46 15.95
N ILE C 251 15.52 30.27 16.32
CA ILE C 251 14.14 30.12 15.86
C ILE C 251 13.95 31.00 14.64
N GLU C 252 13.48 30.42 13.55
CA GLU C 252 13.25 31.16 12.30
C GLU C 252 11.75 31.28 12.06
N ILE C 253 11.31 32.49 11.75
CA ILE C 253 9.94 32.76 11.36
C ILE C 253 9.84 32.72 9.85
N TYR C 254 8.77 32.14 9.33
CA TYR C 254 8.55 32.17 7.88
C TYR C 254 7.05 32.02 7.62
N GLN C 255 6.47 33.02 6.95
CA GLN C 255 5.05 33.04 6.61
C GLN C 255 4.17 32.66 7.81
N GLY C 256 4.47 33.26 8.96
CA GLY C 256 3.64 33.12 10.13
C GLY C 256 3.90 31.89 10.99
N ARG C 257 4.87 31.03 10.66
CA ARG C 257 5.18 29.90 11.50
C ARG C 257 6.66 29.88 11.89
N SER C 258 6.95 29.14 12.95
CA SER C 258 8.27 29.13 13.58
C SER C 258 8.92 27.78 13.36
N TYR C 259 10.22 27.80 13.03
CA TYR C 259 10.95 26.61 12.62
C TYR C 259 12.30 26.54 13.32
N LYS C 260 12.84 25.33 13.38
CA LYS C 260 14.24 25.14 13.74
C LYS C 260 14.89 24.21 12.73
N VAL C 261 16.21 24.35 12.61
CA VAL C 261 16.99 23.53 11.70
C VAL C 261 17.20 22.16 12.31
N TYR C 262 17.05 21.13 11.49
CA TYR C 262 17.36 19.77 11.89
C TYR C 262 18.04 19.12 10.70
N ARG C 263 19.17 18.44 10.91
CA ARG C 263 19.88 17.83 9.78
C ARG C 263 20.56 16.54 10.22
N GLY C 264 20.76 15.64 9.28
CA GLY C 264 21.47 14.43 9.60
C GLY C 264 22.92 14.72 9.90
N MET C 265 23.54 13.88 10.72
CA MET C 265 24.96 14.04 10.95
C MET C 265 25.76 13.62 9.72
N GLY C 266 25.16 12.88 8.80
CA GLY C 266 25.82 12.50 7.56
C GLY C 266 25.37 13.28 6.36
N SER C 267 24.67 14.39 6.56
CA SER C 267 24.36 15.35 5.52
C SER C 267 25.58 16.18 5.20
N LEU C 268 25.53 16.83 4.02
N LEU C 268 25.55 16.81 4.01
CA LEU C 268 26.62 17.70 3.59
CA LEU C 268 26.63 17.69 3.61
C LEU C 268 26.94 18.76 4.63
C LEU C 268 26.94 18.74 4.66
N GLY C 269 25.90 19.41 5.17
CA GLY C 269 26.12 20.51 6.11
C GLY C 269 26.75 20.08 7.42
N ALA C 270 26.28 18.97 7.99
CA ALA C 270 26.93 18.48 9.20
C ALA C 270 28.37 18.05 8.93
N MET C 271 28.62 17.44 7.76
CA MET C 271 29.95 16.96 7.45
C MET C 271 30.91 18.08 7.06
N ALA C 272 30.40 19.22 6.63
CA ALA C 272 31.26 20.37 6.33
C ALA C 272 31.40 21.27 7.56
N PHE C 287 32.65 12.22 -0.60
CA PHE C 287 31.64 13.22 -0.22
C PHE C 287 30.24 12.75 -0.59
N VAL C 288 29.90 11.54 -0.17
CA VAL C 288 28.62 10.94 -0.50
C VAL C 288 27.77 10.87 0.75
N PRO C 289 26.81 11.78 0.92
CA PRO C 289 26.11 11.89 2.20
C PRO C 289 25.10 10.79 2.42
N GLU C 290 24.76 10.56 3.70
CA GLU C 290 23.70 9.63 4.06
C GLU C 290 22.63 10.30 4.92
N GLY C 291 22.47 11.62 4.77
CA GLY C 291 21.38 12.30 5.43
C GLY C 291 21.02 13.57 4.68
N VAL C 292 19.95 14.23 5.13
CA VAL C 292 19.51 15.46 4.48
C VAL C 292 19.41 16.57 5.52
N GLU C 293 19.14 17.78 5.03
N GLU C 293 19.15 17.78 5.03
CA GLU C 293 19.09 18.98 5.87
CA GLU C 293 19.08 18.99 5.82
C GLU C 293 17.81 19.74 5.60
C GLU C 293 17.74 19.69 5.59
N GLY C 294 17.13 20.16 6.67
CA GLY C 294 15.88 20.86 6.55
C GLY C 294 15.36 21.54 7.81
N ARG C 295 14.05 21.75 7.87
CA ARG C 295 13.42 22.53 8.93
C ARG C 295 12.26 21.76 9.50
N ILE C 296 12.00 21.95 10.80
CA ILE C 296 10.87 21.35 11.48
C ILE C 296 10.24 22.41 12.38
N ALA C 297 8.98 22.17 12.75
CA ALA C 297 8.22 23.14 13.53
C ALA C 297 8.83 23.35 14.91
N TYR C 298 8.91 24.61 15.32
CA TYR C 298 9.33 24.92 16.68
C TYR C 298 8.29 24.40 17.66
N LYS C 299 8.75 23.69 18.71
CA LYS C 299 7.82 23.02 19.61
C LYS C 299 7.69 23.69 20.98
N GLY C 300 8.53 24.68 21.29
CA GLY C 300 8.54 25.25 22.63
C GLY C 300 9.47 24.50 23.57
N HIS C 301 9.16 24.46 24.86
CA HIS C 301 10.07 23.88 25.83
C HIS C 301 10.03 22.36 25.83
N LEU C 302 11.20 21.77 26.09
CA LEU C 302 11.33 20.33 26.21
C LEU C 302 10.30 19.75 27.16
N ALA C 303 10.04 20.44 28.28
CA ALA C 303 9.18 19.87 29.32
C ALA C 303 7.81 19.48 28.76
N ASP C 304 7.28 20.26 27.82
CA ASP C 304 5.92 20.03 27.35
C ASP C 304 5.86 18.85 26.40
N THR C 305 6.90 18.67 25.58
CA THR C 305 6.98 17.49 24.73
C THR C 305 7.17 16.23 25.57
N ILE C 306 8.09 16.28 26.53
CA ILE C 306 8.30 15.15 27.44
C ILE C 306 6.98 14.75 28.11
N TYR C 307 6.22 15.74 28.59
CA TYR C 307 4.97 15.44 29.28
C TYR C 307 4.04 14.61 28.39
N GLN C 308 3.83 15.05 27.14
CA GLN C 308 2.99 14.29 26.24
C GLN C 308 3.56 12.90 25.95
N LEU C 309 4.88 12.80 25.75
CA LEU C 309 5.49 11.50 25.54
C LEU C 309 5.23 10.57 26.72
N ILE C 310 5.51 11.05 27.92
CA ILE C 310 5.32 10.26 29.13
C ILE C 310 3.88 9.81 29.26
N GLY C 311 2.93 10.75 29.09
CA GLY C 311 1.54 10.40 29.28
C GLY C 311 1.09 9.32 28.31
N GLY C 312 1.58 9.36 27.07
CA GLY C 312 1.23 8.33 26.12
C GLY C 312 1.84 7.00 26.46
N ILE C 313 3.10 6.99 26.92
CA ILE C 313 3.72 5.74 27.37
C ILE C 313 2.94 5.17 28.56
N LYS C 314 2.59 6.01 29.53
CA LYS C 314 1.84 5.51 30.68
C LYS C 314 0.47 4.99 30.27
N SER C 315 -0.15 5.64 29.28
CA SER C 315 -1.44 5.15 28.78
C SER C 315 -1.28 3.77 28.18
N GLY C 316 -0.26 3.60 27.32
CA GLY C 316 -0.01 2.30 26.73
C GLY C 316 0.24 1.23 27.76
N MET C 317 0.96 1.55 28.83
CA MET C 317 1.18 0.53 29.84
C MET C 317 -0.10 0.21 30.61
N GLY C 318 -0.99 1.20 30.75
CA GLY C 318 -2.30 0.92 31.31
C GLY C 318 -3.05 -0.09 30.46
N TYR C 319 -3.06 0.13 29.13
CA TYR C 319 -3.76 -0.76 28.22
C TYR C 319 -3.18 -2.15 28.25
N LEU C 320 -1.91 -2.30 28.61
CA LEU C 320 -1.27 -3.61 28.62
C LEU C 320 -1.11 -4.20 30.03
N GLY C 321 -1.61 -3.54 31.06
CA GLY C 321 -1.54 -4.06 32.40
C GLY C 321 -0.17 -4.06 33.03
N ALA C 322 0.76 -3.26 32.50
CA ALA C 322 2.17 -3.34 32.89
C ALA C 322 2.48 -2.33 33.98
N PRO C 323 2.83 -2.76 35.20
CA PRO C 323 3.30 -1.79 36.20
C PRO C 323 4.73 -1.31 35.94
N THR C 324 5.51 -2.05 35.15
CA THR C 324 6.91 -1.74 34.92
C THR C 324 7.22 -1.91 33.44
N LEU C 325 8.41 -1.47 33.05
CA LEU C 325 8.81 -1.65 31.66
C LEU C 325 9.15 -3.10 31.36
N GLU C 326 9.73 -3.82 32.33
CA GLU C 326 10.01 -5.25 32.12
C GLU C 326 8.72 -6.04 31.94
N ASN C 327 7.71 -5.74 32.77
CA ASN C 327 6.41 -6.39 32.64
C ASN C 327 5.74 -6.06 31.31
N LEU C 328 5.88 -4.81 30.83
CA LEU C 328 5.37 -4.46 29.51
C LEU C 328 5.96 -5.37 28.44
N TYR C 329 7.29 -5.56 28.48
CA TYR C 329 7.94 -6.38 27.47
C TYR C 329 7.56 -7.84 27.61
N GLU C 330 7.49 -8.35 28.85
CA GLU C 330 7.25 -9.77 29.07
C GLU C 330 5.86 -10.20 28.63
N ASN C 331 4.90 -9.28 28.52
CA ASN C 331 3.51 -9.63 28.27
C ASN C 331 2.92 -8.99 27.02
N ALA C 332 3.73 -8.39 26.15
CA ALA C 332 3.20 -7.66 25.00
C ALA C 332 3.06 -8.57 23.79
N ASN C 333 1.92 -8.46 23.12
CA ASN C 333 1.70 -9.13 21.84
C ASN C 333 1.38 -8.08 20.80
N PHE C 334 1.87 -8.27 19.58
CA PHE C 334 1.58 -7.39 18.48
C PHE C 334 0.71 -8.11 17.46
N VAL C 335 -0.01 -7.31 16.66
CA VAL C 335 -0.63 -7.78 15.43
C VAL C 335 -0.14 -6.88 14.32
N VAL C 336 -0.05 -7.43 13.11
CA VAL C 336 0.30 -6.63 11.94
C VAL C 336 -0.95 -5.96 11.39
N GLN C 337 -0.83 -4.71 10.95
CA GLN C 337 -1.92 -4.01 10.27
C GLN C 337 -1.49 -3.68 8.85
N THR C 338 -2.46 -3.62 7.94
CA THR C 338 -2.18 -3.24 6.57
C THR C 338 -2.21 -1.71 6.45
N SER C 339 -1.96 -1.21 5.24
CA SER C 339 -2.17 0.20 4.93
C SER C 339 -3.60 0.65 5.25
N ALA C 340 -4.60 -0.18 4.95
CA ALA C 340 -5.96 0.21 5.34
C ALA C 340 -6.10 0.25 6.86
N GLY C 341 -5.46 -0.67 7.57
CA GLY C 341 -5.48 -0.61 9.04
C GLY C 341 -4.81 0.64 9.58
N PHE C 342 -3.67 1.03 8.99
CA PHE C 342 -3.02 2.28 9.29
C PHE C 342 -3.96 3.47 9.14
N ARG C 343 -4.66 3.53 8.00
N ARG C 343 -4.68 3.54 8.01
CA ARG C 343 -5.65 4.58 7.74
CA ARG C 343 -5.62 4.63 7.78
C ARG C 343 -6.69 4.65 8.86
C ARG C 343 -6.72 4.66 8.85
N GLU C 344 -7.15 3.50 9.34
CA GLU C 344 -8.15 3.47 10.40
C GLU C 344 -7.55 3.85 11.74
N SER C 345 -6.25 3.59 11.92
CA SER C 345 -5.61 3.85 13.20
C SER C 345 -5.45 5.34 13.44
N HIS C 346 -5.12 6.09 12.40
CA HIS C 346 -5.13 7.52 12.53
C HIS C 346 -6.56 8.03 12.55
N PRO C 347 -6.77 9.27 12.99
CA PRO C 347 -8.07 9.91 12.72
C PRO C 347 -8.33 9.91 11.24
N HIS C 348 -9.61 9.81 10.87
CA HIS C 348 -9.98 9.76 9.47
C HIS C 348 -11.35 10.38 9.31
N ASP C 349 -11.63 10.85 8.08
CA ASP C 349 -12.93 11.39 7.71
C ASP C 349 -13.40 12.50 8.66
N ILE C 350 -12.47 13.35 9.06
CA ILE C 350 -12.82 14.53 9.87
C ILE C 350 -11.92 15.69 9.46
N ASN C 351 -12.48 16.90 9.48
CA ASN C 351 -11.70 18.12 9.34
C ASN C 351 -11.25 18.55 10.73
N ILE C 352 -10.02 18.19 11.12
CA ILE C 352 -9.51 18.56 12.43
C ILE C 352 -9.33 20.08 12.46
N THR C 353 -9.98 20.72 13.43
CA THR C 353 -9.95 22.18 13.51
C THR C 353 -9.30 22.71 14.77
N LYS C 354 -8.90 21.86 15.71
CA LYS C 354 -8.25 22.25 16.95
C LYS C 354 -6.94 21.50 17.08
N GLU C 355 -5.92 22.19 17.59
CA GLU C 355 -4.63 21.55 17.81
C GLU C 355 -4.73 20.53 18.92
N ALA C 356 -4.12 19.38 18.71
CA ALA C 356 -3.94 18.40 19.76
C ALA C 356 -2.49 18.41 20.19
N PRO C 357 -2.19 18.44 21.49
CA PRO C 357 -0.78 18.54 21.92
C PRO C 357 0.05 17.29 21.63
N ASN C 358 -0.58 16.17 21.24
CA ASN C 358 0.14 14.93 21.00
C ASN C 358 -0.23 14.30 19.66
N TYR C 359 -0.84 15.08 18.76
CA TYR C 359 -1.16 14.59 17.43
C TYR C 359 -1.09 15.77 16.47
N SER C 360 -0.58 15.50 15.27
CA SER C 360 -0.53 16.46 14.19
C SER C 360 -0.47 15.72 12.87
N VAL C 361 -0.93 16.36 11.81
CA VAL C 361 -0.89 15.79 10.46
C VAL C 361 0.17 16.51 9.63
N ALA D 5 -3.43 -22.01 -15.70
CA ALA D 5 -3.10 -20.62 -15.43
C ALA D 5 -3.04 -20.35 -13.92
N ARG D 6 -1.84 -20.23 -13.35
CA ARG D 6 -1.68 -20.14 -11.91
C ARG D 6 -0.83 -18.93 -11.51
N ILE D 7 -0.99 -18.54 -10.25
CA ILE D 7 -0.14 -17.54 -9.61
C ILE D 7 1.05 -18.28 -9.00
N LEU D 8 2.27 -17.88 -9.39
CA LEU D 8 3.48 -18.57 -8.97
C LEU D 8 3.98 -18.07 -7.61
N LYS D 9 3.98 -16.76 -7.39
CA LYS D 9 4.46 -16.16 -6.16
C LYS D 9 4.31 -14.66 -6.20
N THR D 10 4.70 -13.99 -5.11
CA THR D 10 4.89 -12.55 -5.08
C THR D 10 6.29 -12.23 -5.59
N ALA D 11 6.38 -11.29 -6.53
CA ALA D 11 7.66 -10.87 -7.09
C ALA D 11 7.95 -9.46 -6.63
N TYR D 12 9.22 -9.18 -6.38
CA TYR D 12 9.61 -7.95 -5.70
C TYR D 12 10.41 -7.06 -6.63
N THR D 13 10.25 -5.76 -6.43
CA THR D 13 11.14 -4.78 -7.04
C THR D 13 12.09 -4.24 -5.95
N PHE D 14 12.99 -3.34 -6.36
CA PHE D 14 14.00 -2.80 -5.47
C PHE D 14 13.41 -2.15 -4.23
N ASP D 15 12.36 -1.33 -4.43
CA ASP D 15 11.73 -0.65 -3.31
C ASP D 15 11.08 -1.59 -2.30
N ASP D 16 10.91 -2.87 -2.63
CA ASP D 16 10.31 -3.83 -1.72
C ASP D 16 11.28 -4.43 -0.71
N VAL D 17 12.60 -4.29 -0.92
CA VAL D 17 13.58 -5.06 -0.16
C VAL D 17 14.68 -4.15 0.39
N LEU D 18 15.36 -4.64 1.41
CA LEU D 18 16.55 -3.99 1.94
C LEU D 18 17.59 -5.07 2.23
N LEU D 19 18.85 -4.67 2.21
CA LEU D 19 19.96 -5.57 2.51
C LEU D 19 20.27 -5.51 3.99
N VAL D 20 20.50 -6.65 4.61
CA VAL D 20 20.82 -6.68 6.05
C VAL D 20 22.32 -6.43 6.22
N PRO D 21 22.75 -5.57 7.15
CA PRO D 21 24.21 -5.39 7.33
C PRO D 21 24.88 -6.67 7.84
N ASN D 22 26.11 -6.92 7.39
CA ASN D 22 26.94 -8.00 7.91
C ASN D 22 28.10 -7.44 8.70
N LYS D 23 28.76 -8.33 9.43
CA LYS D 23 30.05 -7.98 10.02
C LYS D 23 31.00 -7.51 8.92
N SER D 24 31.73 -6.42 9.19
CA SER D 24 32.58 -5.81 8.18
C SER D 24 33.98 -5.58 8.74
N GLU D 25 34.98 -5.99 7.96
CA GLU D 25 36.39 -5.68 8.22
C GLU D 25 36.97 -4.78 7.14
N VAL D 26 36.11 -4.15 6.34
CA VAL D 26 36.56 -3.38 5.19
C VAL D 26 35.81 -2.05 5.15
N LEU D 27 36.55 -0.96 4.90
CA LEU D 27 35.95 0.36 4.76
C LEU D 27 35.51 0.61 3.33
N PRO D 28 34.52 1.50 3.12
CA PRO D 28 34.05 1.76 1.75
C PRO D 28 35.15 2.17 0.79
N ASN D 29 36.25 2.74 1.28
CA ASN D 29 37.33 3.15 0.39
C ASN D 29 38.25 2.01 -0.01
N GLU D 30 38.09 0.83 0.59
CA GLU D 30 38.96 -0.32 0.31
C GLU D 30 38.31 -1.38 -0.58
N VAL D 31 37.07 -1.18 -1.01
CA VAL D 31 36.36 -2.19 -1.79
C VAL D 31 36.70 -2.03 -3.27
N SER D 32 36.59 -3.13 -4.01
CA SER D 32 36.87 -3.17 -5.42
C SER D 32 35.56 -3.37 -6.19
N LEU D 33 35.31 -2.53 -7.18
CA LEU D 33 34.10 -2.60 -8.00
C LEU D 33 34.30 -3.35 -9.32
N LYS D 34 35.41 -4.06 -9.48
CA LYS D 34 35.67 -4.71 -10.76
C LYS D 34 34.69 -5.85 -10.98
N THR D 35 34.30 -6.06 -12.24
CA THR D 35 33.32 -7.10 -12.55
C THR D 35 33.53 -7.60 -13.97
N GLN D 36 33.10 -8.83 -14.22
CA GLN D 36 33.21 -9.42 -15.54
C GLN D 36 31.86 -9.29 -16.25
N LEU D 37 31.82 -8.48 -17.30
CA LEU D 37 30.62 -8.36 -18.12
C LEU D 37 30.42 -9.62 -18.97
N THR D 38 31.50 -10.13 -19.56
CA THR D 38 31.60 -11.49 -20.05
C THR D 38 32.88 -12.09 -19.48
N LYS D 39 33.15 -13.36 -19.83
CA LYS D 39 34.41 -13.97 -19.42
C LYS D 39 35.60 -13.21 -19.97
N LYS D 40 35.44 -12.54 -21.12
CA LYS D 40 36.53 -11.85 -21.79
C LYS D 40 36.58 -10.35 -21.53
N ILE D 41 35.54 -9.75 -20.95
CA ILE D 41 35.42 -8.31 -20.81
C ILE D 41 35.24 -7.96 -19.34
N GLN D 42 36.26 -7.32 -18.76
CA GLN D 42 36.20 -6.77 -17.41
C GLN D 42 35.83 -5.29 -17.47
N LEU D 43 34.92 -4.86 -16.59
CA LEU D 43 34.72 -3.44 -16.34
C LEU D 43 35.37 -3.07 -15.02
N ASN D 44 35.82 -1.82 -14.92
CA ASN D 44 36.30 -1.33 -13.64
C ASN D 44 35.17 -0.91 -12.71
N ILE D 45 34.06 -0.40 -13.24
CA ILE D 45 32.86 -0.19 -12.41
C ILE D 45 31.66 -0.86 -13.08
N PRO D 46 30.73 -1.40 -12.31
CA PRO D 46 29.66 -2.23 -12.88
C PRO D 46 28.49 -1.44 -13.48
N LEU D 47 28.76 -0.38 -14.23
CA LEU D 47 27.70 0.47 -14.76
C LEU D 47 27.78 0.54 -16.28
N MET D 48 26.61 0.56 -16.91
CA MET D 48 26.45 0.66 -18.35
C MET D 48 25.34 1.66 -18.66
N SER D 49 25.48 2.36 -19.78
CA SER D 49 24.50 3.34 -20.22
C SER D 49 23.63 2.74 -21.32
N ALA D 50 22.32 2.98 -21.20
CA ALA D 50 21.35 2.34 -22.08
C ALA D 50 21.57 2.72 -23.54
N SER D 51 21.31 1.76 -24.44
CA SER D 51 21.38 2.00 -25.88
C SER D 51 20.07 2.60 -26.37
N MET D 52 19.89 3.88 -26.04
CA MET D 52 18.72 4.64 -26.43
C MET D 52 19.17 5.90 -27.13
N ASP D 53 18.34 6.37 -28.06
CA ASP D 53 18.78 7.53 -28.82
C ASP D 53 18.74 8.81 -28.01
N THR D 54 18.30 8.75 -26.75
CA THR D 54 18.40 9.89 -25.85
C THR D 54 19.40 9.62 -24.72
N VAL D 55 20.18 8.54 -24.80
CA VAL D 55 21.13 8.24 -23.72
C VAL D 55 22.56 8.11 -24.25
N THR D 56 22.81 7.18 -25.19
CA THR D 56 24.17 6.76 -25.51
C THR D 56 24.53 6.92 -26.98
N GLU D 57 25.37 7.91 -27.28
CA GLU D 57 26.15 7.96 -28.51
C GLU D 57 27.64 8.01 -28.16
N SER D 58 28.51 8.39 -29.11
CA SER D 58 29.94 8.25 -28.84
C SER D 58 30.39 9.10 -27.65
N LYS D 59 29.84 10.30 -27.50
CA LYS D 59 30.24 11.17 -26.41
C LYS D 59 29.97 10.52 -25.04
N MET D 60 28.75 10.00 -24.86
CA MET D 60 28.39 9.26 -23.65
C MET D 60 29.25 8.02 -23.47
N ALA D 61 29.45 7.26 -24.55
CA ALA D 61 30.22 6.02 -24.44
C ALA D 61 31.67 6.27 -24.04
N ILE D 62 32.31 7.27 -24.66
CA ILE D 62 33.67 7.62 -24.26
C ILE D 62 33.70 7.98 -22.78
N ALA D 63 32.75 8.79 -22.33
CA ALA D 63 32.73 9.22 -20.93
C ALA D 63 32.48 8.04 -20.00
N MET D 64 31.52 7.17 -20.34
CA MET D 64 31.27 5.98 -19.53
C MET D 64 32.53 5.13 -19.42
N ALA D 65 33.25 4.94 -20.51
CA ALA D 65 34.40 4.04 -20.47
C ALA D 65 35.56 4.64 -19.69
N ARG D 66 35.77 5.96 -19.80
CA ARG D 66 36.82 6.60 -19.02
C ARG D 66 36.54 6.51 -17.53
N GLU D 67 35.27 6.50 -17.12
CA GLU D 67 34.93 6.24 -15.73
C GLU D 67 35.09 4.77 -15.35
N GLY D 68 35.30 3.88 -16.32
CA GLY D 68 35.48 2.46 -16.05
C GLY D 68 34.26 1.60 -16.33
N GLY D 69 33.20 2.18 -16.87
CA GLY D 69 32.02 1.45 -17.31
C GLY D 69 32.02 1.24 -18.80
N ILE D 70 30.82 1.15 -19.38
CA ILE D 70 30.69 0.99 -20.83
C ILE D 70 29.38 1.61 -21.29
N GLY D 71 29.42 2.16 -22.50
CA GLY D 71 28.24 2.69 -23.17
C GLY D 71 27.92 1.79 -24.35
N ILE D 72 26.63 1.54 -24.57
CA ILE D 72 26.15 0.75 -25.71
C ILE D 72 25.51 1.71 -26.72
N ILE D 73 26.17 1.90 -27.86
CA ILE D 73 25.66 2.81 -28.89
C ILE D 73 24.32 2.31 -29.44
N HIS D 74 23.34 3.20 -29.51
CA HIS D 74 22.01 2.82 -29.97
C HIS D 74 22.01 2.59 -31.49
N LYS D 75 20.94 1.96 -31.98
CA LYS D 75 20.87 1.63 -33.41
C LYS D 75 19.76 2.37 -34.15
N ASN D 76 19.20 3.41 -33.55
CA ASN D 76 18.23 4.26 -34.25
C ASN D 76 18.98 5.23 -35.16
N MET D 77 19.79 4.67 -36.06
CA MET D 77 20.62 5.42 -36.99
C MET D 77 21.09 4.46 -38.08
N THR D 78 21.64 5.02 -39.16
CA THR D 78 22.08 4.15 -40.23
C THR D 78 23.23 3.26 -39.78
N ILE D 79 23.47 2.19 -40.54
CA ILE D 79 24.56 1.27 -40.21
C ILE D 79 25.90 2.00 -40.24
N GLU D 80 26.12 2.86 -41.24
N GLU D 80 26.12 2.85 -41.24
CA GLU D 80 27.38 3.59 -41.35
CA GLU D 80 27.39 3.57 -41.34
C GLU D 80 27.59 4.52 -40.17
C GLU D 80 27.59 4.51 -40.16
N ASP D 81 26.52 5.17 -39.71
CA ASP D 81 26.65 6.09 -38.59
C ASP D 81 26.97 5.36 -37.30
N GLN D 82 26.35 4.21 -37.07
CA GLN D 82 26.66 3.44 -35.87
C GLN D 82 28.11 2.94 -35.91
N ALA D 83 28.56 2.50 -37.09
CA ALA D 83 29.96 2.13 -37.24
C ALA D 83 30.88 3.31 -36.91
N ARG D 84 30.59 4.48 -37.49
CA ARG D 84 31.33 5.68 -37.15
C ARG D 84 31.40 5.88 -35.63
N GLU D 85 30.25 5.77 -34.96
CA GLU D 85 30.17 6.06 -33.53
C GLU D 85 31.06 5.11 -32.72
N VAL D 86 30.95 3.81 -32.98
CA VAL D 86 31.82 2.81 -32.36
C VAL D 86 33.29 3.14 -32.63
N ASP D 87 33.59 3.51 -33.87
CA ASP D 87 34.97 3.76 -34.25
C ASP D 87 35.57 4.91 -33.44
N ARG D 88 34.79 5.97 -33.19
CA ARG D 88 35.29 7.10 -32.41
C ARG D 88 35.60 6.69 -30.98
N VAL D 89 34.77 5.81 -30.38
CA VAL D 89 35.08 5.35 -29.03
C VAL D 89 36.35 4.51 -29.05
N LYS D 90 36.51 3.64 -30.06
CA LYS D 90 37.66 2.76 -30.08
C LYS D 90 38.96 3.55 -30.28
N ARG D 91 38.90 4.65 -31.03
CA ARG D 91 40.07 5.49 -31.32
C ARG D 91 40.41 6.46 -30.18
N SER D 92 39.55 6.59 -29.18
CA SER D 92 39.77 7.54 -28.11
C SER D 92 40.54 6.92 -26.94
N GLY D 93 41.22 5.80 -27.18
CA GLY D 93 42.07 5.20 -26.17
C GLY D 93 41.99 3.69 -26.10
N GLY D 94 41.46 3.05 -27.13
CA GLY D 94 41.07 1.66 -26.97
C GLY D 94 40.11 1.46 -25.83
N LEU D 95 39.23 2.44 -25.60
CA LEU D 95 38.15 2.26 -24.64
C LEU D 95 37.22 1.15 -25.09
N LEU D 96 36.62 0.45 -24.12
CA LEU D 96 35.60 -0.52 -24.47
C LEU D 96 34.36 0.20 -25.02
N CYS D 97 33.61 -0.52 -25.84
CA CYS D 97 32.43 0.05 -26.48
C CYS D 97 31.50 -1.08 -26.90
N GLY D 98 30.19 -0.78 -26.89
CA GLY D 98 29.19 -1.73 -27.32
C GLY D 98 28.32 -1.12 -28.41
N ALA D 99 27.54 -1.99 -29.07
CA ALA D 99 26.66 -1.58 -30.15
C ALA D 99 25.39 -2.41 -30.13
N SER D 100 24.25 -1.73 -30.29
CA SER D 100 22.95 -2.38 -30.31
C SER D 100 22.63 -2.95 -31.69
N ILE D 101 22.11 -4.19 -31.70
CA ILE D 101 21.62 -4.84 -32.91
C ILE D 101 20.19 -5.33 -32.67
N GLY D 102 19.36 -5.20 -33.70
CA GLY D 102 18.00 -5.69 -33.68
C GLY D 102 17.88 -6.97 -34.50
N VAL D 103 16.73 -7.63 -34.33
CA VAL D 103 16.38 -8.79 -35.13
C VAL D 103 15.68 -8.22 -36.36
N THR D 104 16.46 -8.01 -37.42
CA THR D 104 16.00 -7.33 -38.63
C THR D 104 16.57 -8.05 -39.84
N ASN D 105 16.16 -7.61 -41.03
CA ASN D 105 16.70 -8.18 -42.26
C ASN D 105 18.18 -7.87 -42.42
N ASP D 106 18.58 -6.64 -42.12
CA ASP D 106 19.97 -6.23 -42.27
C ASP D 106 20.81 -6.51 -41.02
N MET D 107 20.33 -7.40 -40.14
CA MET D 107 21.03 -7.66 -38.88
C MET D 107 22.50 -7.97 -39.10
N MET D 108 22.81 -8.96 -39.93
CA MET D 108 24.21 -9.33 -40.12
C MET D 108 25.01 -8.18 -40.73
N GLU D 109 24.41 -7.45 -41.67
CA GLU D 109 25.09 -6.30 -42.26
C GLU D 109 25.46 -5.24 -41.21
N ARG D 110 24.56 -4.97 -40.26
CA ARG D 110 24.91 -4.04 -39.18
C ARG D 110 26.00 -4.62 -38.29
N VAL D 111 25.95 -5.94 -38.03
CA VAL D 111 26.98 -6.57 -37.21
C VAL D 111 28.35 -6.48 -37.88
N ASP D 112 28.41 -6.74 -39.18
CA ASP D 112 29.68 -6.66 -39.91
C ASP D 112 30.32 -5.29 -39.77
N ALA D 113 29.51 -4.23 -39.76
CA ALA D 113 30.07 -2.89 -39.75
C ALA D 113 30.58 -2.49 -38.36
N VAL D 114 29.85 -2.85 -37.30
CA VAL D 114 30.35 -2.52 -35.98
C VAL D 114 31.52 -3.43 -35.60
N VAL D 115 31.61 -4.63 -36.18
CA VAL D 115 32.78 -5.47 -35.98
C VAL D 115 33.99 -4.84 -36.64
N LYS D 116 33.84 -4.39 -37.90
CA LYS D 116 34.89 -3.64 -38.58
C LYS D 116 35.36 -2.45 -37.75
N ALA D 117 34.44 -1.74 -37.11
CA ALA D 117 34.88 -0.66 -36.23
C ALA D 117 35.46 -1.19 -34.93
N LYS D 118 35.59 -2.51 -34.80
CA LYS D 118 36.22 -3.17 -33.65
C LYS D 118 35.42 -2.94 -32.36
N VAL D 119 34.09 -3.05 -32.47
CA VAL D 119 33.25 -3.06 -31.30
C VAL D 119 33.69 -4.20 -30.37
N ASP D 120 33.54 -4.00 -29.07
CA ASP D 120 33.91 -5.03 -28.12
C ASP D 120 32.77 -5.99 -27.81
N VAL D 121 31.54 -5.53 -27.88
CA VAL D 121 30.39 -6.37 -27.56
C VAL D 121 29.20 -5.85 -28.35
N ILE D 122 28.41 -6.76 -28.89
CA ILE D 122 27.15 -6.41 -29.51
C ILE D 122 26.03 -6.78 -28.55
N VAL D 123 25.00 -5.96 -28.52
CA VAL D 123 23.81 -6.20 -27.72
C VAL D 123 22.66 -6.47 -28.68
N LEU D 124 22.34 -7.74 -28.89
CA LEU D 124 21.12 -8.11 -29.61
C LEU D 124 19.98 -7.87 -28.64
N ASP D 125 19.46 -6.64 -28.66
N ASP D 125 19.44 -6.66 -28.72
CA ASP D 125 18.41 -6.25 -27.72
CA ASP D 125 18.41 -6.16 -27.81
C ASP D 125 17.09 -6.07 -28.46
C ASP D 125 17.07 -6.09 -28.52
N THR D 126 16.02 -6.55 -27.83
CA THR D 126 14.69 -6.57 -28.40
C THR D 126 13.66 -6.63 -27.28
N ALA D 127 12.42 -6.25 -27.61
CA ALA D 127 11.37 -6.23 -26.59
C ALA D 127 11.28 -7.56 -25.87
N HIS D 128 11.34 -8.66 -26.62
CA HIS D 128 11.12 -9.99 -26.07
C HIS D 128 12.32 -10.87 -26.49
N GLY D 129 13.32 -10.94 -25.60
CA GLY D 129 14.55 -11.66 -25.88
C GLY D 129 14.39 -13.16 -25.93
N HIS D 130 13.42 -13.69 -25.19
CA HIS D 130 13.20 -15.13 -25.14
C HIS D 130 12.32 -15.59 -26.31
N SER D 131 12.86 -15.41 -27.51
CA SER D 131 12.12 -15.64 -28.74
C SER D 131 13.02 -16.32 -29.76
N LYS D 132 12.38 -17.06 -30.68
CA LYS D 132 13.11 -17.78 -31.73
C LYS D 132 13.98 -16.85 -32.55
N GLY D 133 13.49 -15.67 -32.89
CA GLY D 133 14.30 -14.73 -33.66
C GLY D 133 15.61 -14.37 -32.97
N VAL D 134 15.56 -14.12 -31.67
CA VAL D 134 16.78 -13.76 -30.94
C VAL D 134 17.69 -14.97 -30.81
N ILE D 135 17.12 -16.12 -30.50
CA ILE D 135 17.91 -17.35 -30.38
C ILE D 135 18.61 -17.67 -31.70
N GLU D 136 17.90 -17.55 -32.82
CA GLU D 136 18.50 -17.84 -34.12
C GLU D 136 19.46 -16.74 -34.55
N GLY D 137 19.20 -15.49 -34.14
CA GLY D 137 20.12 -14.42 -34.43
C GLY D 137 21.45 -14.59 -33.73
N VAL D 138 21.40 -14.95 -32.44
CA VAL D 138 22.64 -15.23 -31.70
C VAL D 138 23.42 -16.36 -32.36
N LYS D 139 22.72 -17.40 -32.84
CA LYS D 139 23.42 -18.54 -33.44
C LYS D 139 24.06 -18.17 -34.76
N ARG D 140 23.40 -17.35 -35.59
CA ARG D 140 24.02 -16.85 -36.80
C ARG D 140 25.22 -15.97 -36.48
N ILE D 141 25.09 -15.11 -35.45
CA ILE D 141 26.21 -14.22 -35.12
C ILE D 141 27.41 -15.03 -34.64
N LYS D 142 27.20 -15.92 -33.67
CA LYS D 142 28.33 -16.67 -33.13
C LYS D 142 28.92 -17.64 -34.14
N ALA D 143 28.17 -18.03 -35.17
CA ALA D 143 28.71 -18.92 -36.18
C ALA D 143 29.65 -18.20 -37.14
N LYS D 144 29.37 -16.95 -37.44
CA LYS D 144 30.26 -16.17 -38.28
C LYS D 144 31.39 -15.52 -37.49
N TYR D 145 31.13 -15.15 -36.23
CA TYR D 145 32.11 -14.47 -35.38
C TYR D 145 32.20 -15.20 -34.04
N PRO D 146 32.89 -16.33 -33.99
CA PRO D 146 32.84 -17.17 -32.79
C PRO D 146 33.34 -16.48 -31.53
N GLU D 147 34.31 -15.58 -31.68
CA GLU D 147 34.89 -14.86 -30.55
C GLU D 147 34.20 -13.54 -30.26
N LEU D 148 33.20 -13.15 -31.06
CA LEU D 148 32.54 -11.88 -30.80
C LEU D 148 31.66 -12.02 -29.56
N GLN D 149 31.80 -11.10 -28.62
CA GLN D 149 31.03 -11.16 -27.39
C GLN D 149 29.61 -10.66 -27.66
N VAL D 150 28.62 -11.46 -27.25
CA VAL D 150 27.22 -11.16 -27.54
C VAL D 150 26.45 -11.13 -26.22
N ILE D 151 25.77 -10.00 -25.98
CA ILE D 151 24.74 -9.86 -24.95
C ILE D 151 23.38 -9.96 -25.63
N ALA D 152 22.49 -10.78 -25.09
CA ALA D 152 21.13 -10.89 -25.63
C ALA D 152 20.12 -10.48 -24.57
N GLY D 153 19.06 -9.81 -25.00
CA GLY D 153 18.01 -9.37 -24.09
C GLY D 153 16.82 -8.87 -24.89
N ASN D 154 15.77 -8.46 -24.18
CA ASN D 154 15.68 -8.55 -22.72
C ASN D 154 14.84 -9.74 -22.28
N ILE D 155 15.05 -10.20 -21.05
CA ILE D 155 14.44 -11.43 -20.56
C ILE D 155 14.07 -11.25 -19.09
N ALA D 156 13.34 -12.23 -18.56
CA ALA D 156 12.92 -12.13 -17.18
C ALA D 156 12.82 -13.49 -16.49
N THR D 157 13.28 -14.58 -17.11
CA THR D 157 13.08 -15.87 -16.47
C THR D 157 14.34 -16.71 -16.56
N PRO D 158 14.50 -17.65 -15.63
CA PRO D 158 15.60 -18.63 -15.76
C PRO D 158 15.57 -19.42 -17.06
N GLU D 159 14.38 -19.80 -17.55
CA GLU D 159 14.33 -20.52 -18.83
C GLU D 159 14.92 -19.68 -19.96
N ALA D 160 14.65 -18.37 -19.97
CA ALA D 160 15.25 -17.49 -20.96
C ALA D 160 16.78 -17.49 -20.86
N VAL D 161 17.32 -17.42 -19.63
CA VAL D 161 18.78 -17.51 -19.47
C VAL D 161 19.29 -18.80 -20.10
N ARG D 162 18.59 -19.90 -19.84
CA ARG D 162 19.01 -21.21 -20.30
C ARG D 162 19.03 -21.25 -21.82
N ASP D 163 17.92 -20.85 -22.46
CA ASP D 163 17.82 -20.92 -23.93
C ASP D 163 18.84 -19.98 -24.58
N LEU D 164 19.04 -18.78 -24.03
CA LEU D 164 19.97 -17.83 -24.65
C LEU D 164 21.43 -18.26 -24.47
N ALA D 165 21.77 -18.81 -23.30
CA ALA D 165 23.11 -19.37 -23.12
C ALA D 165 23.33 -20.56 -24.06
N GLU D 166 22.33 -21.43 -24.17
CA GLU D 166 22.42 -22.52 -25.15
C GLU D 166 22.63 -21.99 -26.55
N ALA D 167 22.03 -20.85 -26.89
CA ALA D 167 22.24 -20.28 -28.21
C ALA D 167 23.64 -19.73 -28.43
N GLY D 168 24.43 -19.51 -27.37
CA GLY D 168 25.75 -18.94 -27.50
C GLY D 168 25.93 -17.53 -26.94
N ALA D 169 24.97 -16.99 -26.21
CA ALA D 169 25.16 -15.67 -25.62
C ALA D 169 26.26 -15.73 -24.55
N ASP D 170 27.06 -14.66 -24.47
CA ASP D 170 28.08 -14.54 -23.43
C ASP D 170 27.58 -13.82 -22.18
N CYS D 171 26.41 -13.20 -22.27
CA CYS D 171 25.81 -12.41 -21.22
C CYS D 171 24.34 -12.21 -21.61
N VAL D 172 23.46 -12.10 -20.61
CA VAL D 172 22.05 -11.85 -20.91
C VAL D 172 21.58 -10.66 -20.12
N LYS D 173 20.63 -9.93 -20.69
CA LYS D 173 20.17 -8.68 -20.13
C LYS D 173 18.74 -8.84 -19.62
N VAL D 174 18.53 -8.50 -18.34
CA VAL D 174 17.28 -8.78 -17.62
C VAL D 174 16.49 -7.49 -17.46
N GLY D 175 15.22 -7.54 -17.83
CA GLY D 175 14.30 -6.45 -17.57
C GLY D 175 13.15 -6.37 -18.57
N ILE D 176 11.97 -6.83 -18.16
CA ILE D 176 10.75 -6.70 -18.95
C ILE D 176 9.80 -5.80 -18.16
N GLY D 177 9.68 -4.55 -18.59
CA GLY D 177 8.77 -3.63 -17.95
C GLY D 177 9.24 -2.65 -16.88
N PRO D 178 10.46 -2.73 -16.34
CA PRO D 178 10.78 -1.83 -15.21
C PRO D 178 11.24 -0.44 -15.63
N GLY D 179 11.41 -0.16 -16.92
CA GLY D 179 12.02 1.09 -17.32
C GLY D 179 11.15 2.28 -16.95
N SER D 180 11.81 3.37 -16.55
CA SER D 180 11.09 4.59 -16.23
C SER D 180 10.18 5.03 -17.38
N ILE D 181 10.58 4.79 -18.62
CA ILE D 181 9.79 5.27 -19.75
C ILE D 181 8.96 4.15 -20.39
N CYS D 182 8.87 3.01 -19.74
CA CYS D 182 8.29 1.81 -20.35
C CYS D 182 6.82 1.64 -19.95
N THR D 183 5.97 1.26 -20.92
CA THR D 183 4.58 0.90 -20.63
C THR D 183 4.27 -0.55 -20.98
N THR D 184 5.30 -1.37 -21.28
CA THR D 184 5.07 -2.77 -21.62
C THR D 184 4.11 -3.48 -20.66
N ARG D 185 4.33 -3.36 -19.34
CA ARG D 185 3.49 -4.08 -18.39
C ARG D 185 2.04 -3.61 -18.41
N ILE D 186 1.78 -2.41 -18.87
CA ILE D 186 0.43 -1.84 -18.85
C ILE D 186 -0.33 -2.14 -20.13
N VAL D 187 0.35 -2.06 -21.27
CA VAL D 187 -0.33 -2.25 -22.55
C VAL D 187 -0.34 -3.71 -22.95
N ALA D 188 0.62 -4.51 -22.46
CA ALA D 188 0.65 -5.92 -22.78
C ALA D 188 0.40 -6.81 -21.57
N GLY D 189 0.48 -6.25 -20.36
CA GLY D 189 0.21 -6.99 -19.15
C GLY D 189 1.31 -7.90 -18.70
N VAL D 190 2.51 -7.78 -19.26
CA VAL D 190 3.56 -8.77 -19.11
C VAL D 190 4.77 -8.16 -18.41
N GLY D 191 5.39 -8.93 -17.53
CA GLY D 191 6.68 -8.55 -16.96
C GLY D 191 6.89 -9.19 -15.60
N VAL D 192 8.08 -8.94 -15.04
CA VAL D 192 8.44 -9.46 -13.74
C VAL D 192 9.08 -8.34 -12.93
N PRO D 193 8.57 -7.99 -11.74
CA PRO D 193 9.25 -6.96 -10.93
C PRO D 193 10.73 -7.26 -10.80
N GLN D 194 11.53 -6.20 -10.94
CA GLN D 194 12.90 -6.35 -11.45
C GLN D 194 13.82 -7.02 -10.44
N LEU D 195 13.61 -6.83 -9.12
CA LEU D 195 14.53 -7.45 -8.18
C LEU D 195 14.39 -8.97 -8.20
N THR D 196 13.16 -9.49 -8.23
CA THR D 196 12.96 -10.93 -8.38
C THR D 196 13.44 -11.44 -9.74
N ALA D 197 13.20 -10.69 -10.80
CA ALA D 197 13.72 -11.10 -12.11
C ALA D 197 15.24 -11.26 -12.07
N VAL D 198 15.95 -10.27 -11.54
CA VAL D 198 17.41 -10.34 -11.51
C VAL D 198 17.88 -11.47 -10.59
N MET D 199 17.32 -11.55 -9.39
CA MET D 199 17.67 -12.63 -8.48
C MET D 199 17.48 -14.00 -9.13
N ASP D 200 16.31 -14.25 -9.72
CA ASP D 200 16.06 -15.56 -10.32
C ASP D 200 16.97 -15.81 -11.53
N CYS D 201 17.10 -14.82 -12.40
CA CYS D 201 17.91 -15.01 -13.60
C CYS D 201 19.39 -15.11 -13.27
N ALA D 202 19.88 -14.28 -12.34
CA ALA D 202 21.31 -14.31 -12.04
C ALA D 202 21.69 -15.62 -11.36
N GLU D 203 20.81 -16.16 -10.52
CA GLU D 203 21.07 -17.46 -9.92
C GLU D 203 21.17 -18.54 -11.00
N GLU D 204 20.33 -18.47 -12.03
CA GLU D 204 20.42 -19.42 -13.11
C GLU D 204 21.68 -19.20 -13.93
N GLY D 205 22.01 -17.94 -14.23
CA GLY D 205 23.25 -17.66 -14.97
C GLY D 205 24.48 -18.16 -14.25
N LYS D 206 24.51 -18.03 -12.92
CA LYS D 206 25.70 -18.46 -12.19
C LYS D 206 25.89 -19.97 -12.30
N LYS D 207 24.80 -20.73 -12.28
CA LYS D 207 24.93 -22.17 -12.51
C LYS D 207 25.46 -22.48 -13.90
N LEU D 208 25.11 -21.67 -14.89
CA LEU D 208 25.61 -21.92 -16.24
C LEU D 208 26.96 -21.28 -16.51
N GLY D 209 27.37 -20.31 -15.68
CA GLY D 209 28.57 -19.55 -15.97
C GLY D 209 28.35 -18.44 -16.97
N ILE D 210 27.16 -17.83 -16.99
CA ILE D 210 26.87 -16.69 -17.85
C ILE D 210 26.40 -15.55 -16.97
N PRO D 211 26.99 -14.37 -17.06
CA PRO D 211 26.53 -13.26 -16.22
C PRO D 211 25.25 -12.65 -16.77
N VAL D 212 24.55 -11.89 -15.90
CA VAL D 212 23.33 -11.20 -16.27
C VAL D 212 23.46 -9.73 -15.91
N ILE D 213 22.82 -8.89 -16.72
CA ILE D 213 22.78 -7.44 -16.52
C ILE D 213 21.42 -7.06 -15.97
N ALA D 214 21.41 -6.26 -14.91
CA ALA D 214 20.18 -5.72 -14.33
C ALA D 214 19.84 -4.43 -15.05
N ASP D 215 18.86 -4.48 -15.97
CA ASP D 215 18.59 -3.38 -16.91
C ASP D 215 17.24 -2.78 -16.61
N GLY D 216 17.23 -1.53 -16.15
CA GLY D 216 15.98 -0.79 -16.04
C GLY D 216 15.47 -0.70 -14.62
N GLY D 217 14.77 0.39 -14.33
CA GLY D 217 14.11 0.54 -13.05
C GLY D 217 14.99 1.09 -11.94
N LEU D 218 16.23 1.45 -12.23
CA LEU D 218 17.12 1.97 -11.19
C LEU D 218 16.97 3.48 -11.08
N LYS D 219 16.68 3.95 -9.87
N LYS D 219 16.74 3.97 -9.85
CA LYS D 219 16.61 5.38 -9.58
CA LYS D 219 16.57 5.38 -9.57
C LYS D 219 17.73 5.87 -8.69
C LYS D 219 17.55 5.94 -8.56
N TYR D 220 18.06 5.13 -7.64
CA TYR D 220 19.03 5.54 -6.64
C TYR D 220 20.23 4.61 -6.65
N SER D 221 21.35 5.10 -6.11
CA SER D 221 22.53 4.27 -5.96
C SER D 221 22.23 2.99 -5.17
N GLY D 222 21.39 3.09 -4.12
CA GLY D 222 21.05 1.89 -3.35
C GLY D 222 20.34 0.82 -4.17
N ASP D 223 19.57 1.22 -5.19
CA ASP D 223 18.98 0.25 -6.12
C ASP D 223 20.06 -0.59 -6.79
N ILE D 224 21.18 0.03 -7.16
CA ILE D 224 22.24 -0.70 -7.86
C ILE D 224 22.91 -1.69 -6.92
N VAL D 225 23.15 -1.30 -5.67
CA VAL D 225 23.67 -2.24 -4.68
C VAL D 225 22.79 -3.48 -4.59
N LYS D 226 21.47 -3.29 -4.55
CA LYS D 226 20.53 -4.41 -4.48
C LYS D 226 20.60 -5.27 -5.74
N ALA D 227 20.71 -4.63 -6.91
CA ALA D 227 20.87 -5.39 -8.15
C ALA D 227 22.15 -6.21 -8.13
N LEU D 228 23.25 -5.62 -7.64
CA LEU D 228 24.50 -6.35 -7.59
C LEU D 228 24.45 -7.45 -6.53
N ALA D 229 23.85 -7.17 -5.35
CA ALA D 229 23.76 -8.17 -4.30
C ALA D 229 22.88 -9.34 -4.73
N ALA D 230 21.87 -9.06 -5.55
CA ALA D 230 21.05 -10.12 -6.12
C ALA D 230 21.80 -10.96 -7.16
N GLY D 231 22.95 -10.51 -7.65
CA GLY D 231 23.81 -11.35 -8.47
C GLY D 231 24.10 -10.82 -9.86
N ALA D 232 23.48 -9.72 -10.27
CA ALA D 232 23.83 -9.06 -11.52
C ALA D 232 25.31 -8.70 -11.54
N CYS D 233 25.96 -8.96 -12.69
CA CYS D 233 27.33 -8.51 -12.90
C CYS D 233 27.42 -7.01 -13.14
N ALA D 234 26.33 -6.38 -13.56
CA ALA D 234 26.39 -4.98 -13.96
C ALA D 234 24.97 -4.45 -14.01
N ALA D 235 24.86 -3.12 -14.01
CA ALA D 235 23.59 -2.42 -13.99
C ALA D 235 23.54 -1.44 -15.15
N MET D 236 22.41 -1.42 -15.86
CA MET D 236 22.22 -0.54 -17.00
C MET D 236 21.16 0.49 -16.68
N MET D 237 21.41 1.75 -17.05
CA MET D 237 20.49 2.82 -16.70
C MET D 237 20.29 3.76 -17.88
N GLY D 238 19.03 4.16 -18.09
CA GLY D 238 18.75 5.22 -19.04
C GLY D 238 18.46 6.53 -18.33
N SER D 239 17.42 6.52 -17.48
CA SER D 239 16.98 7.71 -16.76
C SER D 239 18.14 8.39 -16.00
N ILE D 240 18.91 7.62 -15.24
CA ILE D 240 19.96 8.24 -14.41
C ILE D 240 20.99 8.98 -15.26
N PHE D 241 21.19 8.58 -16.53
CA PHE D 241 22.20 9.22 -17.35
C PHE D 241 21.66 10.17 -18.41
N ALA D 242 20.36 10.11 -18.72
CA ALA D 242 19.89 10.88 -19.88
C ALA D 242 19.87 12.39 -19.63
N GLY D 243 19.95 12.83 -18.38
CA GLY D 243 20.07 14.25 -18.08
C GLY D 243 21.49 14.76 -17.99
N CYS D 244 22.46 13.90 -18.24
CA CYS D 244 23.85 14.32 -18.17
C CYS D 244 24.26 15.05 -19.45
N GLU D 245 25.29 15.89 -19.31
CA GLU D 245 25.74 16.72 -20.42
C GLU D 245 26.13 15.88 -21.64
N GLU D 246 26.67 14.68 -21.40
CA GLU D 246 27.17 13.83 -22.46
C GLU D 246 26.06 13.06 -23.18
N ALA D 247 24.85 13.04 -22.64
CA ALA D 247 23.74 12.44 -23.35
C ALA D 247 23.41 13.25 -24.60
N PRO D 248 22.92 12.61 -25.66
CA PRO D 248 22.49 13.38 -26.83
C PRO D 248 21.28 14.23 -26.48
N GLY D 249 21.12 15.30 -27.22
CA GLY D 249 20.01 16.19 -26.99
C GLY D 249 20.46 17.50 -26.39
N ALA D 250 19.76 18.56 -26.74
CA ALA D 250 20.13 19.86 -26.22
C ALA D 250 19.53 20.04 -24.83
N ILE D 251 20.07 21.03 -24.11
CA ILE D 251 19.47 21.43 -22.84
C ILE D 251 18.36 22.43 -23.13
N GLU D 252 17.17 22.13 -22.66
CA GLU D 252 16.03 23.03 -22.77
C GLU D 252 15.73 23.63 -21.39
N ILE D 253 15.25 24.86 -21.40
CA ILE D 253 14.89 25.59 -20.18
C ILE D 253 13.42 25.94 -20.24
N TYR D 254 12.69 25.63 -19.16
CA TYR D 254 11.26 25.88 -19.07
C TYR D 254 10.96 26.30 -17.64
N GLN D 255 10.56 27.56 -17.46
CA GLN D 255 10.22 28.13 -16.16
C GLN D 255 11.31 27.84 -15.12
N GLY D 256 12.51 28.35 -15.41
CA GLY D 256 13.60 28.34 -14.45
C GLY D 256 14.35 27.03 -14.31
N ARG D 257 13.87 25.94 -14.90
CA ARG D 257 14.46 24.63 -14.74
C ARG D 257 14.99 24.14 -16.08
N SER D 258 16.10 23.42 -16.05
CA SER D 258 16.73 22.93 -17.27
C SER D 258 16.48 21.43 -17.41
N TYR D 259 16.14 21.01 -18.62
CA TYR D 259 15.67 19.65 -18.90
C TYR D 259 16.41 19.07 -20.10
N LYS D 260 16.41 17.74 -20.19
CA LYS D 260 16.76 17.08 -21.44
C LYS D 260 15.64 16.10 -21.80
N VAL D 261 15.50 15.83 -23.10
CA VAL D 261 14.46 14.91 -23.55
C VAL D 261 14.87 13.49 -23.23
N TYR D 262 13.90 12.67 -22.85
CA TYR D 262 14.15 11.25 -22.64
C TYR D 262 12.90 10.51 -23.10
N ARG D 263 13.07 9.45 -23.89
CA ARG D 263 11.93 8.75 -24.44
C ARG D 263 12.24 7.27 -24.56
N GLY D 264 11.21 6.43 -24.47
CA GLY D 264 11.42 5.03 -24.73
C GLY D 264 11.73 4.79 -26.19
N MET D 265 12.54 3.76 -26.45
CA MET D 265 12.77 3.36 -27.83
C MET D 265 11.52 2.74 -28.48
N GLY D 266 10.54 2.34 -27.68
CA GLY D 266 9.27 1.90 -28.19
C GLY D 266 8.19 2.95 -28.12
N SER D 267 8.55 4.21 -27.89
CA SER D 267 7.57 5.28 -27.95
C SER D 267 7.33 5.66 -29.41
N LEU D 268 6.24 6.39 -29.63
CA LEU D 268 5.89 6.86 -30.96
C LEU D 268 7.01 7.70 -31.58
N GLY D 269 7.56 8.64 -30.80
CA GLY D 269 8.60 9.51 -31.33
C GLY D 269 9.84 8.75 -31.75
N ALA D 270 10.29 7.82 -30.91
CA ALA D 270 11.48 7.05 -31.25
C ALA D 270 11.23 6.18 -32.49
N MET D 271 10.03 5.62 -32.63
CA MET D 271 9.74 4.77 -33.79
C MET D 271 9.52 5.54 -35.08
N ALA D 272 9.12 6.81 -35.02
CA ALA D 272 8.81 7.58 -36.23
C ALA D 272 10.03 7.80 -37.15
N VAL D 288 1.50 -0.60 -31.99
CA VAL D 288 1.18 0.19 -30.80
C VAL D 288 2.42 0.36 -29.92
N PRO D 289 2.60 1.55 -29.35
CA PRO D 289 3.84 1.85 -28.62
C PRO D 289 3.91 1.17 -27.26
N GLU D 290 5.14 0.93 -26.80
CA GLU D 290 5.39 0.39 -25.47
C GLU D 290 6.30 1.31 -24.64
N GLY D 291 6.35 2.60 -24.99
CA GLY D 291 7.04 3.58 -24.16
C GLY D 291 6.41 4.94 -24.31
N VAL D 292 6.92 5.88 -23.51
CA VAL D 292 6.44 7.26 -23.48
C VAL D 292 7.64 8.19 -23.76
N GLU D 293 7.32 9.47 -23.97
CA GLU D 293 8.32 10.50 -24.27
C GLU D 293 8.14 11.65 -23.29
N GLY D 294 9.25 12.20 -22.82
CA GLY D 294 9.15 13.27 -21.84
C GLY D 294 10.47 13.97 -21.57
N ARG D 295 10.55 14.61 -20.41
CA ARG D 295 11.73 15.37 -20.01
C ARG D 295 12.19 14.94 -18.62
N ILE D 296 13.50 15.03 -18.38
CA ILE D 296 14.08 14.82 -17.06
C ILE D 296 14.97 16.02 -16.74
N ALA D 297 15.38 16.13 -15.48
CA ALA D 297 16.19 17.27 -15.08
C ALA D 297 17.60 17.17 -15.62
N TYR D 298 18.15 18.32 -16.04
CA TYR D 298 19.57 18.42 -16.39
C TYR D 298 20.44 18.16 -15.16
N LYS D 299 21.38 17.22 -15.31
CA LYS D 299 22.22 16.75 -14.20
C LYS D 299 23.65 17.29 -14.24
N GLY D 300 24.06 17.94 -15.32
CA GLY D 300 25.46 18.31 -15.44
C GLY D 300 26.28 17.15 -15.98
N HIS D 301 27.55 17.10 -15.59
CA HIS D 301 28.48 16.19 -16.22
C HIS D 301 28.39 14.77 -15.64
N LEU D 302 28.61 13.79 -16.51
CA LEU D 302 28.56 12.39 -16.11
C LEU D 302 29.40 12.10 -14.87
N ALA D 303 30.59 12.70 -14.78
CA ALA D 303 31.52 12.42 -13.68
C ALA D 303 30.84 12.59 -12.33
N ASP D 304 30.09 13.70 -12.15
CA ASP D 304 29.46 13.97 -10.88
C ASP D 304 28.38 12.94 -10.55
N THR D 305 27.66 12.47 -11.56
CA THR D 305 26.67 11.42 -11.31
C THR D 305 27.36 10.11 -10.94
N ILE D 306 28.35 9.70 -11.73
CA ILE D 306 29.08 8.46 -11.46
C ILE D 306 29.70 8.50 -10.07
N TYR D 307 30.30 9.64 -9.68
CA TYR D 307 30.90 9.73 -8.36
C TYR D 307 29.88 9.42 -7.27
N GLN D 308 28.66 9.96 -7.37
CA GLN D 308 27.66 9.65 -6.35
C GLN D 308 27.21 8.20 -6.42
N LEU D 309 27.03 7.65 -7.63
CA LEU D 309 26.61 6.25 -7.74
C LEU D 309 27.64 5.32 -7.10
N ILE D 310 28.92 5.50 -7.44
CA ILE D 310 30.01 4.67 -6.93
C ILE D 310 30.16 4.86 -5.42
N GLY D 311 29.96 6.08 -4.93
CA GLY D 311 30.07 6.29 -3.50
C GLY D 311 29.02 5.52 -2.73
N GLY D 312 27.79 5.51 -3.24
CA GLY D 312 26.72 4.74 -2.62
C GLY D 312 26.98 3.26 -2.67
N ILE D 313 27.47 2.75 -3.82
CA ILE D 313 27.80 1.33 -3.93
C ILE D 313 28.88 0.95 -2.94
N LYS D 314 29.93 1.77 -2.84
CA LYS D 314 31.01 1.47 -1.92
C LYS D 314 30.52 1.48 -0.47
N SER D 315 29.60 2.39 -0.14
CA SER D 315 29.06 2.41 1.21
C SER D 315 28.28 1.12 1.50
N GLY D 316 27.32 0.78 0.64
CA GLY D 316 26.60 -0.48 0.77
C GLY D 316 27.50 -1.68 0.93
N MET D 317 28.58 -1.75 0.14
CA MET D 317 29.52 -2.87 0.29
C MET D 317 30.24 -2.83 1.63
N GLY D 318 30.60 -1.64 2.12
CA GLY D 318 31.13 -1.52 3.46
C GLY D 318 30.14 -2.05 4.50
N TYR D 319 28.87 -1.69 4.37
CA TYR D 319 27.85 -2.19 5.29
C TYR D 319 27.74 -3.70 5.23
N LEU D 320 28.06 -4.31 4.10
CA LEU D 320 27.91 -5.76 3.96
C LEU D 320 29.23 -6.50 4.09
N GLY D 321 30.32 -5.83 4.45
CA GLY D 321 31.60 -6.49 4.67
C GLY D 321 32.20 -7.11 3.44
N ALA D 322 31.80 -6.64 2.26
CA ALA D 322 32.18 -7.23 0.99
C ALA D 322 33.32 -6.46 0.35
N PRO D 323 34.52 -7.04 0.21
CA PRO D 323 35.59 -6.34 -0.51
C PRO D 323 35.46 -6.41 -2.01
N THR D 324 34.58 -7.25 -2.55
CA THR D 324 34.41 -7.44 -3.99
C THR D 324 32.94 -7.66 -4.31
N LEU D 325 32.62 -7.62 -5.60
CA LEU D 325 31.24 -7.83 -6.03
C LEU D 325 30.78 -9.27 -5.75
N GLU D 326 31.66 -10.25 -6.00
CA GLU D 326 31.27 -11.64 -5.77
C GLU D 326 30.98 -11.89 -4.29
N ASN D 327 31.88 -11.45 -3.41
CA ASN D 327 31.64 -11.59 -1.98
C ASN D 327 30.33 -10.91 -1.56
N LEU D 328 29.99 -9.79 -2.20
CA LEU D 328 28.71 -9.13 -1.93
C LEU D 328 27.54 -10.08 -2.17
N TYR D 329 27.51 -10.70 -3.35
CA TYR D 329 26.44 -11.63 -3.69
C TYR D 329 26.40 -12.82 -2.73
N GLU D 330 27.57 -13.30 -2.31
CA GLU D 330 27.67 -14.52 -1.52
C GLU D 330 27.13 -14.35 -0.11
N ASN D 331 27.15 -13.14 0.44
CA ASN D 331 26.76 -12.93 1.83
C ASN D 331 25.58 -11.99 1.96
N ALA D 332 24.88 -11.69 0.87
CA ALA D 332 23.76 -10.76 0.90
C ALA D 332 22.50 -11.47 1.40
N ASN D 333 21.85 -10.86 2.38
CA ASN D 333 20.54 -11.28 2.86
C ASN D 333 19.60 -10.10 2.70
N PHE D 334 18.50 -10.32 1.99
CA PHE D 334 17.44 -9.33 1.85
C PHE D 334 16.34 -9.58 2.88
N VAL D 335 15.73 -8.49 3.36
CA VAL D 335 14.42 -8.55 3.99
C VAL D 335 13.45 -7.76 3.13
N VAL D 336 12.17 -8.10 3.26
CA VAL D 336 11.10 -7.40 2.55
C VAL D 336 10.56 -6.33 3.50
N GLN D 337 10.34 -5.12 2.98
CA GLN D 337 9.69 -4.06 3.73
C GLN D 337 8.31 -3.80 3.14
N THR D 338 7.38 -3.35 3.97
CA THR D 338 6.04 -2.95 3.53
C THR D 338 6.07 -1.50 3.05
N SER D 339 4.91 -1.01 2.64
CA SER D 339 4.77 0.40 2.31
C SER D 339 5.13 1.30 3.51
N ALA D 340 4.76 0.88 4.72
CA ALA D 340 5.15 1.62 5.91
C ALA D 340 6.67 1.63 6.06
N GLY D 341 7.32 0.49 5.80
CA GLY D 341 8.77 0.46 5.87
C GLY D 341 9.42 1.32 4.79
N PHE D 342 8.79 1.39 3.62
CA PHE D 342 9.30 2.25 2.58
C PHE D 342 9.25 3.71 3.03
N ARG D 343 8.17 4.10 3.69
CA ARG D 343 8.06 5.46 4.21
C ARG D 343 9.11 5.75 5.29
N GLU D 344 9.44 4.74 6.10
CA GLU D 344 10.51 4.89 7.08
C GLU D 344 11.89 4.99 6.42
N SER D 345 12.11 4.25 5.32
CA SER D 345 13.43 4.21 4.70
C SER D 345 13.78 5.55 4.04
N HIS D 346 12.81 6.19 3.42
CA HIS D 346 13.03 7.53 2.91
C HIS D 346 13.07 8.53 4.07
N PRO D 347 13.66 9.72 3.85
CA PRO D 347 13.45 10.82 4.80
C PRO D 347 11.98 11.11 4.96
N HIS D 348 11.58 11.38 6.20
CA HIS D 348 10.18 11.60 6.52
C HIS D 348 10.09 12.66 7.60
N ASP D 349 8.94 13.34 7.65
CA ASP D 349 8.63 14.33 8.69
C ASP D 349 9.69 15.40 8.80
N ILE D 350 10.18 15.87 7.65
CA ILE D 350 11.08 17.00 7.61
C ILE D 350 10.85 17.74 6.31
N ASN D 351 10.84 19.07 6.37
N ASN D 351 10.85 19.07 6.38
CA ASN D 351 10.82 19.91 5.18
CA ASN D 351 10.82 19.90 5.19
C ASN D 351 12.26 20.09 4.73
C ASN D 351 12.26 20.09 4.72
N ILE D 352 12.67 19.32 3.72
CA ILE D 352 14.04 19.43 3.23
C ILE D 352 14.21 20.76 2.52
N THR D 353 15.28 21.47 2.86
CA THR D 353 15.53 22.79 2.30
C THR D 353 16.89 22.94 1.64
N LYS D 354 17.72 21.90 1.63
CA LYS D 354 19.02 21.95 0.98
C LYS D 354 19.13 20.76 0.03
N GLU D 355 19.65 21.02 -1.17
CA GLU D 355 19.91 19.97 -2.12
C GLU D 355 20.86 18.93 -1.52
N ALA D 356 20.54 17.74 -1.69
CA ALA D 356 21.53 16.69 -1.52
C ALA D 356 21.96 16.18 -2.89
N PRO D 357 23.24 15.80 -3.10
CA PRO D 357 23.64 15.39 -4.44
C PRO D 357 23.20 13.99 -4.83
N ASN D 358 22.89 13.12 -3.86
CA ASN D 358 22.53 11.73 -4.16
C ASN D 358 21.10 11.41 -3.76
N TYR D 359 20.28 12.42 -3.49
CA TYR D 359 18.91 12.19 -3.08
C TYR D 359 18.00 13.20 -3.78
N SER D 360 16.73 12.83 -3.92
CA SER D 360 15.75 13.70 -4.58
C SER D 360 14.36 13.12 -4.34
N VAL D 361 13.36 14.02 -4.31
CA VAL D 361 11.95 13.63 -4.24
C VAL D 361 11.15 14.33 -5.33
P IMP E . -16.84 6.70 14.64
O1P IMP E . -15.70 6.18 13.79
O2P IMP E . -18.22 6.22 14.18
O3P IMP E . -16.80 8.20 14.69
O5' IMP E . -16.54 6.07 16.06
C5' IMP E . -17.14 6.54 17.24
C4' IMP E . -16.67 5.70 18.41
O4' IMP E . -15.34 6.09 18.78
C3' IMP E . -17.45 5.83 19.72
O3' IMP E . -18.61 5.01 19.71
C2' IMP E . -16.44 5.41 20.78
O2' IMP E . -16.40 4.00 20.90
C1' IMP E . -15.12 5.86 20.16
N9 IMP E . -14.60 7.10 20.75
C8 IMP E . -15.30 8.24 21.07
N7 IMP E . -14.39 9.13 21.55
C5 IMP E . -13.14 8.58 21.51
C6 IMP E . -11.89 9.07 21.86
O6 IMP E . -11.69 10.27 21.87
N1 IMP E . -10.79 8.25 21.71
C2 IMP E . -10.95 6.97 21.20
N3 IMP E . -12.19 6.49 20.83
C4 IMP E . -13.27 7.29 21.00
C1 8LA F . -10.06 9.15 27.57
C2 8LA F . -11.24 9.73 27.99
C3 8LA F . -12.44 9.32 27.39
C4 8LA F . -12.45 8.36 26.39
C5 8LA F . -11.24 7.78 25.97
C6 8LA F . -10.05 8.18 26.57
C10 8LA F . -7.87 7.37 28.99
C11 8LA F . -8.74 9.54 28.16
C12 8LA F . -8.94 10.14 29.57
C13 8LA F . -8.14 10.64 27.28
C17 8LA F . -6.68 5.29 29.48
C18 8LA F . -5.60 4.50 29.09
C19 8LA F . -5.31 3.30 29.74
C20 8LA F . -6.11 2.88 30.80
C21 8LA F . -7.27 3.70 31.23
C22 8LA F . -7.50 4.89 30.54
C24 8LA F . -8.68 2.09 32.53
C25 8LA F . -10.17 2.12 32.24
C26 8LA F . -10.79 2.61 33.54
C27 8LA F . -9.73 2.39 34.61
C29 8LA F . -10.22 1.41 35.67
C7 8LA F . -11.18 6.73 24.89
C8 8LA F . -10.00 6.34 24.44
C9 8LA F . -12.28 6.17 24.42
N3 8LA F . -7.83 8.40 28.16
N4 8LA F . -6.91 6.46 28.80
O1 8LA F . -8.11 3.38 32.28
O2 8LA F . -8.75 7.25 29.85
O3 8LA F . -8.58 1.85 33.95
O4 8LA F . -10.42 3.01 31.16
O5 8LA F . -11.07 4.01 33.46
O6 8LA F . -11.30 0.65 35.10
CL 8LA F . -5.70 1.33 31.62
K K G . -8.64 6.01 14.89
P IMP H . -16.29 -0.75 -16.64
O1P IMP H . -15.27 -0.80 -15.54
O2P IMP H . -15.86 -1.30 -17.99
O3P IMP H . -16.79 0.67 -16.77
O5' IMP H . -17.46 -1.69 -16.09
C5' IMP H . -18.73 -1.79 -16.74
C4' IMP H . -19.56 -2.90 -16.13
O4' IMP H . -20.05 -2.49 -14.84
C3' IMP H . -20.83 -3.28 -16.88
O3' IMP H . -20.55 -4.13 -17.98
C2' IMP H . -21.68 -3.94 -15.79
O2' IMP H . -21.30 -5.30 -15.61
C1' IMP H . -21.28 -3.14 -14.55
N9 IMP H . -22.26 -2.11 -14.17
C8 IMP H . -22.98 -1.27 -14.98
N7 IMP H . -23.70 -0.44 -14.18
C5 IMP H . -23.43 -0.72 -12.88
C6 IMP H . -23.89 -0.19 -11.68
O6 IMP H . -24.54 0.85 -11.65
N1 IMP H . -23.41 -0.68 -10.49
C2 IMP H . -22.52 -1.74 -10.51
N3 IMP H . -22.07 -2.27 -11.71
C4 IMP H . -22.52 -1.76 -12.87
C1 8LA I . -29.16 -2.03 -9.53
C2 8LA I . -29.75 -1.65 -10.73
C3 8LA I . -29.06 -1.87 -11.92
C4 8LA I . -27.80 -2.46 -11.89
C5 8LA I . -27.21 -2.84 -10.68
C6 8LA I . -27.90 -2.61 -9.50
C10 8LA I . -29.90 -4.07 -7.15
C11 8LA I . -29.86 -1.80 -8.23
C12 8LA I . -31.38 -1.72 -8.44
C13 8LA I . -29.40 -0.43 -7.71
C17 8LA I . -29.65 -6.06 -5.76
C18 8LA I . -28.98 -6.55 -4.64
C19 8LA I . -29.17 -7.85 -4.20
C20 8LA I . -30.05 -8.70 -4.87
C21 8LA I . -30.76 -8.19 -6.07
C22 8LA I . -30.53 -6.88 -6.46
C24 8LA I . -31.33 -10.25 -7.37
C25 8LA I . -31.18 -10.05 -8.86
C26 8LA I . -32.62 -9.96 -9.32
C27 8LA I . -33.41 -10.80 -8.31
C29 8LA I . -34.00 -12.07 -8.93
C7 8LA I . -25.84 -3.47 -10.64
C8 8LA I . -25.21 -3.61 -9.48
C9 8LA I . -25.27 -3.91 -11.74
N3 8LA I . -29.47 -2.80 -7.25
N4 8LA I . -29.40 -4.76 -6.10
O1 8LA I . -31.66 -8.98 -6.77
O2 8LA I . -30.70 -4.53 -7.95
O3 8LA I . -32.48 -11.11 -7.27
O4 8LA I . -30.46 -8.84 -9.10
O5 8LA I . -33.09 -8.61 -9.22
O6 8LA I . -32.96 -12.91 -9.43
CL 8LA I . -30.33 -10.37 -4.29
C1 MPD J . -14.07 -16.91 -6.38
C2 MPD J . -13.95 -17.20 -4.89
O2 MPD J . -12.82 -18.07 -4.67
CM MPD J . -13.74 -15.93 -4.08
C3 MPD J . -15.22 -17.91 -4.42
C4 MPD J . -14.98 -19.10 -3.50
O4 MPD J . -16.11 -19.22 -2.68
C5 MPD J . -14.77 -20.40 -4.28
K K K . 7.60 0.92 -16.43
C FMT L . 0.42 -0.54 0.15
O1 FMT L . -0.14 -1.60 0.41
O2 FMT L . -0.19 0.53 -0.02
P IMP M . 14.96 10.51 14.24
O1P IMP M . 14.57 10.50 15.69
O2P IMP M . 14.00 9.81 13.30
O3P IMP M . 15.11 11.92 13.72
O5' IMP M . 16.39 9.78 14.14
C5' IMP M . 17.55 10.27 14.77
C4' IMP M . 18.68 9.26 14.65
O4' IMP M . 19.11 9.20 13.27
C3' IMP M . 19.96 9.55 15.42
O3' IMP M . 19.87 9.19 16.79
C2' IMP M . 20.99 8.72 14.66
O2' IMP M . 20.92 7.37 15.10
C1' IMP M . 20.46 8.77 13.22
N9 IMP M . 21.18 9.70 12.36
C8 IMP M . 21.59 10.98 12.62
N7 IMP M . 22.17 11.50 11.49
C5 IMP M . 22.10 10.57 10.50
C6 IMP M . 22.50 10.56 9.17
O6 IMP M . 22.69 11.61 8.57
N1 IMP M . 22.25 9.41 8.44
C2 IMP M . 21.65 8.32 8.99
N3 IMP M . 21.24 8.34 10.30
C4 IMP M . 21.47 9.44 11.04
C1 8LA N . 28.09 9.35 7.77
C2 8LA N . 28.52 10.31 8.67
C3 8LA N . 27.87 10.47 9.90
C4 8LA N . 26.76 9.67 10.22
C5 8LA N . 26.33 8.70 9.31
C6 8LA N . 26.99 8.55 8.09
C10 8LA N . 29.40 6.75 6.43
C11 8LA N . 28.78 9.18 6.45
C12 8LA N . 30.24 9.67 6.53
C13 8LA N . 28.03 10.05 5.46
C17 8LA N . 29.70 4.37 6.11
C18 8LA N . 29.20 3.29 5.37
C19 8LA N . 29.70 2.00 5.53
C20 8LA N . 30.74 1.77 6.42
C21 8LA N . 31.29 2.90 7.22
C22 8LA N . 30.75 4.17 7.03
C24 8LA N . 32.27 1.76 9.22
C25 8LA N . 32.04 2.57 10.50
C26 8LA N . 33.43 3.19 10.78
C27 8LA N . 34.39 2.20 10.12
C29 8LA N . 35.26 1.48 11.14
C7 8LA N . 25.17 7.81 9.63
C8 8LA N . 24.65 7.03 8.69
C9 8LA N . 24.67 7.79 10.85
N3 8LA N . 28.69 7.79 6.00
N4 8LA N . 29.12 5.57 5.87
O1 8LA N . 32.32 2.66 8.11
O2 8LA N . 30.25 6.88 7.29
O3 8LA N . 33.58 1.24 9.40
O4 8LA N . 30.99 3.54 10.36
O5 8LA N . 33.57 4.47 10.17
O6 8LA N . 34.41 0.85 12.10
CL 8LA N . 31.44 0.13 6.63
S SO4 O . 17.17 -9.43 11.63
O1 SO4 O . 16.98 -10.81 12.04
O2 SO4 O . 18.59 -9.17 11.43
O3 SO4 O . 16.44 -9.17 10.39
O4 SO4 O . 16.67 -8.55 12.69
K K P . 15.10 7.20 6.77
P IMP Q . 15.52 3.23 -16.95
O1P IMP Q . 16.98 3.13 -16.53
O2P IMP Q . 14.54 3.00 -15.84
O3P IMP Q . 15.21 4.58 -17.54
O5' IMP Q . 15.31 2.10 -18.05
C5' IMP Q . 15.98 2.10 -19.31
C4' IMP Q . 15.77 0.77 -20.02
O4' IMP Q . 14.39 0.68 -20.48
C3' IMP Q . 16.58 0.50 -21.27
O3' IMP Q . 17.90 0.06 -20.99
C2' IMP Q . 15.75 -0.55 -22.01
O2' IMP Q . 16.01 -1.85 -21.49
C1' IMP Q . 14.32 -0.17 -21.61
N9 IMP Q . 13.61 0.57 -22.68
C8 IMP Q . 14.07 1.54 -23.53
N7 IMP Q . 13.04 1.92 -24.31
C5 IMP Q . 11.92 1.25 -23.93
C6 IMP Q . 10.60 1.24 -24.36
O6 IMP Q . 10.12 2.24 -24.89
N1 IMP Q . 9.70 0.39 -23.78
C2 IMP Q . 10.10 -0.45 -22.77
N3 IMP Q . 11.41 -0.45 -22.31
C4 IMP Q . 12.29 0.38 -22.90
C1 8LA R . 9.08 -1.74 -29.19
C2 8LA R . 10.05 -1.02 -29.88
C3 8LA R . 11.28 -0.74 -29.29
C4 8LA R . 11.52 -1.19 -27.98
C5 8LA R . 10.54 -1.91 -27.28
C6 8LA R . 9.32 -2.18 -27.89
C10 8LA R . 7.51 -4.52 -29.62
C11 8LA R . 7.75 -2.03 -29.82
C12 8LA R . 7.91 -2.07 -31.35
C13 8LA R . 6.79 -0.89 -29.48
C17 8LA R . 6.91 -6.84 -29.09
C18 8LA R . 6.06 -7.63 -28.30
C19 8LA R . 6.08 -9.02 -28.35
C20 8LA R . 6.97 -9.68 -29.19
C21 8LA R . 7.89 -8.86 -30.03
C22 8LA R . 7.82 -7.47 -29.95
C24 8LA R . 9.76 -10.43 -30.48
C25 8LA R . 11.13 -9.75 -30.38
C26 8LA R . 11.56 -9.64 -31.83
C27 8LA R . 10.79 -10.74 -32.56
C29 8LA R . 11.68 -11.79 -33.22
C7 8LA R . 10.79 -2.40 -25.88
C8 8LA R . 9.77 -2.80 -25.14
C9 8LA R . 12.03 -2.49 -25.41
N3 8LA R . 7.17 -3.27 -29.29
N4 8LA R . 6.81 -5.48 -28.98
O1 8LA R . 8.79 -9.45 -30.89
O2 8LA R . 8.42 -4.74 -30.41
O3 8LA R . 9.95 -11.35 -31.56
O4 8LA R . 10.99 -8.48 -29.73
O5 8LA R . 11.13 -8.39 -32.37
O6 8LA R . 12.48 -12.45 -32.24
CL 8LA R . 6.99 -11.48 -29.29
C1 MPD S . 11.23 -17.41 -11.45
C2 MPD S . 10.27 -16.58 -12.28
O2 MPD S . 10.96 -15.33 -12.62
CM MPD S . 9.03 -16.23 -11.47
C3 MPD S . 9.93 -17.31 -13.58
C4 MPD S . 9.11 -18.61 -13.48
O4 MPD S . 8.39 -18.81 -14.69
C5 MPD S . 9.95 -19.87 -13.27
#